data_4ZE8
#
_entry.id   4ZE8
#
_cell.length_a   72.950
_cell.length_b   179.350
_cell.length_c   81.600
_cell.angle_alpha   90.00
_cell.angle_beta   93.51
_cell.angle_gamma   90.00
#
_symmetry.space_group_name_H-M   'P 1 21 1'
#
loop_
_entity.id
_entity.type
_entity.pdbx_description
1 polymer 'ABC transporter, substrate binding protein (Agrocinopines A and B)'
2 non-polymer 'SULFATE ION'
3 non-polymer 1,2-ETHANEDIOL
4 non-polymer DI(HYDROXYETHYL)ETHER
5 non-polymer GLYCEROL
6 water water
#
_entity_poly.entity_id   1
_entity_poly.type   'polypeptide(L)'
_entity_poly.pdbx_seq_one_letter_code
;MQERRALRLGVNGLPNSLEPVNAISNVGPRIVNQIFDTLIARDFFAKGAPGNAIDLVPALAESWERIDEKSVRFKLRQKV
MFHDGVELTADDVAYTFSSERLWGPEAIKKIPLGKSYSLDFDEPVVEDKYTVTLRTKTPSYLIETFVASWMSRIVPKEYY
KKLGAVDFGNKPVGTGPYKFVEFVAGDRVVLEANDAYWGPKPTASKITYQIVAEPATRVAGLISGEYDIITTLTPDDIQL
INSYPDLETRGTLIENFHMFTFNMNQEVFKDKKLRRALALAVNRPIMVEALWKKQASIPAGFNFPNYGETFDPKRKAMEY
NVEEAKRLVKESGYDGTPITYHTMGNYYANAMPALMMMIEMWKQIGVNVVMKTYAPGSFPPDNQTWMRNWSNGQWMTDAY
ATIVPEFGPNGQVQKRWGWKAPAEFNELCQKVTVLPNGKERFDAYNRMRDIFEEEAPAVILYQPYDVYAARKDVHWKPVS
FEMMEFRNNLSFGHHHHHH
;
_entity_poly.pdbx_strand_id   A,B,C,D
#
loop_
_chem_comp.id
_chem_comp.type
_chem_comp.name
_chem_comp.formula
EDO non-polymer 1,2-ETHANEDIOL 'C2 H6 O2'
GOL non-polymer GLYCEROL 'C3 H8 O3'
PEG non-polymer DI(HYDROXYETHYL)ETHER 'C4 H10 O3'
SO4 non-polymer 'SULFATE ION' 'O4 S -2'
#
# COMPACT_ATOMS: atom_id res chain seq x y z
N GLU A 3 -20.92 -2.77 -14.48
CA GLU A 3 -21.19 -1.91 -13.32
C GLU A 3 -20.40 -0.62 -13.42
N ARG A 4 -19.10 -0.68 -13.78
CA ARG A 4 -18.29 0.54 -13.92
C ARG A 4 -18.66 1.27 -15.19
N ARG A 5 -18.64 2.59 -15.15
CA ARG A 5 -18.95 3.38 -16.33
C ARG A 5 -17.83 3.21 -17.38
N ALA A 6 -18.20 3.35 -18.64
CA ALA A 6 -17.24 3.35 -19.73
C ALA A 6 -16.83 4.83 -19.92
N LEU A 7 -15.54 5.08 -19.98
CA LEU A 7 -15.02 6.43 -20.15
C LEU A 7 -14.93 6.76 -21.63
N ARG A 8 -15.48 7.92 -22.04
CA ARG A 8 -15.50 8.33 -23.44
C ARG A 8 -14.65 9.60 -23.57
N LEU A 9 -13.55 9.51 -24.31
CA LEU A 9 -12.65 10.66 -24.49
C LEU A 9 -12.71 11.19 -25.90
N GLY A 10 -12.91 12.50 -26.03
CA GLY A 10 -12.91 13.19 -27.32
C GLY A 10 -11.53 13.79 -27.48
N VAL A 11 -10.71 13.20 -28.37
CA VAL A 11 -9.30 13.61 -28.52
C VAL A 11 -8.96 14.33 -29.83
N ASN A 12 -7.82 15.00 -29.85
CA ASN A 12 -7.30 15.72 -31.02
C ASN A 12 -6.73 14.79 -32.10
N GLY A 13 -6.24 13.63 -31.69
CA GLY A 13 -5.63 12.67 -32.61
C GLY A 13 -5.16 11.41 -31.92
N LEU A 14 -4.55 10.49 -32.68
CA LEU A 14 -4.02 9.23 -32.19
C LEU A 14 -2.59 9.02 -32.71
N PRO A 15 -1.74 8.26 -31.97
CA PRO A 15 -0.40 7.95 -32.49
C PRO A 15 -0.52 6.95 -33.65
N ASN A 16 0.52 6.81 -34.47
CA ASN A 16 0.50 5.83 -35.57
C ASN A 16 0.80 4.43 -35.03
N SER A 17 1.30 4.33 -33.79
CA SER A 17 1.68 3.05 -33.17
C SER A 17 1.45 3.08 -31.67
N LEU A 18 1.11 1.92 -31.10
CA LEU A 18 0.94 1.79 -29.66
C LEU A 18 2.18 1.15 -28.99
N GLU A 19 3.27 0.99 -29.78
CA GLU A 19 4.58 0.53 -29.27
C GLU A 19 4.97 1.75 -28.42
N PRO A 20 5.29 1.59 -27.12
CA PRO A 20 5.38 2.75 -26.23
C PRO A 20 6.38 3.84 -26.54
N VAL A 21 7.53 3.49 -27.14
CA VAL A 21 8.50 4.52 -27.53
C VAL A 21 8.01 5.18 -28.84
N ASN A 22 7.54 4.38 -29.81
CA ASN A 22 7.04 4.94 -31.08
C ASN A 22 5.79 5.80 -30.90
N ALA A 23 5.07 5.61 -29.77
CA ALA A 23 3.87 6.38 -29.43
C ALA A 23 4.20 7.77 -28.89
N ILE A 24 5.47 8.04 -28.53
CA ILE A 24 5.90 9.33 -27.96
C ILE A 24 5.50 10.48 -28.89
N SER A 25 4.64 11.35 -28.36
CA SER A 25 3.99 12.45 -29.09
C SER A 25 3.06 13.14 -28.13
N ASN A 26 2.25 14.10 -28.62
CA ASN A 26 1.26 14.77 -27.79
C ASN A 26 0.04 13.83 -27.57
N VAL A 27 -0.20 12.92 -28.52
CA VAL A 27 -1.38 12.04 -28.54
C VAL A 27 -1.21 10.58 -28.00
N GLY A 28 0.01 10.06 -28.02
CA GLY A 28 0.29 8.68 -27.60
C GLY A 28 0.34 8.38 -26.12
N PRO A 29 1.11 9.17 -25.31
CA PRO A 29 1.25 8.89 -23.87
C PRO A 29 -0.05 8.73 -23.09
N ARG A 30 -1.11 9.52 -23.39
CA ARG A 30 -2.41 9.34 -22.73
C ARG A 30 -3.01 7.94 -22.90
N ILE A 31 -2.58 7.22 -23.96
CA ILE A 31 -3.01 5.84 -24.23
C ILE A 31 -2.00 4.86 -23.65
N VAL A 32 -0.70 4.97 -24.04
CA VAL A 32 0.31 3.99 -23.57
C VAL A 32 0.55 3.98 -22.06
N ASN A 33 0.24 5.09 -21.37
CA ASN A 33 0.34 5.17 -19.90
C ASN A 33 -0.67 4.19 -19.25
N GLN A 34 -1.75 3.86 -19.98
CA GLN A 34 -2.75 2.91 -19.47
C GLN A 34 -2.37 1.47 -19.70
N ILE A 35 -1.77 1.17 -20.86
CA ILE A 35 -1.43 -0.20 -21.26
C ILE A 35 -0.21 -0.72 -20.52
N PHE A 36 0.74 0.18 -20.24
CA PHE A 36 2.02 -0.24 -19.66
C PHE A 36 2.32 0.36 -18.31
N ASP A 37 3.40 -0.15 -17.70
CA ASP A 37 3.94 0.38 -16.46
C ASP A 37 5.45 0.61 -16.63
N THR A 38 6.06 1.34 -15.67
CA THR A 38 7.52 1.55 -15.65
C THR A 38 8.07 0.91 -14.38
N LEU A 39 9.41 0.81 -14.26
CA LEU A 39 10.05 0.27 -13.06
C LEU A 39 9.79 1.20 -11.87
N ILE A 40 9.93 2.50 -12.12
CA ILE A 40 9.74 3.57 -11.14
C ILE A 40 8.65 4.47 -11.73
N ALA A 41 7.72 4.94 -10.90
CA ALA A 41 6.67 5.81 -11.41
C ALA A 41 6.79 7.19 -10.79
N ARG A 42 6.42 8.21 -11.56
CA ARG A 42 6.39 9.58 -11.06
C ARG A 42 5.03 9.77 -10.42
N ASP A 43 5.01 10.20 -9.15
CA ASP A 43 3.73 10.45 -8.50
C ASP A 43 3.49 11.97 -8.56
N PHE A 44 2.78 12.40 -9.59
CA PHE A 44 2.49 13.82 -9.81
C PHE A 44 1.69 14.50 -8.69
N PHE A 45 0.95 13.71 -7.87
CA PHE A 45 0.11 14.24 -6.78
C PHE A 45 0.72 14.06 -5.38
N ALA A 46 2.01 13.66 -5.32
CA ALA A 46 2.71 13.43 -4.04
C ALA A 46 2.67 14.67 -3.14
N LYS A 47 2.45 14.45 -1.83
CA LYS A 47 2.44 15.50 -0.81
C LYS A 47 1.55 16.71 -1.13
N GLY A 48 0.37 16.41 -1.67
CA GLY A 48 -0.65 17.41 -2.01
C GLY A 48 -0.30 18.33 -3.16
N ALA A 49 0.66 17.92 -4.03
CA ALA A 49 1.05 18.75 -5.17
C ALA A 49 -0.09 18.85 -6.18
N PRO A 50 -0.24 20.01 -6.87
CA PRO A 50 -1.33 20.14 -7.84
C PRO A 50 -1.00 19.49 -9.21
N GLY A 51 -0.65 18.20 -9.17
CA GLY A 51 -0.37 17.44 -10.39
C GLY A 51 0.96 17.72 -11.05
N ASN A 52 1.92 18.32 -10.32
CA ASN A 52 3.23 18.65 -10.88
C ASN A 52 4.43 18.13 -10.04
N ALA A 53 4.18 17.27 -9.05
CA ALA A 53 5.27 16.74 -8.22
C ALA A 53 6.25 15.93 -9.05
N ILE A 54 7.53 15.92 -8.65
CA ILE A 54 8.55 15.16 -9.34
C ILE A 54 8.98 13.91 -8.54
N ASP A 55 8.29 13.63 -7.44
CA ASP A 55 8.56 12.50 -6.56
C ASP A 55 8.45 11.18 -7.32
N LEU A 56 9.46 10.33 -7.13
CA LEU A 56 9.52 9.03 -7.79
C LEU A 56 9.23 7.95 -6.78
N VAL A 57 8.38 6.99 -7.15
CA VAL A 57 7.97 5.92 -6.25
C VAL A 57 8.13 4.54 -6.87
N PRO A 58 8.21 3.45 -6.08
CA PRO A 58 8.24 2.11 -6.70
C PRO A 58 6.99 1.81 -7.55
N ALA A 59 7.18 1.03 -8.61
CA ALA A 59 6.11 0.59 -9.49
C ALA A 59 6.42 -0.89 -9.86
N LEU A 60 6.91 -1.18 -11.08
CA LEU A 60 7.27 -2.60 -11.36
C LEU A 60 8.48 -3.07 -10.56
N ALA A 61 9.37 -2.11 -10.17
CA ALA A 61 10.48 -2.41 -9.29
C ALA A 61 10.00 -2.08 -7.88
N GLU A 62 10.04 -3.07 -6.98
CA GLU A 62 9.66 -2.86 -5.58
C GLU A 62 10.74 -2.04 -4.89
N SER A 63 11.98 -2.24 -5.31
CA SER A 63 13.15 -1.54 -4.75
C SER A 63 14.27 -1.51 -5.79
N TRP A 64 15.27 -0.68 -5.53
CA TRP A 64 16.44 -0.60 -6.40
C TRP A 64 17.61 -0.08 -5.63
N GLU A 65 18.81 -0.43 -6.09
CA GLU A 65 20.03 -0.04 -5.40
C GLU A 65 21.08 0.27 -6.48
N ARG A 66 21.63 1.48 -6.42
CA ARG A 66 22.70 1.91 -7.32
C ARG A 66 23.96 1.13 -6.89
N ILE A 67 24.61 0.46 -7.86
CA ILE A 67 25.81 -0.36 -7.61
C ILE A 67 27.07 0.49 -7.71
N ASP A 68 27.12 1.38 -8.73
CA ASP A 68 28.28 2.25 -8.96
C ASP A 68 27.85 3.42 -9.84
N GLU A 69 28.80 4.07 -10.50
CA GLU A 69 28.50 5.24 -11.34
C GLU A 69 27.79 4.92 -12.65
N LYS A 70 27.71 3.64 -13.03
CA LYS A 70 27.09 3.24 -14.30
C LYS A 70 26.07 2.10 -14.19
N SER A 71 25.57 1.77 -12.99
CA SER A 71 24.66 0.60 -12.90
C SER A 71 23.75 0.63 -11.71
N VAL A 72 22.50 0.17 -11.90
CA VAL A 72 21.48 0.13 -10.85
C VAL A 72 20.82 -1.24 -10.90
N ARG A 73 20.74 -1.93 -9.76
CA ARG A 73 20.14 -3.25 -9.62
C ARG A 73 18.70 -3.07 -9.16
N PHE A 74 17.75 -3.62 -9.94
CA PHE A 74 16.32 -3.53 -9.63
C PHE A 74 15.78 -4.86 -9.14
N LYS A 75 14.98 -4.80 -8.08
CA LYS A 75 14.27 -5.96 -7.51
C LYS A 75 12.81 -5.80 -7.91
N LEU A 76 12.33 -6.73 -8.74
CA LEU A 76 11.00 -6.62 -9.32
C LEU A 76 9.88 -7.12 -8.46
N ARG A 77 8.71 -6.51 -8.64
CA ARG A 77 7.47 -6.94 -8.00
C ARG A 77 7.18 -8.35 -8.54
N GLN A 78 6.73 -9.26 -7.67
CA GLN A 78 6.48 -10.64 -8.09
C GLN A 78 5.01 -10.86 -8.40
N LYS A 79 4.72 -11.85 -9.26
CA LYS A 79 3.37 -12.27 -9.69
C LYS A 79 2.62 -11.20 -10.48
N VAL A 80 3.36 -10.29 -11.14
CA VAL A 80 2.79 -9.25 -11.99
C VAL A 80 2.44 -9.94 -13.29
N MET A 81 1.25 -9.68 -13.78
CA MET A 81 0.80 -10.30 -15.01
C MET A 81 0.74 -9.38 -16.21
N PHE A 82 1.30 -9.83 -17.34
CA PHE A 82 1.05 -9.13 -18.60
C PHE A 82 -0.42 -9.50 -18.97
N HIS A 83 -1.05 -8.73 -19.83
CA HIS A 83 -2.47 -8.92 -20.22
C HIS A 83 -2.81 -10.29 -20.78
N ASP A 84 -1.81 -10.99 -21.34
CA ASP A 84 -1.98 -12.32 -21.90
C ASP A 84 -1.68 -13.46 -20.90
N GLY A 85 -1.54 -13.11 -19.61
CA GLY A 85 -1.33 -14.09 -18.56
C GLY A 85 0.10 -14.61 -18.39
N VAL A 86 1.06 -13.91 -18.96
CA VAL A 86 2.49 -14.23 -18.86
C VAL A 86 3.00 -13.41 -17.67
N GLU A 87 3.65 -14.08 -16.70
CA GLU A 87 4.19 -13.37 -15.54
C GLU A 87 5.43 -12.54 -15.93
N LEU A 88 5.49 -11.32 -15.41
CA LEU A 88 6.60 -10.39 -15.65
C LEU A 88 7.85 -10.92 -14.93
N THR A 89 9.00 -10.94 -15.65
CA THR A 89 10.28 -11.37 -15.06
C THR A 89 11.39 -10.44 -15.51
N ALA A 90 12.61 -10.64 -14.94
CA ALA A 90 13.80 -9.87 -15.32
C ALA A 90 14.09 -9.90 -16.83
N ASP A 91 13.76 -11.01 -17.52
CA ASP A 91 13.97 -11.13 -18.98
C ASP A 91 13.19 -10.08 -19.78
N ASP A 92 11.98 -9.75 -19.33
CA ASP A 92 11.16 -8.73 -20.01
C ASP A 92 11.80 -7.35 -19.84
N VAL A 93 12.28 -7.05 -18.60
CA VAL A 93 12.92 -5.75 -18.32
C VAL A 93 14.26 -5.66 -19.10
N ALA A 94 15.07 -6.77 -19.10
CA ALA A 94 16.33 -6.84 -19.85
C ALA A 94 16.07 -6.60 -21.34
N TYR A 95 15.03 -7.24 -21.91
CA TYR A 95 14.66 -7.02 -23.33
C TYR A 95 14.24 -5.57 -23.62
N THR A 96 13.45 -4.97 -22.72
CA THR A 96 12.98 -3.57 -22.87
C THR A 96 14.18 -2.62 -23.07
N PHE A 97 15.28 -2.83 -22.33
CA PHE A 97 16.45 -1.92 -22.41
C PHE A 97 17.62 -2.52 -23.17
N SER A 98 17.32 -3.46 -24.07
CA SER A 98 18.38 -4.15 -24.81
C SER A 98 18.84 -3.40 -26.07
N SER A 99 20.04 -3.77 -26.57
CA SER A 99 20.60 -3.26 -27.81
C SER A 99 19.64 -3.69 -28.96
N GLU A 100 19.19 -4.96 -28.95
CA GLU A 100 18.32 -5.56 -29.95
C GLU A 100 17.01 -4.79 -30.15
N ARG A 101 16.34 -4.41 -29.05
CA ARG A 101 15.05 -3.77 -29.09
C ARG A 101 15.08 -2.26 -29.13
N LEU A 102 15.96 -1.65 -28.33
CA LEU A 102 15.91 -0.21 -28.12
C LEU A 102 16.98 0.67 -28.74
N TRP A 103 18.24 0.51 -28.31
CA TRP A 103 19.32 1.45 -28.63
C TRP A 103 20.41 1.01 -29.62
N GLY A 104 20.44 -0.26 -29.98
CA GLY A 104 21.45 -0.78 -30.89
C GLY A 104 21.22 -0.41 -32.35
N PRO A 105 22.26 -0.59 -33.21
CA PRO A 105 22.11 -0.23 -34.64
C PRO A 105 20.99 -0.94 -35.39
N GLU A 106 20.59 -2.17 -35.01
CA GLU A 106 19.46 -2.87 -35.67
C GLU A 106 18.10 -2.28 -35.28
N ALA A 107 17.96 -1.93 -33.99
CA ALA A 107 16.76 -1.35 -33.38
C ALA A 107 16.36 -0.01 -34.02
N ILE A 108 17.31 0.74 -34.63
CA ILE A 108 17.10 2.06 -35.26
C ILE A 108 15.99 2.16 -36.31
N LYS A 109 15.79 1.13 -37.13
CA LYS A 109 14.72 1.13 -38.14
C LYS A 109 13.38 0.83 -37.48
N LYS A 110 13.38 0.05 -36.38
CA LYS A 110 12.15 -0.32 -35.67
C LYS A 110 11.70 0.80 -34.72
N ILE A 111 12.66 1.42 -34.00
CA ILE A 111 12.39 2.52 -33.06
C ILE A 111 13.30 3.70 -33.44
N PRO A 112 12.86 4.59 -34.35
CA PRO A 112 13.72 5.69 -34.79
C PRO A 112 14.36 6.57 -33.72
N LEU A 113 13.71 6.76 -32.56
CA LEU A 113 14.28 7.59 -31.50
C LEU A 113 14.86 6.77 -30.32
N GLY A 114 14.98 5.47 -30.53
CA GLY A 114 15.47 4.53 -29.51
C GLY A 114 16.86 4.87 -29.01
N LYS A 115 17.79 5.17 -29.91
CA LYS A 115 19.15 5.53 -29.51
C LYS A 115 19.21 7.01 -29.09
N SER A 116 18.61 7.88 -29.92
CA SER A 116 18.57 9.33 -29.71
C SER A 116 18.06 9.76 -28.31
N TYR A 117 16.97 9.14 -27.84
CA TYR A 117 16.37 9.51 -26.56
C TYR A 117 16.81 8.58 -25.42
N SER A 118 17.70 7.62 -25.68
CA SER A 118 18.11 6.75 -24.59
C SER A 118 19.42 7.23 -23.99
N LEU A 119 19.73 6.70 -22.80
CA LEU A 119 21.05 6.94 -22.19
C LEU A 119 22.07 6.10 -22.97
N ASP A 120 23.36 6.27 -22.66
CA ASP A 120 24.42 5.47 -23.27
C ASP A 120 24.41 4.06 -22.67
N PHE A 121 23.32 3.31 -22.92
CA PHE A 121 23.17 2.00 -22.30
C PHE A 121 24.18 0.97 -22.74
N ASP A 122 24.44 0.02 -21.83
CA ASP A 122 25.16 -1.19 -22.09
C ASP A 122 24.04 -2.25 -21.93
N GLU A 123 24.32 -3.48 -22.34
CA GLU A 123 23.32 -4.53 -22.26
C GLU A 123 22.92 -4.80 -20.79
N PRO A 124 21.60 -4.90 -20.48
CA PRO A 124 21.22 -5.21 -19.10
C PRO A 124 21.71 -6.60 -18.66
N VAL A 125 21.80 -6.81 -17.36
CA VAL A 125 22.24 -8.08 -16.79
C VAL A 125 21.10 -8.69 -15.99
N VAL A 126 20.67 -9.90 -16.35
CA VAL A 126 19.64 -10.61 -15.59
C VAL A 126 20.37 -11.37 -14.46
N GLU A 127 20.10 -11.02 -13.18
CA GLU A 127 20.73 -11.72 -12.03
C GLU A 127 19.96 -13.00 -11.70
N ASP A 128 18.62 -12.90 -11.62
CA ASP A 128 17.69 -14.01 -11.35
C ASP A 128 16.31 -13.63 -11.88
N LYS A 129 15.29 -14.48 -11.65
CA LYS A 129 13.92 -14.27 -12.11
C LYS A 129 13.37 -12.85 -11.82
N TYR A 130 13.65 -12.30 -10.64
CA TYR A 130 13.14 -10.98 -10.26
C TYR A 130 14.20 -9.91 -10.00
N THR A 131 15.40 -10.09 -10.55
CA THR A 131 16.50 -9.15 -10.34
C THR A 131 17.19 -8.84 -11.66
N VAL A 132 17.29 -7.54 -11.98
CA VAL A 132 17.90 -7.10 -13.22
C VAL A 132 18.73 -5.84 -12.99
N THR A 133 19.91 -5.78 -13.59
CA THR A 133 20.79 -4.61 -13.49
C THR A 133 20.81 -3.86 -14.81
N LEU A 134 20.50 -2.55 -14.76
CA LEU A 134 20.59 -1.71 -15.93
C LEU A 134 21.93 -1.02 -15.83
N ARG A 135 22.62 -0.92 -16.96
CA ARG A 135 23.97 -0.35 -17.02
C ARG A 135 24.12 0.62 -18.17
N THR A 136 25.08 1.54 -18.02
CA THR A 136 25.48 2.47 -19.07
C THR A 136 27.00 2.20 -19.35
N LYS A 137 27.45 2.47 -20.58
CA LYS A 137 28.84 2.23 -21.02
C LYS A 137 29.80 3.27 -20.45
N THR A 138 29.26 4.44 -20.17
CA THR A 138 29.97 5.58 -19.56
C THR A 138 29.21 5.89 -18.29
N PRO A 139 29.75 6.71 -17.35
CA PRO A 139 28.98 7.01 -16.15
C PRO A 139 27.64 7.69 -16.44
N SER A 140 26.60 7.30 -15.66
CA SER A 140 25.32 7.97 -15.77
C SER A 140 24.65 7.97 -14.42
N TYR A 141 24.33 9.17 -13.90
CA TYR A 141 23.60 9.26 -12.64
C TYR A 141 22.11 9.48 -12.94
N LEU A 142 21.74 9.23 -14.19
CA LEU A 142 20.38 9.42 -14.73
C LEU A 142 19.55 8.16 -14.89
N ILE A 143 20.10 6.99 -14.59
CA ILE A 143 19.37 5.72 -14.76
C ILE A 143 18.01 5.71 -14.05
N GLU A 144 17.99 6.06 -12.76
CA GLU A 144 16.76 6.04 -11.94
C GLU A 144 15.73 7.01 -12.52
N THR A 145 16.18 8.24 -12.84
CA THR A 145 15.31 9.24 -13.45
C THR A 145 14.74 8.80 -14.81
N PHE A 146 15.59 8.16 -15.63
CA PHE A 146 15.18 7.68 -16.96
C PHE A 146 14.13 6.56 -16.89
N VAL A 147 14.27 5.64 -15.90
CA VAL A 147 13.32 4.52 -15.81
C VAL A 147 11.94 4.93 -15.29
N ALA A 148 11.79 6.24 -14.97
CA ALA A 148 10.50 6.79 -14.57
C ALA A 148 9.91 7.62 -15.74
N SER A 149 10.57 7.60 -16.90
CA SER A 149 10.18 8.43 -18.06
C SER A 149 9.39 7.65 -19.13
N TRP A 150 8.86 8.38 -20.14
CA TRP A 150 8.09 7.80 -21.25
C TRP A 150 8.90 6.92 -22.18
N MET A 151 10.23 6.86 -21.99
CA MET A 151 11.07 5.99 -22.81
C MET A 151 11.12 4.58 -22.19
N SER A 152 10.65 4.45 -20.97
CA SER A 152 10.91 3.26 -20.16
C SER A 152 9.77 2.28 -19.84
N ARG A 153 8.64 2.36 -20.57
CA ARG A 153 7.53 1.42 -20.37
C ARG A 153 8.00 0.00 -20.71
N ILE A 154 7.68 -0.95 -19.83
CA ILE A 154 8.13 -2.33 -19.92
C ILE A 154 7.27 -3.17 -20.87
N VAL A 155 7.94 -3.75 -21.88
CA VAL A 155 7.30 -4.61 -22.90
C VAL A 155 7.61 -6.09 -22.59
N PRO A 156 6.72 -7.02 -23.00
CA PRO A 156 6.99 -8.45 -22.78
C PRO A 156 7.95 -9.00 -23.83
N LYS A 157 9.06 -9.64 -23.41
CA LYS A 157 10.06 -10.18 -24.33
C LYS A 157 9.50 -11.12 -25.41
N GLU A 158 8.91 -12.24 -25.01
CA GLU A 158 8.47 -13.26 -25.95
C GLU A 158 7.44 -12.80 -26.95
N TYR A 159 6.40 -12.13 -26.48
CA TYR A 159 5.32 -11.61 -27.31
C TYR A 159 5.84 -10.53 -28.29
N TYR A 160 6.62 -9.57 -27.78
CA TYR A 160 7.17 -8.50 -28.62
C TYR A 160 8.09 -9.11 -29.71
N LYS A 161 8.96 -10.06 -29.35
CA LYS A 161 9.86 -10.72 -30.31
C LYS A 161 9.08 -11.46 -31.40
N LYS A 162 8.01 -12.16 -31.02
CA LYS A 162 7.15 -12.95 -31.91
C LYS A 162 6.48 -12.05 -32.96
N LEU A 163 5.93 -10.90 -32.52
CA LEU A 163 5.22 -9.97 -33.40
C LEU A 163 6.14 -9.02 -34.15
N GLY A 164 7.19 -8.55 -33.48
CA GLY A 164 8.06 -7.51 -34.01
C GLY A 164 7.48 -6.16 -33.63
N ALA A 165 8.29 -5.09 -33.65
CA ALA A 165 7.88 -3.73 -33.27
C ALA A 165 6.61 -3.19 -33.97
N VAL A 166 6.49 -3.40 -35.29
CA VAL A 166 5.34 -2.93 -36.09
C VAL A 166 4.04 -3.60 -35.64
N ASP A 167 3.96 -4.94 -35.71
CA ASP A 167 2.78 -5.68 -35.30
C ASP A 167 2.45 -5.50 -33.82
N PHE A 168 3.49 -5.40 -32.96
CA PHE A 168 3.28 -5.14 -31.53
C PHE A 168 2.57 -3.80 -31.35
N GLY A 169 2.96 -2.79 -32.14
CA GLY A 169 2.34 -1.48 -32.12
C GLY A 169 0.86 -1.49 -32.44
N ASN A 170 0.39 -2.52 -33.16
CA ASN A 170 -1.03 -2.69 -33.53
C ASN A 170 -1.81 -3.60 -32.56
N LYS A 171 -1.11 -4.40 -31.75
CA LYS A 171 -1.76 -5.30 -30.78
C LYS A 171 -0.86 -5.33 -29.53
N PRO A 172 -0.75 -4.20 -28.79
CA PRO A 172 0.16 -4.17 -27.64
C PRO A 172 -0.31 -4.97 -26.45
N VAL A 173 0.66 -5.50 -25.69
CA VAL A 173 0.42 -6.22 -24.45
C VAL A 173 1.37 -5.58 -23.41
N GLY A 174 0.81 -5.23 -22.28
CA GLY A 174 1.56 -4.66 -21.17
C GLY A 174 1.07 -5.17 -19.84
N THR A 175 1.49 -4.50 -18.75
CA THR A 175 1.08 -4.88 -17.40
C THR A 175 0.11 -3.86 -16.79
N GLY A 176 -0.18 -2.81 -17.56
CA GLY A 176 -0.96 -1.66 -17.14
C GLY A 176 -2.41 -1.90 -16.73
N PRO A 177 -3.01 -0.86 -16.10
CA PRO A 177 -4.39 -1.00 -15.61
C PRO A 177 -5.47 -1.20 -16.68
N TYR A 178 -5.17 -0.92 -17.96
CA TYR A 178 -6.11 -1.12 -19.08
C TYR A 178 -5.46 -1.91 -20.17
N LYS A 179 -6.20 -2.87 -20.72
CA LYS A 179 -5.67 -3.71 -21.78
C LYS A 179 -6.27 -3.35 -23.11
N PHE A 180 -5.53 -3.65 -24.18
CA PHE A 180 -5.91 -3.35 -25.56
C PHE A 180 -7.14 -4.10 -26.06
N VAL A 181 -8.04 -3.36 -26.75
CA VAL A 181 -9.22 -3.97 -27.39
C VAL A 181 -9.16 -3.76 -28.90
N GLU A 182 -9.06 -2.49 -29.34
CA GLU A 182 -9.14 -2.16 -30.76
C GLU A 182 -8.38 -0.88 -31.11
N PHE A 183 -7.85 -0.85 -32.35
CA PHE A 183 -7.18 0.32 -32.89
C PHE A 183 -7.63 0.52 -34.32
N VAL A 184 -8.47 1.53 -34.56
CA VAL A 184 -8.92 1.87 -35.90
C VAL A 184 -8.10 3.09 -36.27
N ALA A 185 -7.07 2.90 -37.11
CA ALA A 185 -6.14 3.97 -37.53
C ALA A 185 -6.87 5.23 -37.97
N GLY A 186 -6.46 6.37 -37.40
CA GLY A 186 -7.04 7.67 -37.68
C GLY A 186 -8.50 7.83 -37.25
N ASP A 187 -8.98 6.97 -36.33
CA ASP A 187 -10.35 7.04 -35.82
C ASP A 187 -10.48 6.86 -34.31
N ARG A 188 -10.27 5.65 -33.78
CA ARG A 188 -10.42 5.38 -32.36
C ARG A 188 -9.48 4.31 -31.82
N VAL A 189 -9.24 4.37 -30.50
CA VAL A 189 -8.55 3.34 -29.74
C VAL A 189 -9.52 2.96 -28.62
N VAL A 190 -9.70 1.66 -28.42
CA VAL A 190 -10.54 1.16 -27.33
C VAL A 190 -9.69 0.29 -26.41
N LEU A 191 -9.78 0.53 -25.08
CA LEU A 191 -9.13 -0.28 -24.03
C LEU A 191 -10.22 -0.76 -23.06
N GLU A 192 -9.91 -1.81 -22.28
CA GLU A 192 -10.82 -2.35 -21.27
C GLU A 192 -10.07 -2.55 -19.98
N ALA A 193 -10.79 -2.55 -18.87
CA ALA A 193 -10.19 -2.70 -17.55
C ALA A 193 -9.41 -4.02 -17.45
N ASN A 194 -8.18 -3.94 -16.92
CA ASN A 194 -7.35 -5.09 -16.62
C ASN A 194 -7.61 -5.36 -15.14
N ASP A 195 -8.51 -6.29 -14.83
CA ASP A 195 -8.82 -6.61 -13.43
C ASP A 195 -7.79 -7.51 -12.71
N ALA A 196 -6.72 -7.88 -13.41
CA ALA A 196 -5.58 -8.61 -12.84
C ALA A 196 -4.50 -7.58 -12.45
N TYR A 197 -4.76 -6.28 -12.63
CA TYR A 197 -3.74 -5.24 -12.33
C TYR A 197 -3.18 -5.31 -10.91
N TRP A 198 -1.84 -5.24 -10.79
N TRP A 198 -1.87 -5.12 -10.78
CA TRP A 198 -1.09 -5.36 -9.53
CA TRP A 198 -1.17 -5.02 -9.48
C TRP A 198 -1.27 -4.12 -8.60
C TRP A 198 -1.39 -3.53 -9.14
N GLY A 199 -1.63 -2.95 -9.18
N GLY A 199 -1.55 -3.16 -7.89
CA GLY A 199 -1.82 -1.72 -8.43
CA GLY A 199 -1.78 -1.74 -7.61
C GLY A 199 -3.27 -1.34 -8.20
C GLY A 199 -3.25 -1.35 -7.69
N PRO A 200 -3.60 -0.05 -7.92
CA PRO A 200 -5.03 0.35 -7.80
C PRO A 200 -5.91 -0.14 -8.94
N LYS A 201 -7.03 -0.77 -8.60
CA LYS A 201 -7.95 -1.37 -9.57
C LYS A 201 -8.53 -0.33 -10.53
N PRO A 202 -8.55 -0.62 -11.86
CA PRO A 202 -9.15 0.33 -12.82
C PRO A 202 -10.60 0.63 -12.47
N THR A 203 -10.98 1.92 -12.56
CA THR A 203 -12.33 2.37 -12.19
C THR A 203 -13.30 2.49 -13.38
N ALA A 204 -12.79 2.48 -14.63
CA ALA A 204 -13.66 2.49 -15.80
C ALA A 204 -13.71 1.08 -16.38
N SER A 205 -14.85 0.68 -16.93
CA SER A 205 -14.97 -0.65 -17.51
C SER A 205 -14.22 -0.72 -18.86
N LYS A 206 -14.23 0.41 -19.59
CA LYS A 206 -13.64 0.60 -20.91
C LYS A 206 -13.23 2.08 -21.05
N ILE A 207 -12.29 2.35 -21.96
CA ILE A 207 -11.88 3.71 -22.31
C ILE A 207 -11.79 3.76 -23.81
N THR A 208 -12.47 4.72 -24.42
CA THR A 208 -12.46 4.95 -25.84
C THR A 208 -11.81 6.32 -26.09
N TYR A 209 -10.79 6.33 -26.94
CA TYR A 209 -10.12 7.54 -27.39
C TYR A 209 -10.67 7.77 -28.80
N GLN A 210 -11.63 8.70 -28.95
CA GLN A 210 -12.24 9.00 -30.23
C GLN A 210 -11.71 10.29 -30.80
N ILE A 211 -11.17 10.25 -32.03
CA ILE A 211 -10.67 11.47 -32.67
C ILE A 211 -11.85 12.34 -33.07
N VAL A 212 -11.79 13.61 -32.68
CA VAL A 212 -12.69 14.69 -33.06
C VAL A 212 -11.72 15.83 -33.43
N ALA A 213 -11.36 15.92 -34.71
CA ALA A 213 -10.28 16.80 -35.17
C ALA A 213 -10.34 18.29 -34.83
N GLU A 214 -11.53 18.90 -34.97
CA GLU A 214 -11.68 20.33 -34.73
C GLU A 214 -12.10 20.65 -33.31
N PRO A 215 -11.44 21.63 -32.63
CA PRO A 215 -11.82 21.93 -31.23
C PRO A 215 -13.28 22.34 -31.00
N ALA A 216 -13.87 23.09 -31.95
CA ALA A 216 -15.29 23.47 -31.82
C ALA A 216 -16.20 22.26 -31.85
N THR A 217 -15.85 21.22 -32.65
CA THR A 217 -16.62 19.99 -32.78
C THR A 217 -16.45 19.12 -31.51
N ARG A 218 -15.25 19.16 -30.92
CA ARG A 218 -14.91 18.45 -29.67
C ARG A 218 -15.76 19.06 -28.55
N VAL A 219 -15.79 20.40 -28.45
CA VAL A 219 -16.58 21.16 -27.46
C VAL A 219 -18.08 20.83 -27.61
N ALA A 220 -18.60 20.83 -28.86
CA ALA A 220 -20.00 20.48 -29.15
C ALA A 220 -20.30 19.03 -28.72
N GLY A 221 -19.32 18.13 -28.85
CA GLY A 221 -19.46 16.74 -28.43
C GLY A 221 -19.63 16.62 -26.94
N LEU A 222 -18.86 17.41 -26.14
CA LEU A 222 -19.02 17.42 -24.69
C LEU A 222 -20.40 17.97 -24.30
N ILE A 223 -20.83 19.08 -24.93
CA ILE A 223 -22.14 19.69 -24.64
C ILE A 223 -23.29 18.74 -25.06
N SER A 224 -23.08 17.95 -26.14
CA SER A 224 -24.08 16.99 -26.65
C SER A 224 -24.17 15.72 -25.79
N GLY A 225 -23.28 15.58 -24.81
CA GLY A 225 -23.26 14.42 -23.92
C GLY A 225 -22.58 13.21 -24.51
N GLU A 226 -21.79 13.40 -25.59
CA GLU A 226 -21.11 12.30 -26.30
C GLU A 226 -19.76 11.90 -25.64
N TYR A 227 -19.12 12.82 -24.89
CA TYR A 227 -17.85 12.59 -24.22
C TYR A 227 -17.90 12.94 -22.74
N ASP A 228 -17.09 12.26 -21.95
CA ASP A 228 -16.93 12.54 -20.52
C ASP A 228 -15.82 13.57 -20.34
N ILE A 229 -14.74 13.47 -21.16
CA ILE A 229 -13.57 14.38 -21.11
C ILE A 229 -13.13 14.64 -22.53
N ILE A 230 -12.79 15.90 -22.82
CA ILE A 230 -12.25 16.31 -24.11
C ILE A 230 -10.90 16.96 -23.89
N THR A 231 -9.99 16.76 -24.84
CA THR A 231 -8.62 17.27 -24.73
C THR A 231 -8.37 18.42 -25.71
N THR A 232 -7.16 19.02 -25.59
CA THR A 232 -6.61 19.97 -26.55
C THR A 232 -7.47 21.23 -26.78
N LEU A 233 -7.84 21.88 -25.68
CA LEU A 233 -8.54 23.15 -25.74
C LEU A 233 -7.56 24.23 -25.33
N THR A 234 -7.98 25.50 -25.32
CA THR A 234 -7.07 26.57 -24.92
C THR A 234 -7.81 27.48 -23.92
N PRO A 235 -7.10 28.45 -23.28
CA PRO A 235 -7.79 29.37 -22.35
C PRO A 235 -9.01 30.10 -22.94
N ASP A 236 -9.10 30.24 -24.29
CA ASP A 236 -10.19 30.92 -25.02
C ASP A 236 -11.49 30.15 -24.92
N ASP A 237 -11.39 28.85 -24.57
CA ASP A 237 -12.56 27.97 -24.47
C ASP A 237 -13.18 27.99 -23.08
N ILE A 238 -12.44 28.50 -22.07
CA ILE A 238 -12.87 28.49 -20.68
C ILE A 238 -14.26 29.12 -20.45
N GLN A 239 -14.47 30.33 -20.97
CA GLN A 239 -15.73 31.05 -20.79
C GLN A 239 -16.95 30.27 -21.23
N LEU A 240 -16.91 29.70 -22.45
CA LEU A 240 -18.04 28.94 -22.97
C LEU A 240 -18.30 27.67 -22.13
N ILE A 241 -17.27 26.86 -21.89
CA ILE A 241 -17.47 25.61 -21.18
C ILE A 241 -18.03 25.79 -19.78
N ASN A 242 -17.39 26.69 -19.01
CA ASN A 242 -17.77 26.92 -17.61
C ASN A 242 -19.11 27.57 -17.41
N SER A 243 -19.77 27.98 -18.52
CA SER A 243 -21.10 28.57 -18.44
CA SER A 243 -21.11 28.56 -18.46
C SER A 243 -22.13 27.44 -18.20
N TYR A 244 -21.76 26.18 -18.53
CA TYR A 244 -22.62 25.01 -18.35
C TYR A 244 -22.56 24.50 -16.91
N PRO A 245 -23.72 24.40 -16.21
CA PRO A 245 -23.68 23.95 -14.80
C PRO A 245 -23.04 22.58 -14.58
N ASP A 246 -23.12 21.67 -15.57
CA ASP A 246 -22.61 20.30 -15.44
C ASP A 246 -21.22 20.04 -16.04
N LEU A 247 -20.57 21.08 -16.60
CA LEU A 247 -19.28 20.96 -17.24
C LEU A 247 -18.29 21.94 -16.65
N GLU A 248 -17.01 21.67 -16.84
CA GLU A 248 -15.99 22.60 -16.38
C GLU A 248 -14.69 22.34 -17.13
N THR A 249 -13.78 23.34 -17.14
CA THR A 249 -12.47 23.12 -17.71
C THR A 249 -11.55 22.74 -16.56
N ARG A 250 -10.47 22.04 -16.91
CA ARG A 250 -9.41 21.64 -15.98
C ARG A 250 -8.12 21.89 -16.75
N GLY A 251 -7.31 22.83 -16.25
CA GLY A 251 -6.08 23.20 -16.94
C GLY A 251 -4.82 23.08 -16.12
N THR A 252 -3.69 23.14 -16.81
CA THR A 252 -2.39 23.09 -16.17
C THR A 252 -1.29 23.53 -17.10
N LEU A 253 -0.24 24.08 -16.54
CA LEU A 253 0.96 24.25 -17.35
C LEU A 253 1.47 22.83 -17.61
N ILE A 254 2.09 22.61 -18.77
CA ILE A 254 2.71 21.30 -19.06
C ILE A 254 4.24 21.45 -19.22
N GLU A 255 4.94 20.35 -19.01
CA GLU A 255 6.40 20.32 -19.10
C GLU A 255 6.77 20.20 -20.55
N ASN A 256 6.72 21.36 -21.21
CA ASN A 256 6.91 21.47 -22.65
C ASN A 256 7.17 22.94 -22.91
N PHE A 257 7.84 23.26 -24.01
CA PHE A 257 7.91 24.66 -24.42
C PHE A 257 7.66 24.81 -25.89
N HIS A 258 6.98 25.89 -26.26
CA HIS A 258 6.78 26.23 -27.67
C HIS A 258 7.99 27.11 -28.06
N MET A 259 8.43 26.97 -29.31
CA MET A 259 9.57 27.76 -29.78
C MET A 259 9.46 27.97 -31.29
N PHE A 260 10.37 28.76 -31.84
CA PHE A 260 10.62 28.82 -33.26
C PHE A 260 12.12 28.55 -33.44
N THR A 261 12.49 28.06 -34.60
CA THR A 261 13.86 27.67 -34.87
C THR A 261 14.17 27.93 -36.34
N PHE A 262 15.38 27.61 -36.74
CA PHE A 262 15.93 27.98 -38.04
C PHE A 262 16.59 26.85 -38.77
N ASN A 263 16.59 26.93 -40.11
CA ASN A 263 17.38 26.02 -40.92
C ASN A 263 18.70 26.77 -41.10
N MET A 264 19.67 26.41 -40.28
CA MET A 264 21.00 27.05 -40.27
C MET A 264 21.91 26.61 -41.43
N ASN A 265 21.38 25.74 -42.32
CA ASN A 265 22.07 25.39 -43.59
C ASN A 265 21.79 26.51 -44.61
N GLN A 266 20.75 27.34 -44.38
CA GLN A 266 20.42 28.44 -45.27
C GLN A 266 21.40 29.60 -45.02
N GLU A 267 21.84 30.26 -46.09
CA GLU A 267 22.82 31.37 -46.04
C GLU A 267 22.52 32.43 -44.95
N VAL A 268 21.27 32.94 -44.94
CA VAL A 268 20.80 33.98 -44.02
C VAL A 268 20.87 33.59 -42.53
N PHE A 269 20.85 32.27 -42.20
CA PHE A 269 20.88 31.80 -40.82
C PHE A 269 22.16 31.06 -40.41
N LYS A 270 23.20 31.06 -41.25
CA LYS A 270 24.47 30.37 -40.91
C LYS A 270 25.15 31.01 -39.69
N ASP A 271 25.14 32.34 -39.66
CA ASP A 271 25.72 33.10 -38.55
C ASP A 271 24.61 33.47 -37.55
N LYS A 272 24.98 33.80 -36.31
CA LYS A 272 24.00 34.09 -35.26
C LYS A 272 23.32 35.47 -35.34
N LYS A 273 23.85 36.42 -36.15
CA LYS A 273 23.35 37.80 -36.18
C LYS A 273 21.85 37.98 -36.39
N LEU A 274 21.31 37.45 -37.50
CA LEU A 274 19.87 37.62 -37.74
C LEU A 274 19.05 36.76 -36.80
N ARG A 275 19.58 35.60 -36.38
CA ARG A 275 18.87 34.74 -35.45
C ARG A 275 18.66 35.53 -34.13
N ARG A 276 19.73 36.18 -33.66
CA ARG A 276 19.70 36.99 -32.45
C ARG A 276 18.76 38.20 -32.59
N ALA A 277 18.79 38.87 -33.75
CA ALA A 277 17.93 40.04 -34.04
C ALA A 277 16.46 39.65 -33.89
N LEU A 278 16.09 38.51 -34.50
CA LEU A 278 14.73 37.98 -34.43
C LEU A 278 14.33 37.60 -33.02
N ALA A 279 15.25 36.96 -32.27
CA ALA A 279 15.04 36.56 -30.88
C ALA A 279 14.83 37.78 -29.97
N LEU A 280 15.66 38.83 -30.14
CA LEU A 280 15.61 40.01 -29.30
C LEU A 280 14.35 40.88 -29.50
N ALA A 281 13.64 40.70 -30.63
CA ALA A 281 12.42 41.45 -30.93
C ALA A 281 11.13 40.74 -30.46
N VAL A 282 11.25 39.54 -29.86
CA VAL A 282 10.08 38.80 -29.41
C VAL A 282 9.58 39.32 -28.06
N ASN A 283 8.39 39.96 -28.10
CA ASN A 283 7.73 40.48 -26.90
C ASN A 283 6.85 39.36 -26.35
N ARG A 284 7.44 38.53 -25.47
CA ARG A 284 6.70 37.39 -24.91
C ARG A 284 5.54 37.81 -24.00
N PRO A 285 5.68 38.81 -23.07
CA PRO A 285 4.54 39.18 -22.21
C PRO A 285 3.27 39.56 -22.96
N ILE A 286 3.39 40.28 -24.12
CA ILE A 286 2.21 40.65 -24.90
C ILE A 286 1.53 39.41 -25.50
N MET A 287 2.34 38.44 -25.96
CA MET A 287 1.82 37.21 -26.56
C MET A 287 1.10 36.38 -25.50
N VAL A 288 1.66 36.30 -24.30
CA VAL A 288 1.09 35.53 -23.18
C VAL A 288 -0.24 36.13 -22.72
N GLU A 289 -0.32 37.47 -22.65
CA GLU A 289 -1.56 38.13 -22.29
C GLU A 289 -2.60 37.98 -23.42
N ALA A 290 -2.20 38.28 -24.68
CA ALA A 290 -3.12 38.28 -25.83
C ALA A 290 -3.73 36.95 -26.18
N LEU A 291 -2.90 35.88 -26.13
CA LEU A 291 -3.32 34.58 -26.61
C LEU A 291 -3.57 33.52 -25.57
N TRP A 292 -2.98 33.67 -24.38
CA TRP A 292 -3.06 32.67 -23.33
C TRP A 292 -3.74 33.15 -22.06
N LYS A 293 -4.35 34.37 -22.08
CA LYS A 293 -5.00 34.95 -20.88
C LYS A 293 -4.05 34.97 -19.67
N LYS A 294 -2.74 35.20 -19.94
CA LYS A 294 -1.66 35.20 -18.96
C LYS A 294 -1.49 33.84 -18.25
N GLN A 295 -2.00 32.74 -18.86
CA GLN A 295 -1.90 31.40 -18.24
C GLN A 295 -0.67 30.60 -18.62
N ALA A 296 -0.07 30.93 -19.78
CA ALA A 296 1.21 30.34 -20.21
C ALA A 296 2.30 30.97 -19.35
N SER A 297 3.43 30.31 -19.22
CA SER A 297 4.52 30.79 -18.39
C SER A 297 5.76 31.07 -19.22
N ILE A 298 6.45 32.18 -18.93
CA ILE A 298 7.66 32.54 -19.66
C ILE A 298 8.83 32.03 -18.81
N PRO A 299 9.61 31.04 -19.31
CA PRO A 299 10.71 30.52 -18.47
C PRO A 299 11.91 31.43 -18.52
N ALA A 300 12.73 31.41 -17.47
CA ALA A 300 13.98 32.16 -17.48
C ALA A 300 15.02 31.23 -18.13
N GLY A 301 14.94 31.12 -19.45
CA GLY A 301 15.84 30.30 -20.24
C GLY A 301 15.36 28.87 -20.47
N PHE A 302 16.25 28.02 -20.97
CA PHE A 302 15.99 26.58 -21.21
C PHE A 302 16.10 25.91 -19.83
N ASN A 303 15.10 26.21 -18.98
CA ASN A 303 15.16 25.98 -17.53
C ASN A 303 13.73 25.91 -16.99
N PHE A 304 13.33 24.72 -16.52
CA PHE A 304 11.95 24.46 -16.08
C PHE A 304 11.88 23.80 -14.72
N PRO A 305 10.83 24.09 -13.90
CA PRO A 305 10.75 23.52 -12.54
C PRO A 305 10.86 22.00 -12.40
N ASN A 306 10.40 21.22 -13.42
CA ASN A 306 10.48 19.76 -13.37
C ASN A 306 11.93 19.27 -13.42
N TYR A 307 12.92 20.17 -13.73
CA TYR A 307 14.32 19.77 -13.72
C TYR A 307 14.83 19.45 -12.28
N GLY A 308 14.06 19.90 -11.28
CA GLY A 308 14.37 19.62 -9.87
C GLY A 308 15.70 20.21 -9.42
N GLU A 309 16.71 19.34 -9.18
CA GLU A 309 18.05 19.77 -8.75
C GLU A 309 18.75 20.66 -9.80
N THR A 310 18.37 20.51 -11.09
CA THR A 310 18.94 21.25 -12.20
C THR A 310 18.06 22.39 -12.72
N PHE A 311 17.05 22.76 -11.93
CA PHE A 311 16.23 23.93 -12.22
C PHE A 311 16.93 25.08 -11.47
N ASP A 312 17.10 26.23 -12.13
CA ASP A 312 17.67 27.42 -11.47
C ASP A 312 16.58 28.48 -11.32
N PRO A 313 15.99 28.63 -10.10
CA PRO A 313 14.90 29.61 -9.92
C PRO A 313 15.36 31.07 -9.93
N LYS A 314 16.68 31.30 -9.84
CA LYS A 314 17.29 32.64 -9.80
C LYS A 314 17.85 33.16 -11.13
N ARG A 315 17.70 32.40 -12.24
CA ARG A 315 18.19 32.82 -13.56
C ARG A 315 17.53 34.11 -14.05
N LYS A 316 18.31 34.95 -14.78
CA LYS A 316 17.80 36.19 -15.35
C LYS A 316 16.86 35.87 -16.53
N ALA A 317 15.86 36.74 -16.77
CA ALA A 317 14.93 36.56 -17.86
C ALA A 317 15.65 36.62 -19.21
N MET A 318 15.09 35.95 -20.21
CA MET A 318 15.60 36.00 -21.58
C MET A 318 15.40 37.44 -22.08
N GLU A 319 16.42 37.98 -22.74
CA GLU A 319 16.51 39.37 -23.19
C GLU A 319 15.50 39.80 -24.24
N TYR A 320 14.93 40.98 -24.03
CA TYR A 320 14.02 41.62 -24.97
C TYR A 320 14.61 43.02 -25.20
N ASN A 321 15.06 43.27 -26.43
CA ASN A 321 15.77 44.53 -26.74
C ASN A 321 15.58 44.90 -28.21
N VAL A 322 14.53 45.67 -28.49
CA VAL A 322 14.15 46.14 -29.82
C VAL A 322 15.27 46.97 -30.46
N GLU A 323 15.91 47.86 -29.69
CA GLU A 323 16.97 48.72 -30.19
C GLU A 323 18.17 47.91 -30.70
N GLU A 324 18.60 46.90 -29.92
CA GLU A 324 19.71 46.03 -30.28
C GLU A 324 19.31 45.19 -31.50
N ALA A 325 18.05 44.72 -31.53
CA ALA A 325 17.53 43.92 -32.65
C ALA A 325 17.66 44.72 -33.96
N LYS A 326 17.26 46.00 -33.94
CA LYS A 326 17.31 46.89 -35.12
C LYS A 326 18.73 47.06 -35.61
N ARG A 327 19.69 47.21 -34.66
CA ARG A 327 21.11 47.38 -35.00
CA ARG A 327 21.11 47.38 -34.97
C ARG A 327 21.64 46.15 -35.69
N LEU A 328 21.32 44.93 -35.15
CA LEU A 328 21.74 43.65 -35.69
C LEU A 328 21.25 43.45 -37.09
N VAL A 329 19.96 43.75 -37.39
CA VAL A 329 19.52 43.58 -38.78
C VAL A 329 20.31 44.45 -39.74
N LYS A 330 20.53 45.73 -39.38
CA LYS A 330 21.25 46.73 -40.20
C LYS A 330 22.68 46.33 -40.47
N GLU A 331 23.37 45.74 -39.46
CA GLU A 331 24.76 45.30 -39.61
C GLU A 331 24.93 43.88 -40.16
N SER A 332 23.83 43.13 -40.31
CA SER A 332 23.84 41.78 -40.89
C SER A 332 23.76 41.93 -42.41
N GLY A 333 23.91 40.82 -43.14
CA GLY A 333 23.78 40.88 -44.60
C GLY A 333 22.36 41.14 -45.11
N TYR A 334 21.33 40.90 -44.25
CA TYR A 334 19.89 41.02 -44.58
C TYR A 334 19.44 42.14 -45.56
N ASP A 335 18.96 41.73 -46.74
CA ASP A 335 18.56 42.63 -47.83
C ASP A 335 17.06 43.00 -47.93
N GLY A 336 16.24 42.48 -47.03
CA GLY A 336 14.81 42.76 -47.03
C GLY A 336 13.97 41.72 -47.73
N THR A 337 14.61 40.68 -48.31
CA THR A 337 13.90 39.60 -48.99
C THR A 337 13.01 38.86 -47.99
N PRO A 338 11.76 38.51 -48.35
CA PRO A 338 10.89 37.79 -47.39
C PRO A 338 11.48 36.45 -46.93
N ILE A 339 11.39 36.19 -45.62
CA ILE A 339 11.84 34.94 -45.01
C ILE A 339 10.59 34.14 -44.62
N THR A 340 10.50 32.90 -45.07
CA THR A 340 9.34 32.05 -44.74
C THR A 340 9.42 31.49 -43.31
N TYR A 341 8.24 31.26 -42.70
CA TYR A 341 8.09 30.63 -41.39
C TYR A 341 7.00 29.58 -41.58
N HIS A 342 7.40 28.31 -41.55
CA HIS A 342 6.48 27.18 -41.77
C HIS A 342 5.77 26.76 -40.50
N THR A 343 4.45 26.53 -40.61
CA THR A 343 3.63 26.08 -39.48
C THR A 343 2.62 25.02 -39.96
N MET A 344 2.39 23.97 -39.14
CA MET A 344 1.40 22.95 -39.48
C MET A 344 0.08 23.46 -38.89
N GLY A 345 -0.43 24.56 -39.44
CA GLY A 345 -1.62 25.25 -38.93
C GLY A 345 -1.44 25.55 -37.44
N ASN A 346 -2.46 25.19 -36.63
CA ASN A 346 -2.41 25.36 -35.18
C ASN A 346 -2.14 24.06 -34.42
N TYR A 347 -1.25 23.21 -34.95
CA TYR A 347 -0.83 21.99 -34.27
C TYR A 347 -0.32 22.36 -32.87
N TYR A 348 0.43 23.48 -32.79
CA TYR A 348 0.85 24.08 -31.53
C TYR A 348 -0.24 25.11 -31.26
N ALA A 349 -0.88 25.06 -30.07
CA ALA A 349 -1.98 25.99 -29.78
C ALA A 349 -1.56 27.43 -29.99
N ASN A 350 -2.44 28.22 -30.67
CA ASN A 350 -2.17 29.63 -30.93
C ASN A 350 -0.96 29.90 -31.84
N ALA A 351 -0.46 28.91 -32.61
CA ALA A 351 0.71 29.07 -33.50
C ALA A 351 0.53 30.16 -34.55
N MET A 352 -0.61 30.16 -35.26
CA MET A 352 -0.88 31.17 -36.28
C MET A 352 -1.08 32.58 -35.72
N PRO A 353 -1.94 32.81 -34.68
CA PRO A 353 -2.01 34.17 -34.10
C PRO A 353 -0.67 34.61 -33.49
N ALA A 354 0.10 33.67 -32.87
CA ALA A 354 1.44 33.99 -32.33
C ALA A 354 2.33 34.48 -33.43
N LEU A 355 2.33 33.79 -34.59
CA LEU A 355 3.13 34.18 -35.73
C LEU A 355 2.69 35.55 -36.29
N MET A 356 1.35 35.80 -36.39
CA MET A 356 0.84 37.10 -36.85
C MET A 356 1.45 38.21 -35.97
N MET A 357 1.45 38.03 -34.63
CA MET A 357 2.02 39.00 -33.69
C MET A 357 3.51 39.20 -33.90
N MET A 358 4.26 38.09 -34.07
CA MET A 358 5.71 38.17 -34.29
C MET A 358 6.06 38.81 -35.63
N ILE A 359 5.28 38.51 -36.70
CA ILE A 359 5.49 39.13 -38.01
C ILE A 359 5.50 40.68 -37.86
N GLU A 360 4.58 41.23 -37.03
CA GLU A 360 4.55 42.68 -36.81
C GLU A 360 5.77 43.16 -36.00
N MET A 361 6.15 42.41 -34.97
CA MET A 361 7.35 42.74 -34.17
C MET A 361 8.58 42.77 -35.07
N TRP A 362 8.66 41.81 -36.01
CA TRP A 362 9.78 41.70 -36.95
C TRP A 362 9.75 42.77 -38.03
N LYS A 363 8.54 43.13 -38.49
CA LYS A 363 8.37 44.20 -39.47
C LYS A 363 8.98 45.50 -38.88
N GLN A 364 8.74 45.75 -37.57
CA GLN A 364 9.22 46.95 -36.86
C GLN A 364 10.74 47.03 -36.74
N ILE A 365 11.47 45.88 -36.84
CA ILE A 365 12.93 45.92 -36.79
C ILE A 365 13.54 45.84 -38.21
N GLY A 366 12.67 45.74 -39.22
CA GLY A 366 13.08 45.71 -40.63
C GLY A 366 13.21 44.34 -41.27
N VAL A 367 12.62 43.29 -40.67
CA VAL A 367 12.67 41.94 -41.24
C VAL A 367 11.27 41.53 -41.77
N ASN A 368 11.18 41.11 -43.04
CA ASN A 368 9.93 40.69 -43.66
C ASN A 368 9.78 39.16 -43.53
N VAL A 369 8.87 38.72 -42.66
CA VAL A 369 8.60 37.30 -42.40
C VAL A 369 7.21 37.00 -42.92
N VAL A 370 7.09 35.87 -43.63
CA VAL A 370 5.86 35.44 -44.26
C VAL A 370 5.45 34.04 -43.80
N MET A 371 4.16 33.87 -43.46
CA MET A 371 3.67 32.57 -43.03
C MET A 371 3.53 31.63 -44.22
N LYS A 372 3.89 30.34 -43.99
CA LYS A 372 3.72 29.23 -44.94
C LYS A 372 3.12 28.05 -44.16
N THR A 373 2.07 27.42 -44.70
CA THR A 373 1.44 26.33 -43.96
C THR A 373 1.68 25.03 -44.69
N TYR A 374 1.59 23.96 -43.96
CA TYR A 374 1.71 22.62 -44.49
C TYR A 374 0.76 21.70 -43.72
N ALA A 375 0.30 20.65 -44.41
CA ALA A 375 -0.61 19.67 -43.84
C ALA A 375 0.18 18.60 -43.07
N PRO A 376 -0.47 17.87 -42.11
CA PRO A 376 0.25 16.78 -41.42
C PRO A 376 0.83 15.78 -42.43
N GLY A 377 2.05 15.34 -42.14
CA GLY A 377 2.79 14.40 -42.99
C GLY A 377 3.35 15.02 -44.25
N SER A 378 3.22 16.37 -44.38
CA SER A 378 3.73 17.10 -45.53
C SER A 378 4.79 18.16 -45.16
N PHE A 379 5.59 17.92 -44.09
CA PHE A 379 6.68 18.86 -43.75
C PHE A 379 7.56 18.99 -45.01
N PRO A 380 7.85 20.24 -45.48
CA PRO A 380 8.56 20.40 -46.76
C PRO A 380 9.97 19.84 -46.78
N PRO A 381 10.59 19.61 -47.98
CA PRO A 381 12.02 19.22 -47.97
C PRO A 381 12.76 20.30 -47.17
N ASP A 382 13.72 19.88 -46.34
CA ASP A 382 14.46 20.78 -45.44
C ASP A 382 14.93 22.06 -46.08
N ASN A 383 15.53 21.94 -47.27
CA ASN A 383 16.09 23.08 -48.03
C ASN A 383 15.07 24.09 -48.55
N GLN A 384 13.77 23.81 -48.38
CA GLN A 384 12.67 24.70 -48.79
C GLN A 384 12.16 25.44 -47.55
N THR A 385 12.82 25.21 -46.39
CA THR A 385 12.41 25.81 -45.13
C THR A 385 13.51 26.77 -44.59
N TRP A 386 13.06 27.85 -43.95
CA TRP A 386 13.94 28.84 -43.33
C TRP A 386 13.57 28.85 -41.84
N MET A 387 12.53 29.59 -41.46
CA MET A 387 12.07 29.55 -40.06
C MET A 387 10.96 28.53 -39.94
N ARG A 388 10.80 27.99 -38.74
CA ARG A 388 9.71 27.04 -38.48
C ARG A 388 9.42 27.02 -36.98
N ASN A 389 8.19 26.63 -36.60
CA ASN A 389 7.88 26.51 -35.18
C ASN A 389 8.12 25.08 -34.76
N TRP A 390 8.23 24.86 -33.46
CA TRP A 390 8.51 23.55 -32.92
C TRP A 390 8.15 23.57 -31.43
N SER A 391 8.23 22.41 -30.77
CA SER A 391 8.03 22.37 -29.33
C SER A 391 8.87 21.20 -28.85
N ASN A 392 9.18 21.18 -27.56
CA ASN A 392 9.89 20.04 -26.98
C ASN A 392 9.24 19.68 -25.67
N GLY A 393 8.82 18.43 -25.51
CA GLY A 393 8.31 17.94 -24.22
C GLY A 393 9.51 17.70 -23.31
N GLN A 394 9.50 18.30 -22.09
CA GLN A 394 10.62 18.17 -21.14
C GLN A 394 10.37 16.91 -20.32
N TRP A 395 10.79 15.79 -20.89
CA TRP A 395 10.45 14.44 -20.46
C TRP A 395 11.18 13.78 -19.28
N MET A 396 12.20 14.45 -18.73
CA MET A 396 12.94 13.94 -17.57
CA MET A 396 12.96 13.94 -17.58
C MET A 396 12.75 14.87 -16.41
N THR A 397 12.81 14.34 -15.19
CA THR A 397 12.78 15.19 -13.99
C THR A 397 14.24 15.64 -13.72
N ASP A 398 14.88 16.17 -14.76
CA ASP A 398 16.30 16.56 -14.79
C ASP A 398 16.52 17.39 -16.04
N ALA A 399 17.51 18.31 -16.02
CA ALA A 399 17.77 19.19 -17.19
C ALA A 399 18.37 18.49 -18.42
N TYR A 400 18.78 17.21 -18.29
CA TYR A 400 19.36 16.49 -19.44
C TYR A 400 18.47 16.62 -20.68
N ALA A 401 17.13 16.39 -20.52
CA ALA A 401 16.18 16.50 -21.62
C ALA A 401 15.53 17.90 -21.56
N THR A 402 15.36 18.59 -22.69
CA THR A 402 15.72 18.14 -24.06
C THR A 402 16.99 18.84 -24.58
N ILE A 403 17.65 19.68 -23.78
CA ILE A 403 18.84 20.37 -24.29
C ILE A 403 19.92 19.43 -24.85
N VAL A 404 20.20 18.31 -24.17
CA VAL A 404 21.23 17.42 -24.69
C VAL A 404 20.74 16.60 -25.89
N PRO A 405 19.67 15.80 -25.81
CA PRO A 405 19.29 14.99 -26.98
C PRO A 405 18.89 15.78 -28.23
N GLU A 406 18.27 16.97 -28.07
CA GLU A 406 17.84 17.75 -29.23
C GLU A 406 18.89 18.76 -29.70
N PHE A 407 19.51 19.48 -28.78
CA PHE A 407 20.45 20.55 -29.11
C PHE A 407 21.94 20.19 -28.97
N GLY A 408 22.21 18.99 -28.46
CA GLY A 408 23.57 18.51 -28.25
C GLY A 408 24.26 18.02 -29.51
N PRO A 409 25.53 17.58 -29.39
CA PRO A 409 26.29 17.16 -30.57
C PRO A 409 25.74 15.99 -31.38
N ASN A 410 24.91 15.15 -30.75
CA ASN A 410 24.29 14.00 -31.41
C ASN A 410 22.89 14.29 -31.93
N GLY A 411 22.38 15.50 -31.67
CA GLY A 411 21.02 15.90 -32.00
C GLY A 411 20.79 16.45 -33.40
N GLN A 412 19.53 16.56 -33.77
CA GLN A 412 19.11 17.01 -35.09
C GLN A 412 19.39 18.52 -35.35
N VAL A 413 19.35 19.36 -34.33
CA VAL A 413 19.56 20.80 -34.50
C VAL A 413 20.96 21.05 -35.09
N GLN A 414 21.96 20.28 -34.60
CA GLN A 414 23.33 20.41 -35.14
C GLN A 414 23.53 19.57 -36.39
N LYS A 415 23.08 18.29 -36.36
CA LYS A 415 23.32 17.34 -37.46
C LYS A 415 22.47 17.48 -38.70
N ARG A 416 21.19 17.82 -38.53
CA ARG A 416 20.29 17.95 -39.68
C ARG A 416 20.10 19.44 -40.02
N TRP A 417 19.95 20.27 -38.99
CA TRP A 417 19.64 21.69 -39.16
C TRP A 417 20.81 22.67 -39.25
N GLY A 418 22.03 22.14 -39.22
CA GLY A 418 23.25 22.89 -39.43
C GLY A 418 23.73 23.84 -38.35
N TRP A 419 23.24 23.71 -37.09
CA TRP A 419 23.78 24.57 -36.03
C TRP A 419 25.24 24.19 -35.74
N LYS A 420 26.15 25.15 -35.98
CA LYS A 420 27.57 24.93 -35.72
C LYS A 420 27.82 25.45 -34.30
N ALA A 421 27.46 24.63 -33.32
CA ALA A 421 27.54 24.99 -31.91
C ALA A 421 28.98 25.24 -31.47
N PRO A 422 29.21 26.22 -30.57
CA PRO A 422 30.57 26.43 -30.07
C PRO A 422 31.04 25.13 -29.39
N ALA A 423 32.32 24.77 -29.58
CA ALA A 423 32.89 23.55 -29.02
C ALA A 423 32.62 23.43 -27.51
N GLU A 424 32.67 24.56 -26.78
CA GLU A 424 32.40 24.61 -25.34
C GLU A 424 30.98 24.06 -25.04
N PHE A 425 29.97 24.41 -25.87
CA PHE A 425 28.61 23.92 -25.65
C PHE A 425 28.57 22.36 -25.71
N ASN A 426 29.21 21.78 -26.73
CA ASN A 426 29.27 20.30 -26.88
C ASN A 426 30.06 19.61 -25.78
N GLU A 427 31.12 20.23 -25.32
CA GLU A 427 31.94 19.72 -24.22
C GLU A 427 31.09 19.65 -22.94
N LEU A 428 30.26 20.71 -22.68
CA LEU A 428 29.40 20.74 -21.50
C LEU A 428 28.27 19.72 -21.60
N CYS A 429 27.73 19.47 -22.81
CA CYS A 429 26.71 18.43 -23.02
C CYS A 429 27.26 17.10 -22.56
N GLN A 430 28.53 16.81 -22.91
CA GLN A 430 29.14 15.54 -22.53
C GLN A 430 29.29 15.45 -21.00
N LYS A 431 29.76 16.54 -20.38
CA LYS A 431 29.93 16.62 -18.93
C LYS A 431 28.63 16.39 -18.18
N VAL A 432 27.55 17.09 -18.54
CA VAL A 432 26.28 16.94 -17.80
C VAL A 432 25.68 15.55 -17.98
N THR A 433 26.04 14.86 -19.09
CA THR A 433 25.55 13.49 -19.33
C THR A 433 26.16 12.51 -18.30
N VAL A 434 27.43 12.70 -17.94
CA VAL A 434 28.20 11.78 -17.09
C VAL A 434 28.38 12.16 -15.62
N LEU A 435 28.22 13.44 -15.31
CA LEU A 435 28.43 13.94 -13.95
C LEU A 435 27.24 13.65 -13.02
N PRO A 436 27.53 13.48 -11.71
CA PRO A 436 26.44 13.41 -10.73
C PRO A 436 26.01 14.85 -10.45
N ASN A 437 24.89 15.04 -9.74
CA ASN A 437 24.49 16.41 -9.37
C ASN A 437 25.48 17.03 -8.41
N GLY A 438 25.67 18.33 -8.54
CA GLY A 438 26.61 19.09 -7.74
C GLY A 438 26.89 20.42 -8.41
N LYS A 439 27.77 21.22 -7.82
CA LYS A 439 28.12 22.54 -8.35
C LYS A 439 28.58 22.52 -9.81
N GLU A 440 29.44 21.57 -10.19
CA GLU A 440 29.98 21.48 -11.56
C GLU A 440 28.87 21.25 -12.61
N ARG A 441 28.01 20.27 -12.39
CA ARG A 441 26.88 19.94 -13.28
C ARG A 441 25.86 21.10 -13.34
N PHE A 442 25.55 21.68 -12.16
CA PHE A 442 24.60 22.79 -12.05
C PHE A 442 25.09 23.99 -12.85
N ASP A 443 26.39 24.33 -12.70
CA ASP A 443 26.99 25.46 -13.40
C ASP A 443 27.13 25.20 -14.90
N ALA A 444 27.41 23.93 -15.29
CA ALA A 444 27.48 23.52 -16.70
C ALA A 444 26.15 23.78 -17.41
N TYR A 445 25.01 23.40 -16.80
CA TYR A 445 23.71 23.70 -17.42
C TYR A 445 23.49 25.20 -17.58
N ASN A 446 23.86 25.99 -16.56
CA ASN A 446 23.71 27.45 -16.66
C ASN A 446 24.58 28.08 -17.76
N ARG A 447 25.81 27.55 -17.97
CA ARG A 447 26.68 28.01 -19.06
C ARG A 447 26.09 27.55 -20.43
N MET A 448 25.54 26.33 -20.50
CA MET A 448 24.89 25.86 -21.74
C MET A 448 23.66 26.75 -22.07
N ARG A 449 22.87 27.15 -21.02
CA ARG A 449 21.70 28.01 -21.21
C ARG A 449 22.15 29.38 -21.71
N ASP A 450 23.26 29.89 -21.17
CA ASP A 450 23.81 31.17 -21.61
C ASP A 450 24.22 31.11 -23.10
N ILE A 451 24.93 30.04 -23.50
CA ILE A 451 25.38 29.85 -24.89
C ILE A 451 24.17 29.73 -25.81
N PHE A 452 23.14 28.95 -25.38
CA PHE A 452 21.92 28.78 -26.15
C PHE A 452 21.31 30.15 -26.46
N GLU A 453 21.25 31.05 -25.45
CA GLU A 453 20.69 32.41 -25.65
C GLU A 453 21.58 33.29 -26.53
N GLU A 454 22.90 33.14 -26.40
CA GLU A 454 23.85 33.93 -27.20
C GLU A 454 23.82 33.52 -28.68
N GLU A 455 23.64 32.20 -28.95
CA GLU A 455 23.67 31.65 -30.31
C GLU A 455 22.32 31.64 -31.01
N ALA A 456 21.23 31.60 -30.23
CA ALA A 456 19.86 31.53 -30.74
C ALA A 456 19.65 30.47 -31.86
N PRO A 457 20.04 29.17 -31.63
CA PRO A 457 19.71 28.13 -32.62
C PRO A 457 18.19 27.93 -32.66
N ALA A 458 17.52 28.28 -31.55
CA ALA A 458 16.05 28.31 -31.41
C ALA A 458 15.73 29.44 -30.43
N VAL A 459 14.46 29.85 -30.40
CA VAL A 459 14.01 30.92 -29.51
C VAL A 459 12.83 30.37 -28.74
N ILE A 460 12.96 30.30 -27.41
CA ILE A 460 11.90 29.81 -26.53
C ILE A 460 10.81 30.89 -26.44
N LEU A 461 9.54 30.49 -26.61
CA LEU A 461 8.45 31.44 -26.48
C LEU A 461 7.90 31.36 -25.08
N TYR A 462 7.38 30.18 -24.70
CA TYR A 462 6.75 29.98 -23.39
C TYR A 462 6.39 28.54 -23.16
N GLN A 463 6.03 28.26 -21.92
CA GLN A 463 5.54 26.96 -21.48
C GLN A 463 4.01 27.06 -21.66
N PRO A 464 3.38 26.20 -22.52
CA PRO A 464 1.94 26.36 -22.76
C PRO A 464 1.09 25.91 -21.59
N TYR A 465 -0.15 26.41 -21.56
CA TYR A 465 -1.14 26.04 -20.57
C TYR A 465 -2.17 25.13 -21.29
N ASP A 466 -2.16 23.85 -20.95
CA ASP A 466 -3.07 22.86 -21.56
C ASP A 466 -4.43 22.98 -20.89
N VAL A 467 -5.50 22.85 -21.67
CA VAL A 467 -6.86 22.93 -21.16
C VAL A 467 -7.65 21.70 -21.60
N TYR A 468 -8.28 21.03 -20.63
CA TYR A 468 -9.19 19.90 -20.85
C TYR A 468 -10.58 20.40 -20.43
N ALA A 469 -11.64 19.70 -20.85
CA ALA A 469 -12.98 20.01 -20.36
C ALA A 469 -13.63 18.67 -20.03
N ALA A 470 -14.43 18.66 -18.97
CA ALA A 470 -15.04 17.42 -18.48
C ALA A 470 -16.37 17.64 -17.83
N ARG A 471 -17.13 16.53 -17.74
CA ARG A 471 -18.39 16.49 -17.02
C ARG A 471 -18.00 16.58 -15.56
N LYS A 472 -18.71 17.41 -14.78
CA LYS A 472 -18.41 17.57 -13.35
C LYS A 472 -18.56 16.25 -12.58
N ASP A 473 -19.43 15.35 -13.06
CA ASP A 473 -19.61 14.05 -12.44
C ASP A 473 -18.42 13.08 -12.59
N VAL A 474 -17.49 13.36 -13.56
CA VAL A 474 -16.29 12.55 -13.82
C VAL A 474 -15.09 13.26 -13.14
N HIS A 475 -14.63 12.70 -12.00
CA HIS A 475 -13.50 13.30 -11.27
C HIS A 475 -12.18 12.79 -11.84
N TRP A 476 -11.33 13.73 -12.29
CA TRP A 476 -10.03 13.42 -12.89
C TRP A 476 -9.22 14.71 -12.93
N LYS A 477 -7.98 14.67 -12.42
CA LYS A 477 -7.16 15.86 -12.43
C LYS A 477 -6.05 15.78 -13.47
N PRO A 478 -5.84 16.85 -14.26
CA PRO A 478 -4.69 16.88 -15.19
C PRO A 478 -3.37 16.82 -14.44
N VAL A 479 -2.33 16.32 -15.10
CA VAL A 479 -0.95 16.34 -14.58
C VAL A 479 -0.16 17.33 -15.47
N SER A 480 1.00 17.80 -15.00
CA SER A 480 1.79 18.78 -15.75
C SER A 480 2.61 18.18 -16.90
N PHE A 481 2.00 17.29 -17.68
CA PHE A 481 2.70 16.63 -18.79
C PHE A 481 1.70 16.26 -19.87
N GLU A 482 2.19 16.02 -21.09
CA GLU A 482 1.37 15.62 -22.23
C GLU A 482 0.89 14.16 -22.15
N MET A 483 0.11 13.84 -21.12
CA MET A 483 -0.48 12.51 -20.89
C MET A 483 -1.64 12.65 -19.92
N MET A 484 -2.39 11.56 -19.71
CA MET A 484 -3.49 11.55 -18.75
C MET A 484 -3.22 10.41 -17.79
N GLU A 485 -3.33 10.68 -16.49
CA GLU A 485 -3.09 9.67 -15.45
C GLU A 485 -4.45 9.33 -14.82
N PHE A 486 -4.78 8.03 -14.75
CA PHE A 486 -6.03 7.60 -14.14
C PHE A 486 -5.79 6.82 -12.85
N ARG A 487 -4.54 6.41 -12.53
CA ARG A 487 -4.27 5.63 -11.29
C ARG A 487 -4.54 6.54 -10.09
N ASN A 488 -5.51 6.16 -9.22
CA ASN A 488 -5.97 6.91 -8.05
C ASN A 488 -6.40 8.30 -8.47
N ASN A 489 -6.94 8.42 -9.70
CA ASN A 489 -7.26 9.73 -10.30
C ASN A 489 -8.36 9.65 -11.35
N LEU A 490 -9.35 8.77 -11.10
CA LEU A 490 -10.49 8.65 -11.98
C LEU A 490 -11.59 8.00 -11.21
N SER A 491 -12.69 8.74 -11.01
CA SER A 491 -13.90 8.23 -10.30
C SER A 491 -15.16 8.91 -10.83
N PHE A 492 -16.30 8.20 -10.75
CA PHE A 492 -17.58 8.61 -11.32
C PHE A 492 -18.67 8.74 -10.26
N GLY A 493 -19.78 9.38 -10.61
CA GLY A 493 -20.92 9.58 -9.73
C GLY A 493 -21.28 11.03 -9.52
N GLU B 3 -4.57 -24.96 34.52
CA GLU B 3 -4.77 -24.46 33.16
C GLU B 3 -4.34 -23.00 33.05
N ARG B 4 -3.15 -22.80 32.47
CA ARG B 4 -2.50 -21.51 32.30
C ARG B 4 -2.90 -20.82 31.02
N ARG B 5 -2.88 -19.48 31.05
CA ARG B 5 -3.15 -18.61 29.91
C ARG B 5 -2.03 -18.76 28.86
N ALA B 6 -2.42 -18.68 27.58
CA ALA B 6 -1.46 -18.72 26.48
C ALA B 6 -1.05 -17.25 26.24
N LEU B 7 0.26 -16.98 26.22
CA LEU B 7 0.76 -15.61 26.04
C LEU B 7 0.84 -15.24 24.55
N ARG B 8 0.24 -14.11 24.17
CA ARG B 8 0.21 -13.67 22.77
C ARG B 8 1.04 -12.42 22.65
N LEU B 9 2.17 -12.51 21.94
CA LEU B 9 3.04 -11.35 21.75
C LEU B 9 2.96 -10.81 20.32
N GLY B 10 2.75 -9.50 20.18
CA GLY B 10 2.72 -8.83 18.89
C GLY B 10 4.10 -8.21 18.73
N VAL B 11 4.93 -8.78 17.84
CA VAL B 11 6.32 -8.37 17.67
C VAL B 11 6.63 -7.67 16.35
N ASN B 12 7.78 -6.96 16.32
CA ASN B 12 8.27 -6.24 15.14
C ASN B 12 8.86 -7.18 14.08
N GLY B 13 9.36 -8.34 14.50
CA GLY B 13 9.98 -9.29 13.60
C GLY B 13 10.48 -10.53 14.29
N LEU B 14 11.11 -11.41 13.52
CA LEU B 14 11.66 -12.68 14.00
C LEU B 14 13.09 -12.86 13.49
N PRO B 15 13.95 -13.60 14.23
CA PRO B 15 15.31 -13.87 13.70
C PRO B 15 15.19 -14.89 12.54
N ASN B 16 16.24 -15.01 11.72
CA ASN B 16 16.22 -15.99 10.63
C ASN B 16 16.52 -17.40 11.16
N SER B 17 17.05 -17.48 12.39
CA SER B 17 17.43 -18.75 13.01
C SER B 17 17.20 -18.70 14.52
N LEU B 18 16.87 -19.86 15.11
CA LEU B 18 16.75 -20.01 16.57
C LEU B 18 17.99 -20.65 17.18
N GLU B 19 19.07 -20.82 16.35
CA GLU B 19 20.37 -21.26 16.85
C GLU B 19 20.74 -20.03 17.73
N PRO B 20 21.07 -20.20 19.03
CA PRO B 20 21.16 -19.03 19.92
C PRO B 20 22.16 -17.93 19.62
N VAL B 21 23.28 -18.25 19.01
CA VAL B 21 24.25 -17.23 18.64
C VAL B 21 23.74 -16.55 17.33
N ASN B 22 23.30 -17.36 16.35
CA ASN B 22 22.79 -16.80 15.09
C ASN B 22 21.53 -15.95 15.26
N ALA B 23 20.81 -16.16 16.39
CA ALA B 23 19.60 -15.41 16.73
C ALA B 23 19.91 -13.99 17.29
N ILE B 24 21.19 -13.71 17.64
CA ILE B 24 21.59 -12.43 18.22
C ILE B 24 21.17 -11.27 17.31
N SER B 25 20.33 -10.40 17.85
CA SER B 25 19.67 -9.30 17.12
C SER B 25 18.70 -8.65 18.10
N ASN B 26 17.89 -7.71 17.60
CA ASN B 26 16.89 -7.06 18.43
C ASN B 26 15.68 -8.01 18.65
N VAL B 27 15.44 -8.94 17.68
CA VAL B 27 14.29 -9.83 17.65
C VAL B 27 14.49 -11.28 18.21
N GLY B 28 15.72 -11.78 18.17
CA GLY B 28 16.01 -13.15 18.60
C GLY B 28 16.05 -13.44 20.09
N PRO B 29 16.83 -12.66 20.88
CA PRO B 29 16.98 -12.96 22.32
C PRO B 29 15.69 -13.13 23.10
N ARG B 30 14.61 -12.36 22.80
CA ARG B 30 13.32 -12.55 23.48
C ARG B 30 12.73 -13.97 23.30
N ILE B 31 13.17 -14.69 22.25
CA ILE B 31 12.74 -16.05 21.96
C ILE B 31 13.77 -17.04 22.53
N VAL B 32 15.06 -16.92 22.13
CA VAL B 32 16.08 -17.89 22.57
C VAL B 32 16.33 -17.91 24.09
N ASN B 33 16.02 -16.79 24.79
CA ASN B 33 16.14 -16.71 26.25
C ASN B 33 15.15 -17.71 26.90
N GLN B 34 14.07 -18.04 26.20
CA GLN B 34 13.09 -19.02 26.70
C GLN B 34 13.48 -20.45 26.45
N ILE B 35 14.08 -20.74 25.29
CA ILE B 35 14.41 -22.10 24.87
C ILE B 35 15.65 -22.61 25.60
N PHE B 36 16.59 -21.71 25.91
CA PHE B 36 17.88 -22.13 26.48
C PHE B 36 18.18 -21.50 27.82
N ASP B 37 19.23 -22.06 28.49
CA ASP B 37 19.77 -21.51 29.72
C ASP B 37 21.25 -21.24 29.50
N THR B 38 21.89 -20.56 30.46
CA THR B 38 23.33 -20.30 30.47
C THR B 38 23.89 -20.93 31.75
N LEU B 39 25.24 -21.00 31.86
CA LEU B 39 25.88 -21.54 33.06
C LEU B 39 25.62 -20.62 34.25
N ILE B 40 25.75 -19.31 34.00
CA ILE B 40 25.55 -18.26 34.99
C ILE B 40 24.44 -17.39 34.42
N ALA B 41 23.52 -16.92 35.27
CA ALA B 41 22.44 -16.07 34.81
C ALA B 41 22.51 -14.70 35.42
N ARG B 42 22.08 -13.69 34.67
CA ARG B 42 22.05 -12.33 35.19
C ARG B 42 20.69 -12.12 35.86
N ASP B 43 20.69 -11.72 37.13
CA ASP B 43 19.42 -11.45 37.81
C ASP B 43 19.16 -9.94 37.75
N PHE B 44 18.44 -9.51 36.73
CA PHE B 44 18.12 -8.10 36.51
C PHE B 44 17.34 -7.42 37.65
N PHE B 45 16.63 -8.21 38.47
CA PHE B 45 15.77 -7.71 39.53
C PHE B 45 16.37 -7.88 40.92
N ALA B 46 17.67 -8.24 41.01
CA ALA B 46 18.34 -8.45 42.29
C ALA B 46 18.24 -7.24 43.21
N LYS B 47 17.96 -7.49 44.50
CA LYS B 47 17.89 -6.48 45.57
C LYS B 47 16.96 -5.29 45.24
N GLY B 48 15.81 -5.61 44.64
CA GLY B 48 14.79 -4.65 44.27
C GLY B 48 15.15 -3.69 43.15
N ALA B 49 16.16 -4.03 42.31
CA ALA B 49 16.56 -3.19 41.17
C ALA B 49 15.44 -3.11 40.13
N PRO B 50 15.28 -1.96 39.45
CA PRO B 50 14.20 -1.84 38.45
C PRO B 50 14.55 -2.49 37.10
N GLY B 51 14.92 -3.77 37.13
CA GLY B 51 15.24 -4.53 35.93
C GLY B 51 16.57 -4.22 35.28
N ASN B 52 17.51 -3.59 36.01
CA ASN B 52 18.84 -3.25 35.46
C ASN B 52 20.02 -3.74 36.29
N ALA B 53 19.78 -4.62 37.29
CA ALA B 53 20.89 -5.13 38.11
C ALA B 53 21.89 -5.95 37.26
N ILE B 54 23.17 -5.94 37.66
CA ILE B 54 24.20 -6.71 36.96
C ILE B 54 24.62 -7.96 37.75
N ASP B 55 23.92 -8.25 38.86
CA ASP B 55 24.22 -9.38 39.74
C ASP B 55 24.14 -10.69 38.96
N LEU B 56 25.17 -11.52 39.10
CA LEU B 56 25.24 -12.82 38.42
C LEU B 56 24.98 -13.93 39.43
N VAL B 57 24.14 -14.90 39.05
CA VAL B 57 23.76 -15.99 39.96
C VAL B 57 23.96 -17.36 39.31
N PRO B 58 24.07 -18.45 40.09
CA PRO B 58 24.15 -19.78 39.47
C PRO B 58 22.92 -20.09 38.60
N ALA B 59 23.17 -20.78 37.49
CA ALA B 59 22.09 -21.27 36.63
C ALA B 59 22.39 -22.73 36.27
N LEU B 60 22.83 -23.06 35.04
CA LEU B 60 23.21 -24.46 34.75
C LEU B 60 24.44 -24.92 35.54
N ALA B 61 25.32 -23.94 35.93
CA ALA B 61 26.44 -24.25 36.80
C ALA B 61 25.96 -23.94 38.22
N GLU B 62 25.98 -24.94 39.09
CA GLU B 62 25.57 -24.73 40.49
C GLU B 62 26.65 -23.93 41.20
N SER B 63 27.91 -24.16 40.80
CA SER B 63 29.08 -23.48 41.37
C SER B 63 30.19 -23.42 40.34
N TRP B 64 31.18 -22.57 40.60
CA TRP B 64 32.35 -22.46 39.74
C TRP B 64 33.51 -21.93 40.52
N GLU B 65 34.72 -22.19 40.05
CA GLU B 65 35.93 -21.78 40.72
C GLU B 65 36.95 -21.40 39.65
N ARG B 66 37.43 -20.16 39.70
CA ARG B 66 38.50 -19.70 38.82
C ARG B 66 39.78 -20.42 39.27
N ILE B 67 40.44 -21.10 38.34
CA ILE B 67 41.65 -21.87 38.64
C ILE B 67 42.88 -20.97 38.56
N ASP B 68 42.93 -20.13 37.52
CA ASP B 68 44.06 -19.26 37.27
C ASP B 68 43.63 -18.09 36.36
N GLU B 69 44.61 -17.42 35.73
CA GLU B 69 44.34 -16.28 34.85
C GLU B 69 43.58 -16.67 33.58
N LYS B 70 43.52 -17.97 33.22
CA LYS B 70 42.90 -18.30 31.92
C LYS B 70 41.88 -19.43 31.96
N SER B 71 41.42 -19.82 33.14
CA SER B 71 40.48 -20.95 33.20
C SER B 71 39.58 -20.92 34.40
N VAL B 72 38.37 -21.46 34.23
CA VAL B 72 37.35 -21.53 35.29
C VAL B 72 36.71 -22.92 35.20
N ARG B 73 36.62 -23.60 36.35
CA ARG B 73 36.07 -24.93 36.46
C ARG B 73 34.63 -24.81 36.93
N PHE B 74 33.69 -25.38 36.15
CA PHE B 74 32.25 -25.31 36.45
C PHE B 74 31.73 -26.66 36.91
N LYS B 75 30.92 -26.65 37.98
CA LYS B 75 30.25 -27.82 38.52
C LYS B 75 28.76 -27.67 38.12
N LEU B 76 28.31 -28.55 37.23
CA LEU B 76 26.98 -28.51 36.65
C LEU B 76 25.88 -29.02 37.54
N ARG B 77 24.71 -28.38 37.40
CA ARG B 77 23.48 -28.83 38.05
C ARG B 77 23.23 -30.24 37.49
N GLN B 78 22.84 -31.17 38.35
CA GLN B 78 22.61 -32.54 37.91
C GLN B 78 21.14 -32.82 37.62
N LYS B 79 20.88 -33.81 36.75
CA LYS B 79 19.53 -34.25 36.35
C LYS B 79 18.75 -33.21 35.56
N VAL B 80 19.46 -32.27 34.93
CA VAL B 80 18.83 -31.23 34.10
C VAL B 80 18.50 -31.90 32.79
N MET B 81 17.29 -31.64 32.30
CA MET B 81 16.83 -32.26 31.07
C MET B 81 16.76 -31.31 29.89
N PHE B 82 17.29 -31.76 28.74
CA PHE B 82 17.02 -31.05 27.48
C PHE B 82 15.55 -31.41 27.13
N HIS B 83 14.90 -30.64 26.27
CA HIS B 83 13.48 -30.84 25.91
C HIS B 83 13.15 -32.22 25.33
N ASP B 84 14.15 -32.91 24.77
CA ASP B 84 13.98 -34.25 24.19
C ASP B 84 14.31 -35.38 25.19
N GLY B 85 14.43 -35.05 26.47
CA GLY B 85 14.68 -36.05 27.51
C GLY B 85 16.11 -36.54 27.68
N VAL B 86 17.06 -35.83 27.08
CA VAL B 86 18.49 -36.13 27.17
C VAL B 86 19.03 -35.31 28.37
N GLU B 87 19.71 -35.98 29.32
CA GLU B 87 20.27 -35.27 30.46
C GLU B 87 21.48 -34.41 30.06
N LEU B 88 21.53 -33.17 30.60
CA LEU B 88 22.63 -32.26 30.36
C LEU B 88 23.89 -32.79 31.05
N THR B 89 25.04 -32.81 30.34
CA THR B 89 26.32 -33.21 30.92
C THR B 89 27.42 -32.23 30.49
N ALA B 90 28.65 -32.43 31.03
CA ALA B 90 29.82 -31.62 30.68
C ALA B 90 30.11 -31.63 29.18
N ASP B 91 29.81 -32.73 28.47
CA ASP B 91 30.02 -32.84 27.02
C ASP B 91 29.20 -31.79 26.24
N ASP B 92 27.98 -31.48 26.69
CA ASP B 92 27.14 -30.45 26.02
C ASP B 92 27.76 -29.07 26.22
N VAL B 93 28.23 -28.77 27.45
CA VAL B 93 28.86 -27.48 27.74
C VAL B 93 30.19 -27.37 26.95
N ALA B 94 30.98 -28.46 26.90
CA ALA B 94 32.26 -28.46 26.16
C ALA B 94 31.96 -28.19 24.67
N TYR B 95 30.97 -28.90 24.11
CA TYR B 95 30.59 -28.69 22.72
C TYR B 95 30.16 -27.23 22.44
N THR B 96 29.35 -26.64 23.35
CA THR B 96 28.86 -25.26 23.21
C THR B 96 30.05 -24.28 23.02
N PHE B 97 31.16 -24.49 23.77
CA PHE B 97 32.31 -23.57 23.70
C PHE B 97 33.49 -24.13 22.94
N SER B 98 33.22 -25.04 22.01
CA SER B 98 34.27 -25.72 21.26
C SER B 98 34.73 -24.95 20.00
N SER B 99 35.92 -25.31 19.51
CA SER B 99 36.47 -24.77 18.27
C SER B 99 35.53 -25.19 17.12
N GLU B 100 35.08 -26.47 17.12
CA GLU B 100 34.20 -27.07 16.10
C GLU B 100 32.90 -26.32 15.92
N ARG B 101 32.23 -25.98 17.03
CA ARG B 101 30.92 -25.36 17.00
C ARG B 101 30.93 -23.85 16.96
N LEU B 102 31.79 -23.23 17.77
CA LEU B 102 31.73 -21.79 17.98
C LEU B 102 32.82 -20.89 17.38
N TRP B 103 34.07 -21.03 17.82
CA TRP B 103 35.15 -20.08 17.52
C TRP B 103 36.26 -20.49 16.54
N GLY B 104 36.31 -21.75 16.13
CA GLY B 104 37.33 -22.23 15.21
C GLY B 104 37.11 -21.81 13.76
N PRO B 105 38.15 -21.94 12.92
CA PRO B 105 38.02 -21.57 11.49
C PRO B 105 36.92 -22.35 10.77
N GLU B 106 36.70 -23.57 11.24
CA GLU B 106 35.70 -24.53 10.80
C GLU B 106 34.25 -24.10 11.14
N ALA B 107 34.08 -23.23 12.15
CA ALA B 107 32.76 -22.76 12.61
C ALA B 107 32.26 -21.50 11.90
N ILE B 108 33.18 -20.77 11.19
CA ILE B 108 32.93 -19.51 10.51
C ILE B 108 31.73 -19.44 9.57
N LYS B 109 31.49 -20.49 8.76
CA LYS B 109 30.34 -20.48 7.86
C LYS B 109 29.06 -20.82 8.60
N LYS B 110 29.16 -21.58 9.70
CA LYS B 110 27.98 -21.98 10.48
C LYS B 110 27.53 -20.88 11.44
N ILE B 111 28.49 -20.22 12.11
CA ILE B 111 28.20 -19.15 13.06
C ILE B 111 29.11 -17.98 12.69
N PRO B 112 28.66 -17.08 11.78
CA PRO B 112 29.54 -15.99 11.30
C PRO B 112 30.18 -15.12 12.35
N LEU B 113 29.48 -14.89 13.48
CA LEU B 113 30.00 -14.04 14.55
C LEU B 113 30.56 -14.82 15.77
N GLY B 114 30.71 -16.14 15.60
CA GLY B 114 31.21 -17.04 16.64
C GLY B 114 32.59 -16.70 17.14
N LYS B 115 33.53 -16.41 16.23
CA LYS B 115 34.90 -16.03 16.64
C LYS B 115 34.92 -14.55 17.06
N SER B 116 34.32 -13.67 16.26
CA SER B 116 34.27 -12.23 16.46
C SER B 116 33.76 -11.83 17.87
N TYR B 117 32.65 -12.46 18.31
CA TYR B 117 32.07 -12.12 19.61
C TYR B 117 32.53 -13.04 20.74
N SER B 118 33.44 -13.97 20.48
CA SER B 118 33.88 -14.86 21.58
C SER B 118 35.18 -14.36 22.19
N LEU B 119 35.50 -14.87 23.39
CA LEU B 119 36.80 -14.63 24.00
C LEU B 119 37.84 -15.43 23.21
N ASP B 120 39.14 -15.26 23.55
CA ASP B 120 40.22 -16.01 22.91
C ASP B 120 40.21 -17.45 23.49
N PHE B 121 39.14 -18.21 23.23
CA PHE B 121 39.02 -19.52 23.83
C PHE B 121 40.02 -20.54 23.39
N ASP B 122 40.30 -21.50 24.29
CA ASP B 122 41.02 -22.71 24.00
C ASP B 122 39.93 -23.79 24.15
N GLU B 123 40.21 -25.02 23.72
CA GLU B 123 39.21 -26.08 23.80
C GLU B 123 38.84 -26.35 25.26
N PRO B 124 37.53 -26.43 25.59
CA PRO B 124 37.13 -26.77 26.97
C PRO B 124 37.65 -28.15 27.39
N VAL B 125 37.79 -28.36 28.71
CA VAL B 125 38.25 -29.65 29.25
C VAL B 125 37.12 -30.29 30.04
N VAL B 126 36.72 -31.52 29.67
CA VAL B 126 35.69 -32.25 30.42
C VAL B 126 36.44 -33.01 31.53
N GLU B 127 36.18 -32.68 32.81
CA GLU B 127 36.83 -33.39 33.94
C GLU B 127 36.08 -34.69 34.26
N ASP B 128 34.74 -34.63 34.33
CA ASP B 128 33.83 -35.74 34.56
C ASP B 128 32.44 -35.37 34.03
N LYS B 129 31.44 -36.24 34.22
CA LYS B 129 30.08 -36.05 33.75
C LYS B 129 29.49 -34.66 34.08
N TYR B 130 29.75 -34.13 35.26
CA TYR B 130 29.18 -32.85 35.67
C TYR B 130 30.24 -31.74 35.94
N THR B 131 31.47 -31.89 35.43
CA THR B 131 32.56 -30.92 35.69
C THR B 131 33.24 -30.57 34.37
N VAL B 132 33.30 -29.28 34.06
CA VAL B 132 33.89 -28.80 32.82
C VAL B 132 34.69 -27.52 33.07
N THR B 133 35.87 -27.44 32.45
CA THR B 133 36.72 -26.24 32.57
C THR B 133 36.73 -25.48 31.26
N LEU B 134 36.39 -24.18 31.32
CA LEU B 134 36.47 -23.33 30.16
C LEU B 134 37.78 -22.58 30.28
N ARG B 135 38.48 -22.44 29.14
CA ARG B 135 39.83 -21.88 29.09
C ARG B 135 39.97 -20.91 27.95
N THR B 136 40.91 -19.97 28.11
CA THR B 136 41.30 -19.05 27.08
C THR B 136 42.82 -19.32 26.79
N LYS B 137 43.27 -19.04 25.57
CA LYS B 137 44.64 -19.27 25.12
C LYS B 137 45.59 -18.23 25.71
N THR B 138 45.08 -17.05 26.01
CA THR B 138 45.78 -15.92 26.65
C THR B 138 44.99 -15.61 27.91
N PRO B 139 45.51 -14.82 28.87
CA PRO B 139 44.72 -14.54 30.09
C PRO B 139 43.37 -13.89 29.80
N SER B 140 42.36 -14.27 30.57
CA SER B 140 41.04 -13.63 30.46
C SER B 140 40.38 -13.66 31.81
N TYR B 141 40.06 -12.49 32.35
CA TYR B 141 39.31 -12.42 33.60
C TYR B 141 37.81 -12.21 33.25
N LEU B 142 37.43 -12.45 31.99
CA LEU B 142 36.07 -12.25 31.50
C LEU B 142 35.27 -13.54 31.29
N ILE B 143 35.84 -14.71 31.62
CA ILE B 143 35.14 -15.97 31.39
C ILE B 143 33.76 -16.02 32.09
N GLU B 144 33.72 -15.69 33.38
CA GLU B 144 32.50 -15.72 34.21
C GLU B 144 31.46 -14.76 33.61
N THR B 145 31.87 -13.54 33.28
CA THR B 145 31.02 -12.50 32.68
C THR B 145 30.44 -12.98 31.35
N PHE B 146 31.32 -13.59 30.53
CA PHE B 146 30.93 -14.08 29.20
C PHE B 146 29.87 -15.17 29.26
N VAL B 147 30.04 -16.13 30.20
CA VAL B 147 29.07 -17.24 30.32
C VAL B 147 27.70 -16.84 30.87
N ALA B 148 27.53 -15.55 31.20
CA ALA B 148 26.23 -15.01 31.60
C ALA B 148 25.62 -14.18 30.46
N SER B 149 26.28 -14.18 29.27
CA SER B 149 25.88 -13.35 28.11
C SER B 149 25.10 -14.12 27.06
N TRP B 150 24.59 -13.37 26.05
CA TRP B 150 23.84 -13.94 24.93
C TRP B 150 24.62 -14.82 23.98
N MET B 151 25.94 -14.90 24.16
CA MET B 151 26.78 -15.77 23.34
C MET B 151 26.91 -17.15 23.95
N SER B 152 26.40 -17.32 25.18
CA SER B 152 26.69 -18.52 25.96
CA SER B 152 26.69 -18.52 25.98
C SER B 152 25.56 -19.50 26.28
N ARG B 153 24.47 -19.46 25.50
CA ARG B 153 23.34 -20.39 25.71
C ARG B 153 23.81 -21.80 25.38
N ILE B 154 23.47 -22.77 26.25
CA ILE B 154 23.94 -24.15 26.17
C ILE B 154 23.13 -24.98 25.20
N VAL B 155 23.82 -25.57 24.21
CA VAL B 155 23.21 -26.43 23.19
C VAL B 155 23.53 -27.91 23.48
N PRO B 156 22.66 -28.84 23.05
CA PRO B 156 22.94 -30.28 23.26
C PRO B 156 23.89 -30.81 22.20
N LYS B 157 25.01 -31.42 22.61
CA LYS B 157 26.02 -31.91 21.68
C LYS B 157 25.50 -32.84 20.59
N GLU B 158 24.95 -33.99 20.99
CA GLU B 158 24.54 -35.01 20.03
C GLU B 158 23.49 -34.55 19.03
N TYR B 159 22.43 -33.91 19.54
CA TYR B 159 21.34 -33.41 18.71
C TYR B 159 21.82 -32.30 17.74
N TYR B 160 22.60 -31.33 18.24
CA TYR B 160 23.13 -30.25 17.43
C TYR B 160 24.04 -30.82 16.32
N LYS B 161 24.94 -31.77 16.66
CA LYS B 161 25.84 -32.40 15.68
C LYS B 161 25.07 -33.15 14.60
N LYS B 162 24.00 -33.88 14.99
CA LYS B 162 23.15 -34.65 14.09
C LYS B 162 22.45 -33.76 13.06
N LEU B 163 21.89 -32.63 13.51
CA LEU B 163 21.17 -31.71 12.64
C LEU B 163 22.07 -30.74 11.89
N GLY B 164 23.10 -30.25 12.56
CA GLY B 164 23.96 -29.20 12.03
C GLY B 164 23.36 -27.85 12.41
N ALA B 165 24.16 -26.78 12.40
CA ALA B 165 23.73 -25.42 12.79
C ALA B 165 22.44 -24.90 12.10
N VAL B 166 22.31 -25.10 10.77
CA VAL B 166 21.15 -24.65 9.99
C VAL B 166 19.86 -25.34 10.45
N ASP B 167 19.80 -26.69 10.36
CA ASP B 167 18.63 -27.44 10.79
C ASP B 167 18.33 -27.27 12.26
N PHE B 168 19.37 -27.16 13.12
CA PHE B 168 19.17 -26.92 14.56
C PHE B 168 18.43 -25.60 14.75
N GLY B 169 18.81 -24.59 13.97
CA GLY B 169 18.17 -23.28 14.02
C GLY B 169 16.68 -23.30 13.71
N ASN B 170 16.23 -24.32 12.97
CA ASN B 170 14.81 -24.51 12.62
C ASN B 170 14.04 -25.43 13.58
N LYS B 171 14.76 -26.24 14.38
CA LYS B 171 14.12 -27.17 15.34
C LYS B 171 15.03 -27.19 16.59
N PRO B 172 15.14 -26.06 17.31
CA PRO B 172 16.05 -26.03 18.48
C PRO B 172 15.58 -26.85 19.65
N VAL B 173 16.55 -27.36 20.42
CA VAL B 173 16.33 -28.11 21.65
C VAL B 173 17.26 -27.49 22.68
N GLY B 174 16.70 -27.11 23.82
CA GLY B 174 17.45 -26.54 24.92
C GLY B 174 16.98 -27.07 26.26
N THR B 175 17.42 -26.41 27.35
CA THR B 175 17.01 -26.78 28.71
C THR B 175 16.06 -25.77 29.31
N GLY B 176 15.73 -24.72 28.55
CA GLY B 176 14.94 -23.59 28.99
C GLY B 176 13.50 -23.84 29.41
N PRO B 177 12.89 -22.82 30.04
CA PRO B 177 11.50 -22.96 30.54
C PRO B 177 10.41 -23.16 29.47
N TYR B 178 10.71 -22.85 28.19
CA TYR B 178 9.75 -23.05 27.08
C TYR B 178 10.39 -23.84 25.97
N LYS B 179 9.66 -24.80 25.43
CA LYS B 179 10.19 -25.67 24.38
C LYS B 179 9.61 -25.33 23.01
N PHE B 180 10.37 -25.66 21.97
CA PHE B 180 9.98 -25.35 20.59
C PHE B 180 8.74 -26.07 20.10
N VAL B 181 7.81 -25.34 19.43
CA VAL B 181 6.60 -25.91 18.83
C VAL B 181 6.66 -25.71 17.33
N GLU B 182 6.80 -24.45 16.91
CA GLU B 182 6.72 -24.13 15.49
C GLU B 182 7.45 -22.85 15.11
N PHE B 183 7.99 -22.82 13.89
CA PHE B 183 8.64 -21.62 13.32
C PHE B 183 8.16 -21.45 11.90
N VAL B 184 7.29 -20.45 11.67
CA VAL B 184 6.83 -20.15 10.32
C VAL B 184 7.62 -18.90 9.94
N ALA B 185 8.66 -19.07 9.09
CA ALA B 185 9.56 -18.00 8.66
C ALA B 185 8.80 -16.75 8.22
N GLY B 186 9.21 -15.60 8.78
CA GLY B 186 8.58 -14.31 8.50
C GLY B 186 7.15 -14.19 8.96
N ASP B 187 6.70 -15.07 9.91
CA ASP B 187 5.32 -15.01 10.41
C ASP B 187 5.19 -15.18 11.93
N ARG B 188 5.45 -16.40 12.45
CA ARG B 188 5.32 -16.64 13.88
C ARG B 188 6.27 -17.69 14.41
N VAL B 189 6.54 -17.60 15.73
CA VAL B 189 7.24 -18.63 16.48
C VAL B 189 6.28 -19.02 17.61
N VAL B 190 6.10 -20.33 17.82
CA VAL B 190 5.28 -20.82 18.92
C VAL B 190 6.17 -21.67 19.82
N LEU B 191 6.08 -21.41 21.14
CA LEU B 191 6.76 -22.21 22.17
C LEU B 191 5.70 -22.72 23.16
N GLU B 192 6.01 -23.77 23.95
CA GLU B 192 5.08 -24.30 24.96
C GLU B 192 5.82 -24.56 26.27
N ALA B 193 5.11 -24.54 27.40
CA ALA B 193 5.68 -24.75 28.72
C ALA B 193 6.49 -26.04 28.81
N ASN B 194 7.74 -25.91 29.26
CA ASN B 194 8.59 -27.05 29.53
C ASN B 194 8.35 -27.34 31.02
N ASP B 195 7.45 -28.28 31.33
CA ASP B 195 7.15 -28.59 32.73
C ASP B 195 8.20 -29.43 33.46
N ALA B 196 9.24 -29.88 32.73
CA ALA B 196 10.39 -30.59 33.29
C ALA B 196 11.47 -29.56 33.66
N TYR B 197 11.16 -28.27 33.56
CA TYR B 197 12.17 -27.24 33.87
C TYR B 197 12.77 -27.32 35.28
N TRP B 198 14.11 -27.16 35.37
N TRP B 198 14.09 -27.09 35.41
CA TRP B 198 14.89 -27.23 36.61
CA TRP B 198 14.77 -26.99 36.70
C TRP B 198 14.63 -26.05 37.54
C TRP B 198 14.52 -25.51 37.04
N GLY B 199 14.32 -24.88 36.97
N GLY B 199 14.38 -25.13 38.30
CA GLY B 199 14.09 -23.65 37.73
CA GLY B 199 14.13 -23.71 38.56
C GLY B 199 12.63 -23.33 37.98
C GLY B 199 12.65 -23.32 38.50
N PRO B 200 12.28 -22.04 38.23
CA PRO B 200 10.86 -21.65 38.36
C PRO B 200 9.96 -22.18 37.24
N LYS B 201 8.87 -22.86 37.60
CA LYS B 201 7.96 -23.44 36.62
C LYS B 201 7.37 -22.40 35.66
N PRO B 202 7.36 -22.66 34.33
CA PRO B 202 6.73 -21.69 33.40
C PRO B 202 5.27 -21.43 33.76
N THR B 203 4.84 -20.16 33.63
CA THR B 203 3.49 -19.76 34.03
C THR B 203 2.51 -19.62 32.87
N ALA B 204 3.00 -19.67 31.61
CA ALA B 204 2.15 -19.58 30.42
C ALA B 204 2.13 -20.96 29.78
N SER B 205 0.95 -21.40 29.30
CA SER B 205 0.82 -22.71 28.66
C SER B 205 1.59 -22.73 27.31
N LYS B 206 1.57 -21.59 26.61
CA LYS B 206 2.18 -21.39 25.31
C LYS B 206 2.59 -19.93 25.13
N ILE B 207 3.54 -19.69 24.25
CA ILE B 207 3.96 -18.32 23.89
C ILE B 207 3.99 -18.24 22.37
N THR B 208 3.27 -17.26 21.79
CA THR B 208 3.28 -17.02 20.35
C THR B 208 3.92 -15.67 20.13
N TYR B 209 4.95 -15.65 19.28
CA TYR B 209 5.61 -14.43 18.83
C TYR B 209 5.06 -14.21 17.42
N GLN B 210 4.08 -13.32 17.29
CA GLN B 210 3.43 -13.03 16.01
C GLN B 210 3.94 -11.73 15.43
N ILE B 211 4.47 -11.79 14.19
CA ILE B 211 4.96 -10.57 13.53
C ILE B 211 3.75 -9.72 13.15
N VAL B 212 3.80 -8.45 13.54
CA VAL B 212 2.85 -7.40 13.16
C VAL B 212 3.80 -6.25 12.78
N ALA B 213 4.13 -6.18 11.48
CA ALA B 213 5.16 -5.27 10.95
C ALA B 213 5.08 -3.79 11.29
N GLU B 214 3.88 -3.19 11.18
CA GLU B 214 3.73 -1.75 11.44
C GLU B 214 3.34 -1.46 12.89
N PRO B 215 4.00 -0.48 13.56
CA PRO B 215 3.65 -0.16 14.96
C PRO B 215 2.20 0.23 15.21
N ALA B 216 1.56 0.98 14.26
CA ALA B 216 0.17 1.37 14.42
C ALA B 216 -0.75 0.15 14.42
N THR B 217 -0.40 -0.90 13.61
CA THR B 217 -1.17 -2.15 13.52
C THR B 217 -1.00 -2.99 14.80
N ARG B 218 0.22 -2.98 15.36
CA ARG B 218 0.60 -3.66 16.59
C ARG B 218 -0.24 -3.04 17.73
N VAL B 219 -0.25 -1.68 17.82
CA VAL B 219 -1.03 -0.92 18.80
C VAL B 219 -2.53 -1.25 18.70
N ALA B 220 -3.09 -1.21 17.47
CA ALA B 220 -4.49 -1.54 17.19
C ALA B 220 -4.81 -2.97 17.64
N GLY B 221 -3.84 -3.89 17.47
CA GLY B 221 -3.97 -5.28 17.89
C GLY B 221 -4.13 -5.42 19.38
N LEU B 222 -3.34 -4.64 20.19
CA LEU B 222 -3.46 -4.61 21.65
C LEU B 222 -4.83 -4.06 22.06
N ILE B 223 -5.25 -2.93 21.43
CA ILE B 223 -6.54 -2.33 21.75
C ILE B 223 -7.70 -3.27 21.34
N SER B 224 -7.52 -4.07 20.25
CA SER B 224 -8.53 -5.04 19.77
C SER B 224 -8.60 -6.32 20.64
N GLY B 225 -7.69 -6.45 21.60
CA GLY B 225 -7.61 -7.60 22.50
C GLY B 225 -6.95 -8.83 21.89
N GLU B 226 -6.19 -8.64 20.81
CA GLU B 226 -5.50 -9.73 20.08
C GLU B 226 -4.15 -10.12 20.69
N TYR B 227 -3.51 -9.19 21.43
CA TYR B 227 -2.21 -9.43 22.09
C TYR B 227 -2.22 -9.09 23.57
N ASP B 228 -1.38 -9.78 24.33
CA ASP B 228 -1.20 -9.52 25.76
C ASP B 228 -0.10 -8.48 25.95
N ILE B 229 0.97 -8.58 25.14
CA ILE B 229 2.12 -7.66 25.15
C ILE B 229 2.52 -7.39 23.71
N ILE B 230 2.87 -6.14 23.42
CA ILE B 230 3.38 -5.72 22.12
C ILE B 230 4.73 -5.05 22.31
N THR B 231 5.65 -5.24 21.36
CA THR B 231 7.02 -4.71 21.45
C THR B 231 7.23 -3.55 20.47
N THR B 232 8.43 -2.93 20.56
CA THR B 232 8.94 -1.98 19.59
C THR B 232 8.09 -0.75 19.38
N LEU B 233 7.77 -0.08 20.48
CA LEU B 233 7.03 1.18 20.44
C LEU B 233 8.01 2.29 20.83
N THR B 234 7.55 3.54 20.79
CA THR B 234 8.40 4.66 21.17
C THR B 234 7.64 5.55 22.18
N PRO B 235 8.28 6.55 22.84
CA PRO B 235 7.55 7.46 23.74
C PRO B 235 6.35 8.16 23.09
N ASP B 236 6.29 8.21 21.73
CA ASP B 236 5.16 8.79 20.97
C ASP B 236 3.86 8.01 21.16
N ASP B 237 3.94 6.70 21.54
CA ASP B 237 2.82 5.78 21.75
C ASP B 237 2.21 5.81 23.17
N ILE B 238 2.91 6.43 24.12
CA ILE B 238 2.51 6.51 25.54
C ILE B 238 1.12 7.17 25.78
N GLN B 239 0.89 8.37 25.21
CA GLN B 239 -0.36 9.09 25.38
C GLN B 239 -1.60 8.25 25.02
N LEU B 240 -1.61 7.66 23.81
CA LEU B 240 -2.75 6.86 23.37
C LEU B 240 -2.99 5.58 24.20
N ILE B 241 -1.95 4.81 24.46
CA ILE B 241 -2.11 3.51 25.16
C ILE B 241 -2.56 3.65 26.61
N ASN B 242 -1.95 4.59 27.36
CA ASN B 242 -2.23 4.86 28.77
C ASN B 242 -3.60 5.43 29.05
N SER B 243 -4.32 5.90 27.98
CA SER B 243 -5.68 6.43 28.12
CA SER B 243 -5.69 6.42 28.10
C SER B 243 -6.66 5.27 28.35
N TYR B 244 -6.27 4.03 27.99
CA TYR B 244 -7.09 2.84 28.16
C TYR B 244 -7.05 2.30 29.58
N PRO B 245 -8.20 2.13 30.27
CA PRO B 245 -8.16 1.62 31.66
C PRO B 245 -7.46 0.27 31.85
N ASP B 246 -7.53 -0.62 30.86
CA ASP B 246 -6.98 -1.97 30.97
C ASP B 246 -5.58 -2.16 30.34
N LEU B 247 -5.00 -1.10 29.77
CA LEU B 247 -3.70 -1.18 29.10
C LEU B 247 -2.72 -0.18 29.67
N GLU B 248 -1.42 -0.43 29.47
CA GLU B 248 -0.40 0.52 29.87
C GLU B 248 0.88 0.29 29.09
N THR B 249 1.75 1.31 29.05
CA THR B 249 3.08 1.12 28.47
C THR B 249 4.00 0.77 29.60
N ARG B 250 5.08 0.05 29.26
CA ARG B 250 6.14 -0.36 30.19
C ARG B 250 7.43 -0.11 29.44
N GLY B 251 8.19 0.85 29.93
CA GLY B 251 9.45 1.20 29.29
C GLY B 251 10.68 1.09 30.17
N THR B 252 11.81 1.15 29.51
CA THR B 252 13.11 1.09 30.16
C THR B 252 14.22 1.54 29.24
N LEU B 253 15.28 2.08 29.83
CA LEU B 253 16.48 2.37 29.07
C LEU B 253 17.08 1.01 28.78
N ILE B 254 17.68 0.81 27.60
CA ILE B 254 18.30 -0.50 27.33
C ILE B 254 19.82 -0.37 27.15
N GLU B 255 20.54 -1.49 27.36
CA GLU B 255 21.99 -1.51 27.23
C GLU B 255 22.37 -1.61 25.77
N ASN B 256 22.32 -0.44 25.13
CA ASN B 256 22.53 -0.30 23.71
C ASN B 256 22.76 1.19 23.48
N PHE B 257 23.45 1.55 22.39
CA PHE B 257 23.51 2.96 22.03
C PHE B 257 23.28 3.12 20.54
N HIS B 258 22.56 4.17 20.18
CA HIS B 258 22.38 4.54 18.79
C HIS B 258 23.58 5.44 18.45
N MET B 259 24.04 5.34 17.20
CA MET B 259 25.15 6.16 16.74
C MET B 259 25.03 6.41 15.23
N PHE B 260 25.95 7.22 14.72
CA PHE B 260 26.21 7.33 13.29
C PHE B 260 27.70 7.11 13.11
N THR B 261 28.07 6.61 11.94
CA THR B 261 29.46 6.27 11.66
C THR B 261 29.80 6.58 10.22
N PHE B 262 31.04 6.30 9.84
CA PHE B 262 31.60 6.71 8.56
C PHE B 262 32.28 5.59 7.79
N ASN B 263 32.30 5.71 6.48
CA ASN B 263 33.10 4.84 5.64
C ASN B 263 34.40 5.63 5.50
N MET B 264 35.38 5.29 6.32
CA MET B 264 36.68 5.96 6.36
C MET B 264 37.62 5.58 5.20
N ASN B 265 37.13 4.73 4.26
CA ASN B 265 37.83 4.43 3.01
C ASN B 265 37.55 5.56 2.01
N GLN B 266 36.50 6.36 2.27
CA GLN B 266 36.15 7.51 1.41
C GLN B 266 37.11 8.67 1.72
N GLU B 267 37.57 9.36 0.67
CA GLU B 267 38.52 10.48 0.78
C GLU B 267 38.18 11.50 1.88
N VAL B 268 36.93 11.99 1.90
CA VAL B 268 36.41 12.99 2.83
C VAL B 268 36.46 12.55 4.33
N PHE B 269 36.47 11.23 4.59
CA PHE B 269 36.50 10.71 5.95
C PHE B 269 37.77 9.99 6.36
N LYS B 270 38.83 10.00 5.54
CA LYS B 270 40.11 9.34 5.87
C LYS B 270 40.75 9.98 7.11
N ASP B 271 40.72 11.32 7.18
CA ASP B 271 41.26 12.07 8.31
C ASP B 271 40.12 12.39 9.30
N LYS B 272 40.47 12.69 10.55
CA LYS B 272 39.46 12.94 11.59
C LYS B 272 38.75 14.30 11.54
N LYS B 273 39.24 15.27 10.76
CA LYS B 273 38.71 16.64 10.75
C LYS B 273 37.21 16.78 10.53
N LEU B 274 36.70 16.28 9.41
CA LEU B 274 35.26 16.39 9.15
C LEU B 274 34.45 15.50 10.06
N ARG B 275 35.00 14.34 10.45
CA ARG B 275 34.30 13.44 11.37
C ARG B 275 34.04 14.18 12.69
N ARG B 276 35.08 14.85 13.19
CA ARG B 276 35.03 15.65 14.42
C ARG B 276 34.08 16.84 14.30
N ALA B 277 34.12 17.56 13.14
CA ALA B 277 33.23 18.71 12.89
C ALA B 277 31.78 18.28 13.02
N LEU B 278 31.43 17.15 12.37
CA LEU B 278 30.08 16.60 12.39
C LEU B 278 29.67 16.20 13.80
N ALA B 279 30.60 15.55 14.54
CA ALA B 279 30.37 15.11 15.93
C ALA B 279 30.13 16.31 16.85
N LEU B 280 30.95 17.36 16.72
CA LEU B 280 30.87 18.54 17.58
C LEU B 280 29.61 19.39 17.39
N ALA B 281 28.89 19.24 16.26
CA ALA B 281 27.66 19.97 15.94
C ALA B 281 26.37 19.22 16.40
N VAL B 282 26.53 18.01 16.95
CA VAL B 282 25.36 17.23 17.39
C VAL B 282 24.87 17.72 18.73
N ASN B 283 23.67 18.34 18.73
CA ASN B 283 23.01 18.83 19.92
C ASN B 283 22.15 17.67 20.46
N ARG B 284 22.75 16.81 21.30
CA ARG B 284 22.04 15.65 21.86
C ARG B 284 20.88 16.02 22.79
N PRO B 285 21.03 16.99 23.73
CA PRO B 285 19.90 17.32 24.62
C PRO B 285 18.61 17.73 23.89
N ILE B 286 18.72 18.47 22.75
CA ILE B 286 17.52 18.84 21.99
C ILE B 286 16.85 17.62 21.33
N MET B 287 17.68 16.66 20.86
CA MET B 287 17.16 15.44 20.24
C MET B 287 16.44 14.60 21.26
N VAL B 288 17.03 14.48 22.46
CA VAL B 288 16.46 13.68 23.56
C VAL B 288 15.12 14.27 24.05
N GLU B 289 15.06 15.58 24.19
CA GLU B 289 13.83 16.25 24.58
C GLU B 289 12.79 16.18 23.45
N ALA B 290 13.17 16.53 22.21
CA ALA B 290 12.24 16.61 21.07
C ALA B 290 11.66 15.32 20.61
N LEU B 291 12.48 14.27 20.51
CA LEU B 291 12.10 12.97 19.98
C LEU B 291 11.77 11.92 21.00
N TRP B 292 12.49 11.91 22.14
CA TRP B 292 12.37 10.87 23.15
C TRP B 292 11.59 11.24 24.41
N LYS B 293 11.05 12.46 24.47
CA LYS B 293 10.30 12.96 25.64
C LYS B 293 11.19 12.95 26.89
N LYS B 294 12.51 13.22 26.70
CA LYS B 294 13.57 13.19 27.72
C LYS B 294 13.76 11.80 28.35
N GLN B 295 13.27 10.72 27.67
CA GLN B 295 13.39 9.36 28.22
C GLN B 295 14.66 8.61 27.82
N ALA B 296 15.30 9.02 26.71
CA ALA B 296 16.59 8.44 26.30
C ALA B 296 17.68 9.04 27.22
N SER B 297 18.83 8.37 27.30
CA SER B 297 19.91 8.86 28.17
C SER B 297 21.17 9.18 27.35
N ILE B 298 21.84 10.28 27.66
CA ILE B 298 23.06 10.65 26.97
C ILE B 298 24.24 10.13 27.81
N PRO B 299 25.05 9.20 27.31
CA PRO B 299 26.17 8.70 28.13
C PRO B 299 27.36 9.65 28.09
N ALA B 300 28.20 9.61 29.14
CA ALA B 300 29.44 10.39 29.13
C ALA B 300 30.48 9.47 28.45
N GLY B 301 30.39 9.39 27.11
CA GLY B 301 31.27 8.59 26.28
C GLY B 301 30.86 7.14 26.07
N PHE B 302 31.80 6.32 25.57
CA PHE B 302 31.58 4.89 25.30
C PHE B 302 31.70 4.19 26.67
N ASN B 303 30.67 4.43 27.51
CA ASN B 303 30.72 4.20 28.94
C ASN B 303 29.30 4.09 29.47
N PHE B 304 28.90 2.90 29.91
CA PHE B 304 27.52 2.60 30.33
C PHE B 304 27.45 1.90 31.68
N PRO B 305 26.37 2.16 32.48
CA PRO B 305 26.27 1.57 33.83
C PRO B 305 26.42 0.05 33.94
N ASN B 306 25.97 -0.70 32.90
CA ASN B 306 26.10 -2.16 32.91
C ASN B 306 27.56 -2.62 32.87
N TYR B 307 28.52 -1.71 32.60
CA TYR B 307 29.95 -2.12 32.61
C TYR B 307 30.43 -2.44 34.05
N GLY B 308 29.68 -2.02 35.05
CA GLY B 308 29.95 -2.29 36.47
C GLY B 308 31.28 -1.74 36.93
N GLU B 309 32.28 -2.63 37.15
CA GLU B 309 33.61 -2.19 37.59
C GLU B 309 34.33 -1.29 36.58
N THR B 310 33.96 -1.42 35.28
CA THR B 310 34.54 -0.63 34.20
C THR B 310 33.63 0.51 33.70
N PHE B 311 32.61 0.85 34.50
CA PHE B 311 31.79 2.03 34.23
C PHE B 311 32.45 3.17 35.02
N ASP B 312 32.68 4.34 34.39
CA ASP B 312 33.22 5.51 35.08
C ASP B 312 32.02 6.45 35.27
N PRO B 313 31.49 6.57 36.52
CA PRO B 313 30.27 7.36 36.72
C PRO B 313 30.41 8.88 36.61
N LYS B 314 31.66 9.35 36.53
CA LYS B 314 31.90 10.79 36.48
C LYS B 314 32.81 11.23 35.34
N ARG B 315 32.79 10.51 34.20
CA ARG B 315 33.56 10.93 33.03
C ARG B 315 33.00 12.26 32.54
N LYS B 316 33.82 13.06 31.86
CA LYS B 316 33.40 14.32 31.28
C LYS B 316 32.41 14.06 30.15
N ALA B 317 31.43 14.96 29.98
CA ALA B 317 30.43 14.85 28.92
C ALA B 317 31.10 14.93 27.56
N MET B 318 30.49 14.27 26.56
CA MET B 318 30.95 14.33 25.17
C MET B 318 30.71 15.77 24.71
N GLU B 319 31.71 16.35 24.04
CA GLU B 319 31.76 17.74 23.64
C GLU B 319 30.74 18.19 22.62
N TYR B 320 30.19 19.38 22.83
CA TYR B 320 29.25 20.04 21.94
C TYR B 320 29.83 21.44 21.75
N ASN B 321 30.29 21.73 20.52
CA ASN B 321 30.97 23.01 20.25
C ASN B 321 30.77 23.40 18.79
N VAL B 322 29.72 24.19 18.53
CA VAL B 322 29.34 24.65 17.19
C VAL B 322 30.47 25.52 16.57
N GLU B 323 31.09 26.39 17.37
CA GLU B 323 32.15 27.27 16.89
C GLU B 323 33.37 26.49 16.39
N GLU B 324 33.78 25.45 17.15
CA GLU B 324 34.90 24.58 16.78
C GLU B 324 34.51 23.77 15.55
N ALA B 325 33.24 23.32 15.48
CA ALA B 325 32.73 22.53 14.35
C ALA B 325 32.86 23.35 13.06
N LYS B 326 32.40 24.62 13.08
CA LYS B 326 32.50 25.51 11.92
C LYS B 326 33.94 25.66 11.47
N ARG B 327 34.89 25.84 12.42
CA ARG B 327 36.31 25.97 12.11
C ARG B 327 36.81 24.73 11.40
N LEU B 328 36.47 23.52 11.94
CA LEU B 328 36.95 22.26 11.39
C LEU B 328 36.43 22.03 9.98
N VAL B 329 35.18 22.46 9.70
CA VAL B 329 34.61 22.36 8.36
C VAL B 329 35.50 23.14 7.39
N LYS B 330 35.78 24.40 7.72
CA LYS B 330 36.59 25.32 6.93
C LYS B 330 38.02 24.78 6.73
N GLU B 331 38.65 24.29 7.82
CA GLU B 331 39.99 23.72 7.82
C GLU B 331 40.13 22.43 7.02
N SER B 332 39.05 21.62 6.95
CA SER B 332 39.06 20.34 6.22
C SER B 332 39.06 20.62 4.71
N GLY B 333 39.21 19.57 3.91
CA GLY B 333 39.14 19.75 2.46
C GLY B 333 37.74 19.97 1.92
N TYR B 334 36.68 19.84 2.78
CA TYR B 334 35.26 19.94 2.42
C TYR B 334 34.85 21.07 1.46
N ASP B 335 34.39 20.68 0.24
CA ASP B 335 34.01 21.59 -0.84
C ASP B 335 32.51 21.94 -0.96
N GLY B 336 31.67 21.39 -0.10
CA GLY B 336 30.24 21.67 -0.15
C GLY B 336 29.43 20.61 -0.88
N THR B 337 30.11 19.58 -1.45
CA THR B 337 29.45 18.48 -2.15
C THR B 337 28.54 17.72 -1.16
N PRO B 338 27.30 17.34 -1.54
CA PRO B 338 26.44 16.61 -0.60
C PRO B 338 27.04 15.27 -0.14
N ILE B 339 26.94 14.99 1.17
CA ILE B 339 27.41 13.75 1.78
C ILE B 339 26.17 12.92 2.12
N THR B 340 26.13 11.66 1.64
CA THR B 340 24.97 10.81 1.91
C THR B 340 25.04 10.21 3.31
N TYR B 341 23.86 9.94 3.89
CA TYR B 341 23.70 9.28 5.19
C TYR B 341 22.66 8.19 4.94
N HIS B 342 23.11 6.93 4.95
CA HIS B 342 22.24 5.77 4.68
C HIS B 342 21.53 5.29 5.92
N THR B 343 20.21 5.05 5.78
CA THR B 343 19.36 4.54 6.86
C THR B 343 18.36 3.51 6.30
N MET B 344 18.13 2.42 7.03
CA MET B 344 17.14 1.42 6.63
C MET B 344 15.82 1.88 7.26
N GLY B 345 15.30 3.01 6.78
CA GLY B 345 14.12 3.66 7.32
C GLY B 345 14.28 3.89 8.82
N ASN B 346 13.26 3.49 9.60
CA ASN B 346 13.29 3.61 11.06
C ASN B 346 13.58 2.31 11.78
N TYR B 347 14.50 1.49 11.21
CA TYR B 347 14.96 0.24 11.83
C TYR B 347 15.41 0.56 13.26
N TYR B 348 16.14 1.69 13.43
CA TYR B 348 16.51 2.26 14.73
C TYR B 348 15.41 3.25 15.01
N ALA B 349 14.76 3.15 16.18
CA ALA B 349 13.65 4.07 16.52
C ALA B 349 14.10 5.54 16.38
N ASN B 350 13.24 6.39 15.79
CA ASN B 350 13.53 7.80 15.56
C ASN B 350 14.72 8.10 14.64
N ALA B 351 15.20 7.10 13.83
CA ALA B 351 16.35 7.31 12.92
C ALA B 351 16.13 8.42 11.93
N MET B 352 14.99 8.41 11.22
CA MET B 352 14.71 9.45 10.22
C MET B 352 14.45 10.83 10.84
N PRO B 353 13.59 11.01 11.88
CA PRO B 353 13.47 12.34 12.51
C PRO B 353 14.77 12.81 13.15
N ALA B 354 15.57 11.86 13.74
CA ALA B 354 16.88 12.22 14.31
C ALA B 354 17.79 12.79 13.22
N LEU B 355 17.82 12.12 12.05
CA LEU B 355 18.61 12.58 10.91
C LEU B 355 18.13 13.92 10.40
N MET B 356 16.80 14.14 10.31
CA MET B 356 16.23 15.43 9.88
C MET B 356 16.78 16.55 10.77
N MET B 357 16.77 16.34 12.11
CA MET B 357 17.29 17.31 13.09
C MET B 357 18.79 17.57 12.89
N MET B 358 19.57 16.49 12.71
CA MET B 358 21.02 16.62 12.49
C MET B 358 21.37 17.28 11.17
N ILE B 359 20.61 16.97 10.08
CA ILE B 359 20.82 17.62 8.78
C ILE B 359 20.76 19.15 8.95
N GLU B 360 19.84 19.67 9.79
CA GLU B 360 19.76 21.12 10.04
C GLU B 360 20.95 21.62 10.84
N MET B 361 21.37 20.87 11.88
CA MET B 361 22.53 21.22 12.70
C MET B 361 23.78 21.29 11.81
N TRP B 362 23.90 20.35 10.85
CA TRP B 362 25.04 20.28 9.91
C TRP B 362 24.98 21.37 8.85
N LYS B 363 23.75 21.70 8.39
CA LYS B 363 23.57 22.80 7.43
C LYS B 363 24.15 24.09 8.06
N GLN B 364 23.88 24.31 9.36
CA GLN B 364 24.34 25.50 10.10
C GLN B 364 25.85 25.63 10.23
N ILE B 365 26.61 24.50 10.13
CA ILE B 365 28.06 24.56 10.19
C ILE B 365 28.70 24.53 8.80
N GLY B 366 27.87 24.45 7.76
CA GLY B 366 28.31 24.45 6.37
C GLY B 366 28.47 23.09 5.70
N VAL B 367 27.84 22.03 6.23
CA VAL B 367 27.94 20.69 5.64
C VAL B 367 26.58 20.28 5.09
N ASN B 368 26.54 19.87 3.81
CA ASN B 368 25.31 19.42 3.16
C ASN B 368 25.20 17.90 3.26
N VAL B 369 24.30 17.41 4.14
CA VAL B 369 24.04 15.99 4.38
C VAL B 369 22.67 15.65 3.83
N VAL B 370 22.59 14.53 3.10
CA VAL B 370 21.39 14.08 2.42
C VAL B 370 21.01 12.67 2.82
N MET B 371 19.72 12.44 3.15
CA MET B 371 19.26 11.11 3.51
C MET B 371 19.17 10.22 2.28
N LYS B 372 19.57 8.96 2.45
CA LYS B 372 19.50 7.90 1.47
C LYS B 372 18.89 6.69 2.18
N THR B 373 17.64 6.34 1.83
CA THR B 373 16.94 5.20 2.43
C THR B 373 17.12 3.93 1.59
N TYR B 374 17.33 2.80 2.25
CA TYR B 374 17.46 1.49 1.61
C TYR B 374 16.53 0.47 2.28
N ALA B 375 16.10 -0.51 1.50
CA ALA B 375 15.20 -1.57 1.94
C ALA B 375 16.00 -2.67 2.66
N PRO B 376 15.36 -3.48 3.56
CA PRO B 376 16.11 -4.60 4.17
C PRO B 376 16.70 -5.51 3.08
N GLY B 377 17.94 -5.96 3.30
CA GLY B 377 18.65 -6.81 2.36
C GLY B 377 19.21 -6.08 1.15
N SER B 378 19.06 -4.75 1.13
CA SER B 378 19.56 -3.91 0.04
C SER B 378 20.59 -2.85 0.48
N PHE B 379 21.40 -3.16 1.52
CA PHE B 379 22.48 -2.25 1.92
C PHE B 379 23.38 -2.14 0.68
N PRO B 380 23.73 -0.92 0.21
CA PRO B 380 24.51 -0.81 -1.03
C PRO B 380 25.96 -1.28 -0.87
N PRO B 381 26.73 -1.47 -1.97
CA PRO B 381 28.16 -1.80 -1.81
C PRO B 381 28.84 -0.72 -0.94
N ASP B 382 29.75 -1.12 -0.01
CA ASP B 382 30.44 -0.21 0.90
C ASP B 382 30.92 1.10 0.27
N ASN B 383 31.53 1.05 -0.96
CA ASN B 383 32.07 2.22 -1.66
C ASN B 383 31.00 3.22 -2.17
N GLN B 384 29.71 2.87 -2.00
CA GLN B 384 28.58 3.75 -2.35
C GLN B 384 28.04 4.43 -1.09
N THR B 385 28.67 4.18 0.08
CA THR B 385 28.24 4.77 1.34
C THR B 385 29.29 5.69 1.93
N TRP B 386 28.81 6.72 2.62
CA TRP B 386 29.65 7.70 3.28
C TRP B 386 29.27 7.65 4.75
N MET B 387 28.23 8.39 5.16
CA MET B 387 27.73 8.34 6.54
C MET B 387 26.60 7.27 6.62
N ARG B 388 26.48 6.60 7.78
CA ARG B 388 25.39 5.63 8.01
C ARG B 388 25.08 5.57 9.51
N ASN B 389 23.85 5.16 9.86
CA ASN B 389 23.53 5.01 11.28
C ASN B 389 23.79 3.58 11.67
N TRP B 390 23.89 3.34 12.97
CA TRP B 390 24.19 2.02 13.50
C TRP B 390 23.82 2.02 14.98
N SER B 391 23.92 0.86 15.62
CA SER B 391 23.70 0.73 17.05
C SER B 391 24.54 -0.42 17.51
N ASN B 392 24.83 -0.47 18.80
CA ASN B 392 25.55 -1.62 19.35
C ASN B 392 24.89 -1.97 20.65
N GLY B 393 24.46 -3.24 20.79
CA GLY B 393 23.97 -3.78 22.05
C GLY B 393 25.16 -4.00 22.96
N GLN B 394 25.13 -3.45 24.20
CA GLN B 394 26.26 -3.57 25.16
C GLN B 394 26.04 -4.86 25.95
N TRP B 395 26.45 -5.95 25.35
CA TRP B 395 26.11 -7.31 25.77
C TRP B 395 26.85 -7.99 26.92
N MET B 396 27.87 -7.34 27.50
CA MET B 396 28.58 -7.88 28.67
C MET B 396 28.37 -6.96 29.84
N THR B 397 28.45 -7.49 31.05
CA THR B 397 28.43 -6.66 32.25
C THR B 397 29.89 -6.24 32.53
N ASP B 398 30.55 -5.69 31.48
CA ASP B 398 31.95 -5.27 31.47
C ASP B 398 32.17 -4.41 30.25
N ALA B 399 33.14 -3.46 30.29
CA ALA B 399 33.42 -2.56 29.15
C ALA B 399 34.03 -3.23 27.92
N TYR B 400 34.47 -4.49 28.01
CA TYR B 400 35.05 -5.18 26.85
C TYR B 400 34.15 -5.07 25.61
N ALA B 401 32.82 -5.32 25.77
CA ALA B 401 31.86 -5.18 24.66
C ALA B 401 31.20 -3.80 24.74
N THR B 402 31.05 -3.06 23.62
CA THR B 402 31.43 -3.49 22.26
C THR B 402 32.68 -2.79 21.74
N ILE B 403 33.33 -1.93 22.58
CA ILE B 403 34.50 -1.21 22.10
C ILE B 403 35.59 -2.13 21.52
N VAL B 404 35.91 -3.25 22.17
CA VAL B 404 36.96 -4.10 21.65
C VAL B 404 36.48 -4.91 20.42
N PRO B 405 35.43 -5.76 20.48
CA PRO B 405 35.05 -6.53 19.27
C PRO B 405 34.67 -5.71 18.04
N GLU B 406 34.01 -4.53 18.22
CA GLU B 406 33.58 -3.70 17.08
C GLU B 406 34.61 -2.67 16.65
N PHE B 407 35.22 -1.97 17.62
CA PHE B 407 36.13 -0.86 17.31
C PHE B 407 37.62 -1.19 17.46
N GLY B 408 37.92 -2.40 17.94
CA GLY B 408 39.28 -2.85 18.13
C GLY B 408 39.99 -3.29 16.87
N PRO B 409 41.28 -3.71 16.99
CA PRO B 409 42.06 -4.08 15.78
C PRO B 409 41.52 -5.24 14.95
N ASN B 410 40.73 -6.13 15.58
CA ASN B 410 40.12 -7.28 14.89
C ASN B 410 38.71 -7.00 14.37
N GLY B 411 38.20 -5.80 14.66
CA GLY B 411 36.83 -5.42 14.33
C GLY B 411 36.59 -4.85 12.94
N GLN B 412 35.32 -4.74 12.56
CA GLN B 412 34.93 -4.25 11.24
C GLN B 412 35.18 -2.76 11.01
N VAL B 413 35.10 -1.92 12.05
CA VAL B 413 35.29 -0.48 11.92
C VAL B 413 36.70 -0.19 11.36
N GLN B 414 37.71 -0.95 11.83
CA GLN B 414 39.07 -0.79 11.32
C GLN B 414 39.31 -1.59 10.05
N LYS B 415 38.90 -2.88 10.04
CA LYS B 415 39.16 -3.81 8.93
C LYS B 415 38.32 -3.67 7.67
N ARG B 416 37.04 -3.34 7.83
CA ARG B 416 36.15 -3.17 6.68
C ARG B 416 35.94 -1.69 6.38
N TRP B 417 35.75 -0.90 7.42
CA TRP B 417 35.41 0.51 7.28
C TRP B 417 36.56 1.53 7.24
N GLY B 418 37.81 1.02 7.27
CA GLY B 418 39.00 1.83 7.10
C GLY B 418 39.45 2.76 8.21
N TRP B 419 38.97 2.57 9.45
CA TRP B 419 39.47 3.42 10.55
C TRP B 419 40.92 3.08 10.85
N LYS B 420 41.81 4.04 10.64
CA LYS B 420 43.23 3.89 10.92
C LYS B 420 43.44 4.36 12.35
N ALA B 421 43.10 3.48 13.30
CA ALA B 421 43.18 3.80 14.72
C ALA B 421 44.62 4.07 15.16
N PRO B 422 44.83 5.03 16.08
CA PRO B 422 46.18 5.25 16.62
C PRO B 422 46.68 3.95 17.27
N ALA B 423 47.97 3.65 17.10
CA ALA B 423 48.58 2.42 17.62
C ALA B 423 48.27 2.23 19.11
N GLU B 424 48.27 3.34 19.88
CA GLU B 424 48.01 3.31 21.33
C GLU B 424 46.60 2.73 21.60
N PHE B 425 45.60 3.09 20.78
CA PHE B 425 44.25 2.56 20.95
C PHE B 425 44.24 1.02 20.85
N ASN B 426 44.94 0.46 19.83
CA ASN B 426 45.01 -0.99 19.62
C ASN B 426 45.79 -1.72 20.71
N GLU B 427 46.84 -1.09 21.21
CA GLU B 427 47.67 -1.62 22.30
C GLU B 427 46.80 -1.74 23.56
N LEU B 428 45.98 -0.70 23.85
CA LEU B 428 45.07 -0.72 25.01
C LEU B 428 43.95 -1.75 24.87
N CYS B 429 43.42 -1.96 23.63
CA CYS B 429 42.40 -3.00 23.39
C CYS B 429 42.96 -4.36 23.82
N GLN B 430 44.22 -4.62 23.45
CA GLN B 430 44.84 -5.91 23.83
C GLN B 430 44.95 -6.02 25.35
N LYS B 431 45.44 -4.93 26.01
CA LYS B 431 45.62 -4.91 27.47
C LYS B 431 44.31 -5.16 28.23
N VAL B 432 43.21 -4.46 27.86
CA VAL B 432 41.95 -4.65 28.58
C VAL B 432 41.38 -6.03 28.39
N THR B 433 41.72 -6.69 27.26
CA THR B 433 41.26 -8.08 27.00
C THR B 433 41.86 -9.06 28.01
N VAL B 434 43.15 -8.86 28.39
CA VAL B 434 43.90 -9.78 29.23
C VAL B 434 44.06 -9.43 30.71
N LEU B 435 43.87 -8.15 31.05
CA LEU B 435 44.07 -7.71 32.41
C LEU B 435 42.89 -8.03 33.33
N PRO B 436 43.18 -8.24 34.64
CA PRO B 436 42.09 -8.32 35.62
C PRO B 436 41.61 -6.89 35.91
N ASN B 437 40.48 -6.74 36.61
CA ASN B 437 40.01 -5.41 36.99
C ASN B 437 40.95 -4.79 38.01
N GLY B 438 41.12 -3.49 37.92
CA GLY B 438 42.03 -2.72 38.77
C GLY B 438 42.36 -1.39 38.12
N LYS B 439 43.21 -0.60 38.77
CA LYS B 439 43.56 0.74 38.24
C LYS B 439 44.05 0.74 36.79
N GLU B 440 44.92 -0.19 36.40
CA GLU B 440 45.48 -0.23 35.04
C GLU B 440 44.40 -0.46 33.97
N ARG B 441 43.54 -1.45 34.17
CA ARG B 441 42.44 -1.76 33.23
C ARG B 441 41.41 -0.62 33.20
N PHE B 442 41.06 -0.06 34.38
CA PHE B 442 40.12 1.04 34.49
C PHE B 442 40.61 2.26 33.72
N ASP B 443 41.89 2.63 33.92
CA ASP B 443 42.49 3.79 33.25
C ASP B 443 42.65 3.55 31.76
N ALA B 444 42.95 2.29 31.35
CA ALA B 444 43.08 1.93 29.94
C ALA B 444 41.77 2.21 29.21
N TYR B 445 40.61 1.76 29.77
CA TYR B 445 39.30 2.04 29.13
C TYR B 445 39.06 3.53 28.99
N ASN B 446 39.38 4.30 30.04
CA ASN B 446 39.22 5.78 29.97
C ASN B 446 40.09 6.44 28.89
N ARG B 447 41.33 5.94 28.69
CA ARG B 447 42.20 6.46 27.64
C ARG B 447 41.65 6.05 26.24
N MET B 448 41.14 4.81 26.12
CA MET B 448 40.49 4.35 24.86
C MET B 448 39.27 5.22 24.54
N ARG B 449 38.47 5.57 25.58
CA ARG B 449 37.26 6.42 25.40
C ARG B 449 37.68 7.81 24.94
N ASP B 450 38.79 8.32 25.51
CA ASP B 450 39.31 9.63 25.11
C ASP B 450 39.72 9.63 23.62
N ILE B 451 40.49 8.60 23.21
CA ILE B 451 40.95 8.46 21.82
C ILE B 451 39.74 8.32 20.89
N PHE B 452 38.73 7.52 21.30
CA PHE B 452 37.51 7.33 20.52
C PHE B 452 36.88 8.69 20.23
N GLU B 453 36.80 9.56 21.25
CA GLU B 453 36.20 10.89 21.08
C GLU B 453 37.03 11.82 20.22
N GLU B 454 38.36 11.74 20.37
CA GLU B 454 39.29 12.54 19.59
C GLU B 454 39.27 12.16 18.11
N GLU B 455 39.13 10.87 17.80
CA GLU B 455 39.16 10.34 16.44
C GLU B 455 37.82 10.31 15.74
N ALA B 456 36.72 10.22 16.52
CA ALA B 456 35.34 10.12 16.01
C ALA B 456 35.16 9.09 14.86
N PRO B 457 35.58 7.80 15.04
CA PRO B 457 35.28 6.79 14.01
C PRO B 457 33.76 6.56 13.93
N ALA B 458 33.06 6.88 15.03
CA ALA B 458 31.60 6.88 15.18
C ALA B 458 31.26 7.96 16.19
N VAL B 459 29.98 8.37 16.20
CA VAL B 459 29.51 9.40 17.12
C VAL B 459 28.35 8.83 17.88
N ILE B 460 28.48 8.73 19.21
CA ILE B 460 27.41 8.18 20.06
C ILE B 460 26.29 9.21 20.19
N LEU B 461 25.04 8.81 19.98
CA LEU B 461 23.92 9.74 20.14
C LEU B 461 23.36 9.61 21.54
N TYR B 462 22.88 8.41 21.90
CA TYR B 462 22.24 8.17 23.18
C TYR B 462 21.91 6.72 23.38
N GLN B 463 21.54 6.40 24.60
CA GLN B 463 21.04 5.11 25.02
C GLN B 463 19.51 5.21 24.80
N PRO B 464 18.91 4.38 23.90
CA PRO B 464 17.48 4.53 23.61
C PRO B 464 16.58 4.04 24.74
N TYR B 465 15.33 4.53 24.76
CA TYR B 465 14.35 4.10 25.74
C TYR B 465 13.34 3.18 25.01
N ASP B 466 13.37 1.87 25.27
CA ASP B 466 12.44 0.92 24.67
C ASP B 466 11.09 1.04 25.32
N VAL B 467 10.05 0.90 24.52
CA VAL B 467 8.69 0.97 25.03
C VAL B 467 7.92 -0.26 24.57
N TYR B 468 7.31 -0.96 25.53
CA TYR B 468 6.41 -2.08 25.32
C TYR B 468 5.02 -1.60 25.77
N ALA B 469 3.98 -2.31 25.38
CA ALA B 469 2.62 -2.04 25.87
C ALA B 469 2.01 -3.37 26.22
N ALA B 470 1.22 -3.38 27.30
CA ALA B 470 0.65 -4.64 27.80
C ALA B 470 -0.70 -4.44 28.46
N ARG B 471 -1.44 -5.54 28.57
CA ARG B 471 -2.68 -5.64 29.30
C ARG B 471 -2.26 -5.53 30.76
N LYS B 472 -3.00 -4.74 31.54
CA LYS B 472 -2.70 -4.58 32.97
C LYS B 472 -2.87 -5.90 33.71
N ASP B 473 -3.68 -6.83 33.14
CA ASP B 473 -3.86 -8.16 33.75
C ASP B 473 -2.69 -9.14 33.47
N VAL B 474 -1.64 -8.69 32.77
CA VAL B 474 -0.46 -9.51 32.51
C VAL B 474 0.68 -8.86 33.30
N HIS B 475 1.18 -9.53 34.34
CA HIS B 475 2.26 -8.95 35.13
C HIS B 475 3.60 -9.39 34.51
N TRP B 476 4.38 -8.42 34.02
CA TRP B 476 5.68 -8.65 33.38
C TRP B 476 6.46 -7.34 33.36
N LYS B 477 7.70 -7.33 33.86
CA LYS B 477 8.48 -6.10 33.83
C LYS B 477 9.59 -6.17 32.80
N PRO B 478 9.80 -5.09 32.02
CA PRO B 478 10.95 -5.07 31.10
C PRO B 478 12.27 -5.08 31.86
N VAL B 479 13.33 -5.59 31.20
CA VAL B 479 14.69 -5.58 31.71
C VAL B 479 15.47 -4.60 30.85
N SER B 480 16.63 -4.10 31.33
CA SER B 480 17.41 -3.10 30.58
C SER B 480 18.23 -3.71 29.42
N PHE B 481 17.63 -4.61 28.63
CA PHE B 481 18.34 -5.22 27.51
C PHE B 481 17.33 -5.59 26.42
N GLU B 482 17.84 -5.80 25.18
CA GLU B 482 17.02 -6.20 24.03
C GLU B 482 16.58 -7.68 24.11
N MET B 483 15.80 -8.01 25.14
CA MET B 483 15.23 -9.35 25.34
C MET B 483 14.07 -9.25 26.30
N MET B 484 13.35 -10.36 26.52
CA MET B 484 12.23 -10.39 27.46
C MET B 484 12.52 -11.53 28.41
N GLU B 485 12.42 -11.26 29.71
CA GLU B 485 12.67 -12.29 30.75
C GLU B 485 11.33 -12.63 31.38
N PHE B 486 10.99 -13.93 31.45
CA PHE B 486 9.76 -14.38 32.08
C PHE B 486 10.01 -15.18 33.36
N ARG B 487 11.27 -15.57 33.66
CA ARG B 487 11.58 -16.35 34.89
C ARG B 487 11.33 -15.45 36.09
N ASN B 488 10.41 -15.85 36.99
CA ASN B 488 10.00 -15.05 38.18
C ASN B 488 9.57 -13.65 37.74
N ASN B 489 9.05 -13.56 36.51
CA ASN B 489 8.69 -12.27 35.91
C ASN B 489 7.55 -12.38 34.89
N LEU B 490 6.58 -13.26 35.13
CA LEU B 490 5.40 -13.40 34.26
C LEU B 490 4.32 -14.11 35.04
N SER B 491 3.19 -13.41 35.25
CA SER B 491 2.03 -13.96 35.95
C SER B 491 0.76 -13.35 35.38
N PHE B 492 -0.38 -14.05 35.49
CA PHE B 492 -1.61 -13.57 34.89
C PHE B 492 -2.72 -13.25 35.87
N GLY B 493 -3.34 -12.09 35.70
CA GLY B 493 -4.46 -11.64 36.52
C GLY B 493 -5.78 -12.17 35.95
N GLU C 3 -47.22 -44.05 -6.42
CA GLU C 3 -47.22 -44.60 -7.77
C GLU C 3 -45.80 -45.03 -8.18
N ARG C 4 -44.79 -44.13 -8.05
CA ARG C 4 -43.41 -44.51 -8.37
C ARG C 4 -42.80 -45.21 -7.18
N ARG C 5 -41.89 -46.14 -7.45
CA ARG C 5 -41.15 -46.81 -6.39
C ARG C 5 -40.20 -45.82 -5.70
N ALA C 6 -39.94 -46.04 -4.41
CA ALA C 6 -38.98 -45.24 -3.65
C ALA C 6 -37.60 -45.93 -3.79
N LEU C 7 -36.56 -45.16 -4.15
CA LEU C 7 -35.21 -45.74 -4.31
C LEU C 7 -34.48 -45.81 -2.97
N ARG C 8 -34.03 -47.01 -2.57
CA ARG C 8 -33.30 -47.22 -1.32
C ARG C 8 -31.84 -47.48 -1.63
N LEU C 9 -30.96 -46.55 -1.25
CA LEU C 9 -29.54 -46.71 -1.48
C LEU C 9 -28.80 -47.02 -0.17
N GLY C 10 -27.98 -48.07 -0.18
CA GLY C 10 -27.13 -48.43 0.94
C GLY C 10 -25.75 -47.87 0.63
N VAL C 11 -25.36 -46.78 1.33
CA VAL C 11 -24.12 -46.04 1.03
C VAL C 11 -23.03 -46.18 2.09
N ASN C 12 -21.79 -45.82 1.71
CA ASN C 12 -20.63 -45.86 2.59
C ASN C 12 -20.60 -44.70 3.59
N GLY C 13 -21.21 -43.57 3.22
CA GLY C 13 -21.17 -42.40 4.07
C GLY C 13 -21.94 -41.24 3.49
N LEU C 14 -21.90 -40.10 4.20
CA LEU C 14 -22.58 -38.89 3.80
C LEU C 14 -21.69 -37.69 3.93
N PRO C 15 -21.88 -36.63 3.10
CA PRO C 15 -21.06 -35.41 3.28
C PRO C 15 -21.51 -34.68 4.56
N ASN C 16 -20.69 -33.75 5.07
CA ASN C 16 -21.08 -32.99 6.26
C ASN C 16 -22.05 -31.85 5.89
N SER C 17 -22.14 -31.54 4.59
CA SER C 17 -22.95 -30.45 4.07
C SER C 17 -23.49 -30.77 2.70
N LEU C 18 -24.69 -30.24 2.36
CA LEU C 18 -25.29 -30.40 1.04
C LEU C 18 -25.12 -29.13 0.19
N GLU C 19 -24.33 -28.16 0.71
CA GLU C 19 -23.94 -26.96 -0.05
C GLU C 19 -23.06 -27.64 -1.15
N PRO C 20 -23.32 -27.40 -2.46
CA PRO C 20 -22.70 -28.25 -3.50
C PRO C 20 -21.20 -28.27 -3.61
N VAL C 21 -20.53 -27.15 -3.30
CA VAL C 21 -19.06 -27.15 -3.33
C VAL C 21 -18.55 -27.85 -2.06
N ASN C 22 -19.13 -27.51 -0.89
CA ASN C 22 -18.71 -28.14 0.38
C ASN C 22 -18.98 -29.65 0.41
N ALA C 23 -19.90 -30.13 -0.42
CA ALA C 23 -20.24 -31.56 -0.54
C ALA C 23 -19.23 -32.36 -1.37
N ILE C 24 -18.30 -31.69 -2.10
CA ILE C 24 -17.30 -32.34 -2.95
C ILE C 24 -16.48 -33.33 -2.14
N SER C 25 -16.57 -34.61 -2.53
CA SER C 25 -16.02 -35.76 -1.83
C SER C 25 -16.46 -37.02 -2.62
N ASN C 26 -16.16 -38.20 -2.07
CA ASN C 26 -16.60 -39.44 -2.69
C ASN C 26 -18.12 -39.66 -2.44
N VAL C 27 -18.65 -39.09 -1.33
CA VAL C 27 -20.02 -39.29 -0.84
C VAL C 27 -21.07 -38.22 -1.18
N GLY C 28 -20.63 -36.98 -1.42
CA GLY C 28 -21.53 -35.85 -1.69
C GLY C 28 -22.12 -35.77 -3.09
N PRO C 29 -21.30 -35.87 -4.18
CA PRO C 29 -21.85 -35.73 -5.54
C PRO C 29 -23.04 -36.60 -5.90
N ARG C 30 -23.11 -37.86 -5.43
CA ARG C 30 -24.26 -38.72 -5.70
C ARG C 30 -25.58 -38.14 -5.17
N ILE C 31 -25.50 -37.22 -4.17
CA ILE C 31 -26.65 -36.53 -3.60
C ILE C 31 -26.83 -35.19 -4.28
N VAL C 32 -25.80 -34.32 -4.28
CA VAL C 32 -25.94 -32.95 -4.86
C VAL C 32 -26.23 -32.91 -6.37
N ASN C 33 -25.85 -33.99 -7.09
CA ASN C 33 -26.15 -34.12 -8.53
C ASN C 33 -27.69 -34.21 -8.72
N GLN C 34 -28.41 -34.66 -7.70
CA GLN C 34 -29.89 -34.74 -7.75
C GLN C 34 -30.57 -33.44 -7.41
N ILE C 35 -30.03 -32.70 -6.44
CA ILE C 35 -30.66 -31.46 -5.97
C ILE C 35 -30.43 -30.29 -6.93
N PHE C 36 -29.27 -30.26 -7.61
CA PHE C 36 -28.90 -29.11 -8.43
C PHE C 36 -28.67 -29.48 -9.89
N ASP C 37 -28.48 -28.45 -10.73
CA ASP C 37 -28.10 -28.53 -12.13
C ASP C 37 -26.90 -27.62 -12.37
N THR C 38 -26.28 -27.77 -13.54
CA THR C 38 -25.17 -26.91 -13.99
C THR C 38 -25.61 -26.21 -15.27
N LEU C 39 -24.83 -25.20 -15.72
CA LEU C 39 -25.14 -24.47 -16.97
C LEU C 39 -24.99 -25.42 -18.17
N ILE C 40 -23.94 -26.22 -18.15
CA ILE C 40 -23.60 -27.20 -19.18
C ILE C 40 -23.52 -28.54 -18.46
N ALA C 41 -24.02 -29.61 -19.09
CA ALA C 41 -23.97 -30.93 -18.48
C ALA C 41 -23.13 -31.88 -19.30
N ARG C 42 -22.48 -32.81 -18.63
CA ARG C 42 -21.75 -33.84 -19.31
C ARG C 42 -22.67 -35.00 -19.64
N ASP C 43 -22.74 -35.41 -20.92
CA ASP C 43 -23.58 -36.55 -21.28
C ASP C 43 -22.67 -37.80 -21.36
N PHE C 44 -22.57 -38.50 -20.25
CA PHE C 44 -21.71 -39.68 -20.15
C PHE C 44 -22.06 -40.81 -21.12
N PHE C 45 -23.33 -40.86 -21.60
CA PHE C 45 -23.83 -41.93 -22.46
C PHE C 45 -23.94 -41.54 -23.92
N ALA C 46 -23.37 -40.39 -24.30
CA ALA C 46 -23.43 -39.87 -25.67
C ALA C 46 -22.92 -40.88 -26.68
N LYS C 47 -23.69 -41.02 -27.79
CA LYS C 47 -23.37 -41.88 -28.95
C LYS C 47 -22.98 -43.32 -28.56
N GLY C 48 -23.74 -43.88 -27.62
CA GLY C 48 -23.56 -45.26 -27.18
C GLY C 48 -22.37 -45.54 -26.30
N ALA C 49 -21.76 -44.49 -25.71
CA ALA C 49 -20.60 -44.69 -24.83
C ALA C 49 -20.99 -45.45 -23.55
N PRO C 50 -20.07 -46.27 -22.98
CA PRO C 50 -20.42 -47.01 -21.76
C PRO C 50 -20.27 -46.16 -20.48
N GLY C 51 -20.94 -45.00 -20.46
CA GLY C 51 -20.92 -44.13 -19.30
C GLY C 51 -19.66 -43.34 -19.06
N ASN C 52 -18.79 -43.21 -20.09
CA ASN C 52 -17.53 -42.45 -19.96
C ASN C 52 -17.34 -41.35 -20.99
N ALA C 53 -18.41 -40.98 -21.76
CA ALA C 53 -18.25 -39.93 -22.78
C ALA C 53 -17.96 -38.58 -22.12
N ILE C 54 -17.21 -37.72 -22.81
CA ILE C 54 -16.89 -36.37 -22.33
C ILE C 54 -17.70 -35.29 -23.03
N ASP C 55 -18.67 -35.69 -23.88
CA ASP C 55 -19.52 -34.76 -24.63
C ASP C 55 -20.27 -33.84 -23.67
N LEU C 56 -20.25 -32.53 -23.97
CA LEU C 56 -20.92 -31.52 -23.17
C LEU C 56 -22.15 -31.03 -23.89
N VAL C 57 -23.25 -30.89 -23.17
CA VAL C 57 -24.51 -30.50 -23.76
C VAL C 57 -25.19 -29.36 -22.99
N PRO C 58 -26.12 -28.62 -23.61
CA PRO C 58 -26.85 -27.60 -22.86
C PRO C 58 -27.62 -28.17 -21.65
N ALA C 59 -27.68 -27.39 -20.57
CA ALA C 59 -28.46 -27.78 -19.39
C ALA C 59 -29.18 -26.49 -18.93
N LEU C 60 -28.78 -25.84 -17.83
CA LEU C 60 -29.43 -24.58 -17.46
C LEU C 60 -29.17 -23.47 -18.48
N ALA C 61 -28.04 -23.56 -19.23
CA ALA C 61 -27.75 -22.63 -20.31
C ALA C 61 -28.24 -23.30 -21.58
N GLU C 62 -29.18 -22.68 -22.29
CA GLU C 62 -29.68 -23.21 -23.56
C GLU C 62 -28.63 -23.08 -24.63
N SER C 63 -27.83 -22.01 -24.54
CA SER C 63 -26.77 -21.72 -25.48
C SER C 63 -25.72 -20.86 -24.81
N TRP C 64 -24.55 -20.76 -25.42
CA TRP C 64 -23.47 -19.91 -24.94
C TRP C 64 -22.56 -19.53 -26.07
N GLU C 65 -21.86 -18.42 -25.92
CA GLU C 65 -20.94 -17.94 -26.93
C GLU C 65 -19.70 -17.36 -26.24
N ARG C 66 -18.52 -17.85 -26.63
CA ARG C 66 -17.26 -17.32 -26.10
C ARG C 66 -17.04 -16.00 -26.83
N ILE C 67 -16.90 -14.91 -26.06
CA ILE C 67 -16.73 -13.55 -26.58
C ILE C 67 -15.25 -13.32 -26.94
N ASP C 68 -14.35 -13.66 -26.01
CA ASP C 68 -12.91 -13.45 -26.20
C ASP C 68 -12.12 -14.45 -25.36
N GLU C 69 -10.86 -14.14 -25.08
CA GLU C 69 -10.00 -15.02 -24.31
C GLU C 69 -10.34 -15.19 -22.83
N LYS C 70 -11.23 -14.36 -22.30
CA LYS C 70 -11.52 -14.45 -20.87
C LYS C 70 -12.98 -14.32 -20.54
N SER C 71 -13.88 -14.54 -21.50
CA SER C 71 -15.29 -14.38 -21.20
C SER C 71 -16.22 -15.19 -22.07
N VAL C 72 -17.30 -15.69 -21.46
CA VAL C 72 -18.34 -16.48 -22.15
C VAL C 72 -19.70 -15.96 -21.73
N ARG C 73 -20.55 -15.68 -22.72
CA ARG C 73 -21.89 -15.18 -22.50
C ARG C 73 -22.87 -16.36 -22.56
N PHE C 74 -23.65 -16.55 -21.50
CA PHE C 74 -24.63 -17.65 -21.41
C PHE C 74 -26.06 -17.15 -21.53
N LYS C 75 -26.87 -17.84 -22.33
CA LYS C 75 -28.31 -17.58 -22.51
C LYS C 75 -29.01 -18.71 -21.75
N LEU C 76 -29.74 -18.33 -20.71
CA LEU C 76 -30.37 -19.31 -19.82
C LEU C 76 -31.71 -19.82 -20.27
N ARG C 77 -31.99 -21.07 -19.88
CA ARG C 77 -33.28 -21.70 -20.08
C ARG C 77 -34.30 -20.87 -19.29
N GLN C 78 -35.46 -20.62 -19.89
CA GLN C 78 -36.47 -19.78 -19.24
C GLN C 78 -37.50 -20.64 -18.51
N LYS C 79 -38.12 -20.05 -17.46
CA LYS C 79 -39.17 -20.67 -16.64
C LYS C 79 -38.70 -21.86 -15.81
N VAL C 80 -37.40 -21.93 -15.54
CA VAL C 80 -36.83 -23.01 -14.71
C VAL C 80 -37.15 -22.62 -13.27
N MET C 81 -37.65 -23.58 -12.52
CA MET C 81 -38.00 -23.32 -11.15
C MET C 81 -37.05 -23.90 -10.12
N PHE C 82 -36.67 -23.09 -9.11
CA PHE C 82 -35.99 -23.64 -7.94
C PHE C 82 -37.12 -24.38 -7.16
N HIS C 83 -36.76 -25.31 -6.28
CA HIS C 83 -37.73 -26.14 -5.53
C HIS C 83 -38.74 -25.34 -4.71
N ASP C 84 -38.39 -24.09 -4.35
CA ASP C 84 -39.27 -23.22 -3.58
C ASP C 84 -40.12 -22.27 -4.45
N GLY C 85 -40.17 -22.52 -5.76
CA GLY C 85 -41.03 -21.74 -6.65
C GLY C 85 -40.48 -20.41 -7.12
N VAL C 86 -39.17 -20.19 -6.93
CA VAL C 86 -38.48 -18.98 -7.37
C VAL C 86 -37.91 -19.32 -8.76
N GLU C 87 -38.21 -18.49 -9.77
CA GLU C 87 -37.70 -18.74 -11.13
C GLU C 87 -36.20 -18.45 -11.20
N LEU C 88 -35.46 -19.33 -11.88
CA LEU C 88 -34.02 -19.17 -12.09
C LEU C 88 -33.79 -18.00 -13.04
N THR C 89 -32.87 -17.08 -12.66
CA THR C 89 -32.51 -15.94 -13.50
C THR C 89 -31.00 -15.74 -13.51
N ALA C 90 -30.51 -14.78 -14.32
CA ALA C 90 -29.08 -14.46 -14.39
C ALA C 90 -28.47 -14.09 -13.02
N ASP C 91 -29.28 -13.50 -12.11
CA ASP C 91 -28.82 -13.13 -10.76
C ASP C 91 -28.37 -14.33 -9.93
N ASP C 92 -29.06 -15.48 -10.09
CA ASP C 92 -28.68 -16.70 -9.37
C ASP C 92 -27.36 -17.23 -9.89
N VAL C 93 -27.17 -17.22 -11.24
CA VAL C 93 -25.94 -17.70 -11.86
C VAL C 93 -24.79 -16.75 -11.47
N ALA C 94 -25.02 -15.42 -11.50
CA ALA C 94 -24.02 -14.44 -11.10
C ALA C 94 -23.61 -14.67 -9.64
N TYR C 95 -24.60 -14.84 -8.75
CA TYR C 95 -24.30 -15.11 -7.34
C TYR C 95 -23.47 -16.41 -7.15
N THR C 96 -23.82 -17.48 -7.88
CA THR C 96 -23.11 -18.77 -7.81
C THR C 96 -21.60 -18.56 -8.08
N PHE C 97 -21.24 -17.71 -9.06
CA PHE C 97 -19.83 -17.48 -9.43
C PHE C 97 -19.27 -16.18 -8.94
N SER C 98 -19.86 -15.64 -7.88
CA SER C 98 -19.45 -14.34 -7.33
C SER C 98 -18.26 -14.41 -6.36
N SER C 99 -17.61 -13.25 -6.16
CA SER C 99 -16.52 -13.09 -5.19
C SER C 99 -17.11 -13.37 -3.80
N GLU C 100 -18.30 -12.79 -3.50
CA GLU C 100 -19.00 -12.91 -2.21
C GLU C 100 -19.26 -14.38 -1.79
N ARG C 101 -19.74 -15.21 -2.72
CA ARG C 101 -20.12 -16.57 -2.39
C ARG C 101 -19.02 -17.58 -2.59
N LEU C 102 -18.26 -17.47 -3.69
CA LEU C 102 -17.34 -18.53 -4.09
C LEU C 102 -15.83 -18.31 -3.93
N TRP C 103 -15.25 -17.36 -4.68
CA TRP C 103 -13.81 -17.20 -4.79
C TRP C 103 -13.13 -16.02 -4.08
N GLY C 104 -13.91 -15.08 -3.54
CA GLY C 104 -13.32 -13.93 -2.85
C GLY C 104 -12.74 -14.22 -1.48
N PRO C 105 -11.94 -13.28 -0.92
CA PRO C 105 -11.34 -13.52 0.41
C PRO C 105 -12.37 -13.68 1.52
N GLU C 106 -13.55 -13.06 1.36
CA GLU C 106 -14.68 -13.15 2.28
C GLU C 106 -15.34 -14.54 2.22
N ALA C 107 -15.22 -15.24 1.08
CA ALA C 107 -15.82 -16.58 0.92
C ALA C 107 -15.04 -17.72 1.57
N ILE C 108 -13.76 -17.48 1.92
CA ILE C 108 -12.85 -18.49 2.47
C ILE C 108 -13.34 -19.30 3.68
N LYS C 109 -14.04 -18.67 4.63
CA LYS C 109 -14.55 -19.39 5.80
C LYS C 109 -15.81 -20.17 5.47
N LYS C 110 -16.59 -19.70 4.49
CA LYS C 110 -17.84 -20.35 4.08
C LYS C 110 -17.59 -21.53 3.15
N ILE C 111 -16.71 -21.35 2.17
CA ILE C 111 -16.37 -22.38 1.20
C ILE C 111 -14.85 -22.48 1.16
N PRO C 112 -14.25 -23.35 2.01
CA PRO C 112 -12.78 -23.44 2.09
C PRO C 112 -12.01 -23.69 0.78
N LEU C 113 -12.59 -24.46 -0.17
CA LEU C 113 -11.95 -24.74 -1.46
C LEU C 113 -12.51 -23.92 -2.63
N GLY C 114 -13.30 -22.89 -2.30
CA GLY C 114 -13.92 -22.03 -3.30
C GLY C 114 -12.92 -21.32 -4.19
N LYS C 115 -11.86 -20.77 -3.63
CA LYS C 115 -10.83 -20.09 -4.40
C LYS C 115 -9.87 -21.11 -5.03
N SER C 116 -9.38 -22.06 -4.22
CA SER C 116 -8.46 -23.13 -4.63
C SER C 116 -8.92 -23.91 -5.87
N TYR C 117 -10.19 -24.30 -5.92
CA TYR C 117 -10.70 -25.11 -7.05
C TYR C 117 -11.36 -24.28 -8.14
N SER C 118 -11.38 -22.94 -8.00
CA SER C 118 -12.02 -22.13 -9.04
C SER C 118 -10.99 -21.57 -10.01
N LEU C 119 -11.49 -21.10 -11.18
CA LEU C 119 -10.65 -20.39 -12.16
C LEU C 119 -10.35 -19.01 -11.56
N ASP C 120 -9.47 -18.24 -12.21
CA ASP C 120 -9.15 -16.88 -11.78
C ASP C 120 -10.33 -15.95 -12.17
N PHE C 121 -11.49 -16.18 -11.55
CA PHE C 121 -12.69 -15.43 -11.90
C PHE C 121 -12.63 -13.94 -11.62
N ASP C 122 -13.39 -13.20 -12.43
CA ASP C 122 -13.70 -11.82 -12.21
C ASP C 122 -15.20 -11.87 -11.93
N GLU C 123 -15.77 -10.77 -11.43
CA GLU C 123 -17.18 -10.78 -11.09
C GLU C 123 -18.04 -11.05 -12.35
N PRO C 124 -19.03 -11.97 -12.28
CA PRO C 124 -19.92 -12.18 -13.45
C PRO C 124 -20.67 -10.91 -13.82
N VAL C 125 -21.11 -10.81 -15.07
CA VAL C 125 -21.88 -9.63 -15.54
C VAL C 125 -23.29 -10.08 -15.92
N VAL C 126 -24.31 -9.50 -15.28
CA VAL C 126 -25.71 -9.78 -15.63
C VAL C 126 -26.08 -8.83 -16.79
N GLU C 127 -26.38 -9.39 -17.98
CA GLU C 127 -26.78 -8.58 -19.13
C GLU C 127 -28.27 -8.24 -19.07
N ASP C 128 -29.11 -9.25 -18.80
CA ASP C 128 -30.56 -9.16 -18.63
C ASP C 128 -31.03 -10.37 -17.80
N LYS C 129 -32.34 -10.53 -17.62
CA LYS C 129 -32.96 -11.61 -16.85
C LYS C 129 -32.42 -13.01 -17.19
N TYR C 130 -32.17 -13.30 -18.48
CA TYR C 130 -31.73 -14.63 -18.89
C TYR C 130 -30.38 -14.65 -19.58
N THR C 131 -29.55 -13.63 -19.36
CA THR C 131 -28.24 -13.52 -19.99
C THR C 131 -27.20 -13.13 -18.95
N VAL C 132 -26.15 -13.95 -18.85
CA VAL C 132 -25.08 -13.72 -17.90
C VAL C 132 -23.72 -14.04 -18.52
N THR C 133 -22.74 -13.18 -18.28
CA THR C 133 -21.37 -13.41 -18.79
C THR C 133 -20.46 -13.80 -17.62
N LEU C 134 -19.78 -14.95 -17.76
CA LEU C 134 -18.77 -15.36 -16.79
C LEU C 134 -17.44 -14.95 -17.36
N ARG C 135 -16.58 -14.42 -16.49
CA ARG C 135 -15.29 -13.84 -16.86
C ARG C 135 -14.19 -14.27 -15.93
N THR C 136 -12.96 -14.23 -16.45
CA THR C 136 -11.75 -14.46 -15.69
C THR C 136 -10.88 -13.16 -15.79
N LYS C 137 -10.05 -12.90 -14.75
CA LYS C 137 -9.20 -11.70 -14.67
C LYS C 137 -8.03 -11.80 -15.64
N THR C 138 -7.57 -13.04 -15.89
CA THR C 138 -6.50 -13.39 -16.80
C THR C 138 -7.15 -14.27 -17.90
N PRO C 139 -6.49 -14.54 -19.06
CA PRO C 139 -7.16 -15.39 -20.06
C PRO C 139 -7.50 -16.80 -19.52
N SER C 140 -8.65 -17.33 -19.94
CA SER C 140 -9.00 -18.72 -19.57
C SER C 140 -9.84 -19.30 -20.64
N TYR C 141 -9.40 -20.42 -21.22
CA TYR C 141 -10.19 -21.10 -22.23
C TYR C 141 -10.88 -22.29 -21.55
N LEU C 142 -10.94 -22.27 -20.21
CA LEU C 142 -11.54 -23.35 -19.42
C LEU C 142 -12.90 -23.04 -18.84
N ILE C 143 -13.44 -21.85 -19.11
CA ILE C 143 -14.76 -21.48 -18.54
C ILE C 143 -15.86 -22.50 -18.87
N GLU C 144 -15.99 -22.87 -20.15
CA GLU C 144 -17.04 -23.80 -20.61
C GLU C 144 -16.87 -25.16 -19.90
N THR C 145 -15.64 -25.69 -19.86
CA THR C 145 -15.32 -26.97 -19.22
C THR C 145 -15.66 -26.91 -17.72
N PHE C 146 -15.30 -25.78 -17.07
CA PHE C 146 -15.53 -25.57 -15.64
C PHE C 146 -17.01 -25.58 -15.27
N VAL C 147 -17.85 -24.92 -16.09
CA VAL C 147 -19.28 -24.85 -15.79
C VAL C 147 -20.04 -26.17 -16.01
N ALA C 148 -19.32 -27.22 -16.46
CA ALA C 148 -19.87 -28.56 -16.59
C ALA C 148 -19.35 -29.46 -15.44
N SER C 149 -18.64 -28.86 -14.47
CA SER C 149 -18.00 -29.60 -13.35
C SER C 149 -18.73 -29.51 -12.03
N TRP C 150 -18.30 -30.33 -11.03
CA TRP C 150 -18.86 -30.35 -9.69
C TRP C 150 -18.66 -29.06 -8.87
N MET C 151 -17.90 -28.10 -9.39
CA MET C 151 -17.74 -26.82 -8.69
C MET C 151 -18.83 -25.84 -9.11
N SER C 152 -19.55 -26.18 -10.18
CA SER C 152 -20.47 -25.23 -10.82
CA SER C 152 -20.46 -25.24 -10.83
C SER C 152 -21.99 -25.40 -10.68
N ARG C 153 -22.44 -26.19 -9.68
CA ARG C 153 -23.91 -26.35 -9.47
C ARG C 153 -24.52 -25.00 -9.06
N ILE C 154 -25.66 -24.66 -9.68
CA ILE C 154 -26.29 -23.35 -9.51
C ILE C 154 -27.14 -23.25 -8.26
N VAL C 155 -26.81 -22.26 -7.40
CA VAL C 155 -27.54 -22.02 -6.14
C VAL C 155 -28.48 -20.81 -6.30
N PRO C 156 -29.58 -20.74 -5.51
CA PRO C 156 -30.48 -19.57 -5.60
C PRO C 156 -29.93 -18.41 -4.77
N LYS C 157 -29.79 -17.24 -5.39
CA LYS C 157 -29.24 -16.07 -4.69
C LYS C 157 -29.94 -15.69 -3.40
N GLU C 158 -31.23 -15.37 -3.46
CA GLU C 158 -31.95 -14.85 -2.30
C GLU C 158 -32.02 -15.81 -1.12
N TYR C 159 -32.37 -17.06 -1.40
CA TYR C 159 -32.48 -18.10 -0.39
C TYR C 159 -31.11 -18.42 0.26
N TYR C 160 -30.07 -18.59 -0.56
CA TYR C 160 -28.71 -18.85 -0.07
C TYR C 160 -28.23 -17.70 0.81
N LYS C 161 -28.44 -16.45 0.37
CA LYS C 161 -28.03 -15.26 1.15
C LYS C 161 -28.75 -15.20 2.50
N LYS C 162 -30.06 -15.50 2.51
CA LYS C 162 -30.91 -15.48 3.71
C LYS C 162 -30.42 -16.47 4.75
N LEU C 163 -30.11 -17.71 4.32
CA LEU C 163 -29.68 -18.77 5.23
C LEU C 163 -28.20 -18.71 5.57
N GLY C 164 -27.38 -18.36 4.59
CA GLY C 164 -25.92 -18.43 4.72
C GLY C 164 -25.48 -19.83 4.32
N ALA C 165 -24.20 -20.02 3.99
CA ALA C 165 -23.62 -21.29 3.56
C ALA C 165 -23.88 -22.51 4.48
N VAL C 166 -23.77 -22.32 5.81
CA VAL C 166 -23.96 -23.39 6.81
C VAL C 166 -25.41 -23.88 6.81
N ASP C 167 -26.38 -22.97 7.09
CA ASP C 167 -27.79 -23.34 7.10
C ASP C 167 -28.26 -23.83 5.74
N PHE C 168 -27.75 -23.24 4.63
CA PHE C 168 -28.11 -23.70 3.28
C PHE C 168 -27.68 -25.16 3.10
N GLY C 169 -26.50 -25.52 3.62
CA GLY C 169 -25.99 -26.88 3.57
C GLY C 169 -26.88 -27.90 4.25
N ASN C 170 -27.71 -27.46 5.22
CA ASN C 170 -28.64 -28.31 5.95
C ASN C 170 -30.06 -28.31 5.38
N LYS C 171 -30.40 -27.34 4.52
CA LYS C 171 -31.75 -27.24 3.90
C LYS C 171 -31.54 -26.69 2.47
N PRO C 172 -30.87 -27.46 1.58
CA PRO C 172 -30.57 -26.93 0.25
C PRO C 172 -31.78 -26.81 -0.65
N VAL C 173 -31.72 -25.83 -1.57
CA VAL C 173 -32.74 -25.61 -2.59
C VAL C 173 -31.96 -25.48 -3.91
N GLY C 174 -32.37 -26.26 -4.89
CA GLY C 174 -31.80 -26.21 -6.23
C GLY C 174 -32.87 -26.31 -7.30
N THR C 175 -32.45 -26.60 -8.54
CA THR C 175 -33.37 -26.75 -9.68
C THR C 175 -33.43 -28.20 -10.13
N GLY C 176 -32.63 -29.07 -9.47
CA GLY C 176 -32.51 -30.48 -9.81
C GLY C 176 -33.76 -31.37 -9.80
N PRO C 177 -33.62 -32.59 -10.36
CA PRO C 177 -34.76 -33.53 -10.41
C PRO C 177 -35.30 -34.04 -9.07
N TYR C 178 -34.54 -33.90 -7.98
CA TYR C 178 -34.97 -34.32 -6.65
C TYR C 178 -34.78 -33.21 -5.67
N LYS C 179 -35.70 -33.08 -4.74
CA LYS C 179 -35.62 -31.99 -3.76
C LYS C 179 -35.45 -32.50 -2.38
N PHE C 180 -34.97 -31.62 -1.49
CA PHE C 180 -34.65 -31.98 -0.11
C PHE C 180 -35.85 -32.34 0.79
N VAL C 181 -35.69 -33.42 1.58
CA VAL C 181 -36.69 -33.81 2.57
C VAL C 181 -36.06 -33.79 3.98
N GLU C 182 -34.97 -34.56 4.17
CA GLU C 182 -34.36 -34.73 5.48
C GLU C 182 -32.87 -35.03 5.43
N PHE C 183 -32.13 -34.56 6.45
CA PHE C 183 -30.70 -34.84 6.59
C PHE C 183 -30.46 -35.14 8.06
N VAL C 184 -30.26 -36.43 8.36
CA VAL C 184 -29.92 -36.87 9.72
C VAL C 184 -28.42 -37.12 9.65
N ALA C 185 -27.62 -36.17 10.20
CA ALA C 185 -26.16 -36.21 10.22
C ALA C 185 -25.63 -37.59 10.64
N GLY C 186 -24.72 -38.14 9.84
CA GLY C 186 -24.13 -39.45 10.06
C GLY C 186 -25.09 -40.62 9.99
N ASP C 187 -26.27 -40.45 9.36
CA ASP C 187 -27.26 -41.51 9.25
C ASP C 187 -27.92 -41.62 7.86
N ARG C 188 -28.75 -40.65 7.47
CA ARG C 188 -29.44 -40.70 6.19
C ARG C 188 -29.73 -39.34 5.60
N VAL C 189 -29.89 -39.32 4.27
CA VAL C 189 -30.39 -38.18 3.52
C VAL C 189 -31.61 -38.71 2.75
N VAL C 190 -32.71 -37.98 2.80
CA VAL C 190 -33.92 -38.31 2.06
C VAL C 190 -34.23 -37.14 1.11
N LEU C 191 -34.44 -37.46 -0.16
CA LEU C 191 -34.91 -36.49 -1.17
C LEU C 191 -36.22 -37.03 -1.75
N GLU C 192 -37.04 -36.15 -2.35
CA GLU C 192 -38.26 -36.59 -3.03
C GLU C 192 -38.30 -36.00 -4.46
N ALA C 193 -39.13 -36.57 -5.35
CA ALA C 193 -39.21 -36.11 -6.72
C ALA C 193 -39.58 -34.64 -6.84
N ASN C 194 -38.89 -33.95 -7.74
CA ASN C 194 -39.24 -32.60 -8.09
C ASN C 194 -40.01 -32.74 -9.41
N ASP C 195 -41.33 -32.72 -9.35
CA ASP C 195 -42.17 -32.87 -10.54
C ASP C 195 -42.32 -31.62 -11.39
N ALA C 196 -41.69 -30.49 -10.96
CA ALA C 196 -41.65 -29.25 -11.72
C ALA C 196 -40.33 -29.26 -12.52
N TYR C 197 -39.56 -30.40 -12.47
CA TYR C 197 -38.26 -30.48 -13.17
C TYR C 197 -38.38 -30.13 -14.65
N TRP C 198 -37.41 -29.36 -15.17
N TRP C 198 -37.44 -29.34 -15.16
CA TRP C 198 -37.24 -29.05 -16.59
CA TRP C 198 -37.41 -28.87 -16.55
C TRP C 198 -36.43 -30.27 -17.05
C TRP C 198 -36.91 -29.94 -17.52
N GLY C 199 -36.65 -30.78 -18.24
N GLY C 199 -36.18 -30.94 -17.00
CA GLY C 199 -35.87 -31.97 -18.59
CA GLY C 199 -35.60 -32.00 -17.79
C GLY C 199 -36.56 -33.27 -18.18
C GLY C 199 -36.42 -33.26 -17.69
N PRO C 200 -35.85 -34.40 -18.06
CA PRO C 200 -36.58 -35.68 -17.87
C PRO C 200 -37.16 -35.85 -16.47
N LYS C 201 -38.45 -36.23 -16.41
CA LYS C 201 -39.17 -36.36 -15.16
C LYS C 201 -38.48 -37.37 -14.22
N PRO C 202 -38.34 -37.07 -12.91
CA PRO C 202 -37.78 -38.06 -11.98
C PRO C 202 -38.65 -39.33 -11.94
N THR C 203 -37.99 -40.50 -11.91
CA THR C 203 -38.69 -41.79 -11.96
C THR C 203 -38.87 -42.47 -10.58
N ALA C 204 -38.25 -41.94 -9.53
CA ALA C 204 -38.45 -42.47 -8.19
C ALA C 204 -39.28 -41.43 -7.40
N SER C 205 -40.16 -41.90 -6.50
CA SER C 205 -40.97 -40.96 -5.69
C SER C 205 -40.05 -40.30 -4.63
N LYS C 206 -39.07 -41.06 -4.15
CA LYS C 206 -38.14 -40.63 -3.11
C LYS C 206 -36.80 -41.35 -3.30
N ILE C 207 -35.74 -40.77 -2.72
CA ILE C 207 -34.40 -41.40 -2.69
C ILE C 207 -33.90 -41.29 -1.30
N THR C 208 -33.52 -42.43 -0.70
CA THR C 208 -32.94 -42.48 0.63
C THR C 208 -31.50 -42.94 0.48
N TYR C 209 -30.57 -42.15 1.02
CA TYR C 209 -29.15 -42.47 1.08
C TYR C 209 -28.97 -42.88 2.53
N GLN C 210 -28.90 -44.19 2.78
CA GLN C 210 -28.74 -44.73 4.14
C GLN C 210 -27.32 -45.22 4.35
N ILE C 211 -26.65 -44.67 5.36
CA ILE C 211 -25.31 -45.12 5.66
C ILE C 211 -25.36 -46.53 6.25
N VAL C 212 -24.55 -47.42 5.66
CA VAL C 212 -24.27 -48.78 6.14
C VAL C 212 -22.75 -48.83 6.05
N ALA C 213 -22.07 -48.50 7.17
CA ALA C 213 -20.63 -48.33 7.22
C ALA C 213 -19.73 -49.45 6.71
N GLU C 214 -20.04 -50.69 7.07
CA GLU C 214 -19.20 -51.83 6.68
C GLU C 214 -19.64 -52.49 5.39
N PRO C 215 -18.73 -52.73 4.42
CA PRO C 215 -19.15 -53.35 3.14
C PRO C 215 -19.86 -54.69 3.25
N ALA C 216 -19.43 -55.57 4.20
CA ALA C 216 -20.09 -56.85 4.40
C ALA C 216 -21.53 -56.67 4.85
N THR C 217 -21.81 -55.66 5.71
CA THR C 217 -23.21 -55.41 6.15
C THR C 217 -24.05 -54.67 5.07
N ARG C 218 -23.40 -53.96 4.14
CA ARG C 218 -24.05 -53.29 2.99
C ARG C 218 -24.51 -54.43 2.04
N VAL C 219 -23.58 -55.37 1.76
CA VAL C 219 -23.84 -56.56 0.92
C VAL C 219 -24.98 -57.41 1.51
N ALA C 220 -24.94 -57.69 2.83
CA ALA C 220 -25.98 -58.45 3.56
C ALA C 220 -27.33 -57.74 3.45
N GLY C 221 -27.29 -56.40 3.46
CA GLY C 221 -28.48 -55.58 3.29
C GLY C 221 -29.09 -55.77 1.92
N LEU C 222 -28.25 -55.85 0.87
CA LEU C 222 -28.76 -56.07 -0.49
C LEU C 222 -29.40 -57.47 -0.58
N ILE C 223 -28.72 -58.47 -0.03
CA ILE C 223 -29.24 -59.84 -0.05
C ILE C 223 -30.56 -59.94 0.80
N SER C 224 -30.64 -59.18 1.92
CA SER C 224 -31.82 -59.14 2.80
C SER C 224 -33.02 -58.38 2.23
N GLY C 225 -32.87 -57.79 1.03
CA GLY C 225 -33.93 -57.03 0.37
C GLY C 225 -34.15 -55.64 0.94
N GLU C 226 -33.16 -55.09 1.64
CA GLU C 226 -33.30 -53.77 2.27
C GLU C 226 -32.95 -52.60 1.33
N TYR C 227 -32.11 -52.87 0.31
CA TYR C 227 -31.63 -51.83 -0.62
C TYR C 227 -31.81 -52.23 -2.05
N ASP C 228 -32.03 -51.21 -2.90
CA ASP C 228 -32.18 -51.39 -4.34
C ASP C 228 -30.80 -51.38 -4.98
N ILE C 229 -29.93 -50.49 -4.50
CA ILE C 229 -28.56 -50.32 -4.99
C ILE C 229 -27.67 -50.06 -3.80
N ILE C 230 -26.47 -50.66 -3.80
CA ILE C 230 -25.46 -50.42 -2.77
C ILE C 230 -24.20 -49.92 -3.46
N THR C 231 -23.45 -49.04 -2.76
CA THR C 231 -22.24 -48.44 -3.32
C THR C 231 -20.98 -48.99 -2.62
N THR C 232 -19.81 -48.56 -3.12
CA THR C 232 -18.51 -48.74 -2.48
C THR C 232 -18.12 -50.20 -2.22
N LEU C 233 -18.18 -51.00 -3.29
CA LEU C 233 -17.73 -52.38 -3.23
C LEU C 233 -16.46 -52.47 -4.03
N THR C 234 -15.85 -53.65 -4.09
CA THR C 234 -14.64 -53.82 -4.89
C THR C 234 -14.80 -55.08 -5.77
N PRO C 235 -13.84 -55.38 -6.71
CA PRO C 235 -13.95 -56.65 -7.46
C PRO C 235 -14.01 -57.91 -6.58
N ASP C 236 -13.60 -57.82 -5.28
CA ASP C 236 -13.65 -58.96 -4.35
C ASP C 236 -15.09 -59.42 -4.04
N ASP C 237 -16.08 -58.52 -4.19
CA ASP C 237 -17.50 -58.79 -3.91
C ASP C 237 -18.25 -59.36 -5.09
N ILE C 238 -17.63 -59.36 -6.29
CA ILE C 238 -18.27 -59.81 -7.54
C ILE C 238 -18.78 -61.26 -7.47
N GLN C 239 -17.91 -62.19 -7.03
CA GLN C 239 -18.25 -63.60 -6.95
C GLN C 239 -19.50 -63.89 -6.12
N LEU C 240 -19.57 -63.33 -4.90
CA LEU C 240 -20.70 -63.51 -4.00
C LEU C 240 -22.00 -62.90 -4.58
N ILE C 241 -21.97 -61.61 -4.95
CA ILE C 241 -23.19 -60.95 -5.43
C ILE C 241 -23.79 -61.59 -6.64
N ASN C 242 -22.94 -61.85 -7.65
CA ASN C 242 -23.37 -62.43 -8.93
C ASN C 242 -23.84 -63.88 -8.84
N SER C 243 -23.72 -64.52 -7.66
CA SER C 243 -24.23 -65.88 -7.47
CA SER C 243 -24.23 -65.88 -7.45
C SER C 243 -25.76 -65.86 -7.27
N TYR C 244 -26.32 -64.71 -6.87
CA TYR C 244 -27.76 -64.53 -6.65
C TYR C 244 -28.52 -64.29 -7.96
N PRO C 245 -29.56 -65.09 -8.26
CA PRO C 245 -30.30 -64.90 -9.53
C PRO C 245 -30.88 -63.50 -9.73
N ASP C 246 -31.28 -62.82 -8.65
CA ASP C 246 -31.93 -61.51 -8.75
C ASP C 246 -31.03 -60.29 -8.53
N LEU C 247 -29.73 -60.51 -8.31
CA LEU C 247 -28.78 -59.43 -8.02
C LEU C 247 -27.61 -59.46 -8.97
N GLU C 248 -26.89 -58.33 -9.08
CA GLU C 248 -25.71 -58.26 -9.93
C GLU C 248 -24.80 -57.09 -9.55
N THR C 249 -23.54 -57.16 -9.93
CA THR C 249 -22.66 -56.00 -9.73
C THR C 249 -22.67 -55.20 -11.02
N ARG C 250 -22.38 -53.89 -10.89
CA ARG C 250 -22.26 -52.96 -12.03
C ARG C 250 -21.05 -52.13 -11.69
N GLY C 251 -20.02 -52.27 -12.50
CA GLY C 251 -18.76 -51.58 -12.26
C GLY C 251 -18.28 -50.70 -13.39
N THR C 252 -17.30 -49.86 -13.06
CA THR C 252 -16.69 -48.98 -14.02
C THR C 252 -15.38 -48.42 -13.50
N LEU C 253 -14.49 -48.12 -14.43
CA LEU C 253 -13.33 -47.33 -14.03
C LEU C 253 -13.89 -45.96 -13.72
N ILE C 254 -13.29 -45.25 -12.72
CA ILE C 254 -13.71 -43.89 -12.41
C ILE C 254 -12.56 -42.91 -12.65
N GLU C 255 -12.92 -41.64 -12.92
CA GLU C 255 -11.96 -40.57 -13.18
C GLU C 255 -11.37 -40.10 -11.88
N ASN C 256 -10.43 -40.92 -11.39
CA ASN C 256 -9.78 -40.72 -10.12
C ASN C 256 -8.51 -41.56 -10.16
N PHE C 257 -7.52 -41.20 -9.34
CA PHE C 257 -6.38 -42.10 -9.22
C PHE C 257 -5.99 -42.27 -7.77
N HIS C 258 -5.60 -43.50 -7.41
CA HIS C 258 -5.07 -43.78 -6.09
C HIS C 258 -3.54 -43.50 -6.19
N MET C 259 -2.97 -43.00 -5.11
CA MET C 259 -1.55 -42.71 -5.05
C MET C 259 -1.03 -42.84 -3.63
N PHE C 260 0.27 -42.67 -3.48
CA PHE C 260 0.89 -42.45 -2.20
C PHE C 260 1.74 -41.19 -2.37
N THR C 261 1.97 -40.50 -1.26
CA THR C 261 2.68 -39.24 -1.27
C THR C 261 3.52 -39.10 -0.03
N PHE C 262 4.18 -37.97 0.10
CA PHE C 262 5.18 -37.75 1.13
C PHE C 262 5.02 -36.45 1.87
N ASN C 263 5.47 -36.43 3.13
CA ASN C 263 5.55 -35.18 3.87
C ASN C 263 6.99 -34.73 3.57
N MET C 264 7.13 -33.85 2.60
CA MET C 264 8.44 -33.34 2.16
C MET C 264 9.05 -32.30 3.11
N ASN C 265 8.36 -32.02 4.25
CA ASN C 265 8.92 -31.20 5.34
C ASN C 265 9.84 -32.09 6.20
N GLN C 266 9.67 -33.43 6.09
CA GLN C 266 10.52 -34.39 6.83
C GLN C 266 11.87 -34.50 6.15
N GLU C 267 12.97 -34.53 6.95
CA GLU C 267 14.34 -34.61 6.46
C GLU C 267 14.58 -35.63 5.34
N VAL C 268 14.13 -36.88 5.55
CA VAL C 268 14.30 -38.00 4.61
C VAL C 268 13.65 -37.78 3.24
N PHE C 269 12.61 -36.91 3.16
CA PHE C 269 11.88 -36.64 1.92
C PHE C 269 12.05 -35.25 1.33
N LYS C 270 12.97 -34.43 1.86
CA LYS C 270 13.21 -33.08 1.34
C LYS C 270 13.77 -33.15 -0.09
N ASP C 271 14.69 -34.08 -0.35
CA ASP C 271 15.30 -34.30 -1.67
C ASP C 271 14.56 -35.42 -2.42
N LYS C 272 14.62 -35.42 -3.75
CA LYS C 272 13.89 -36.39 -4.57
C LYS C 272 14.44 -37.84 -4.58
N LYS C 273 15.71 -38.06 -4.14
CA LYS C 273 16.35 -39.37 -4.22
C LYS C 273 15.57 -40.56 -3.66
N LEU C 274 15.20 -40.50 -2.37
CA LEU C 274 14.42 -41.60 -1.78
C LEU C 274 13.00 -41.67 -2.32
N ARG C 275 12.40 -40.51 -2.65
CA ARG C 275 11.06 -40.51 -3.21
C ARG C 275 11.07 -41.28 -4.54
N ARG C 276 12.05 -41.00 -5.39
CA ARG C 276 12.25 -41.67 -6.67
C ARG C 276 12.55 -43.16 -6.53
N ALA C 277 13.41 -43.53 -5.55
CA ALA C 277 13.75 -44.93 -5.27
C ALA C 277 12.46 -45.71 -4.97
N LEU C 278 11.63 -45.15 -4.09
CA LEU C 278 10.35 -45.78 -3.71
C LEU C 278 9.40 -45.90 -4.90
N ALA C 279 9.33 -44.86 -5.74
CA ALA C 279 8.49 -44.81 -6.94
C ALA C 279 8.95 -45.88 -7.97
N LEU C 280 10.26 -46.00 -8.19
CA LEU C 280 10.83 -46.93 -9.18
C LEU C 280 10.68 -48.41 -8.82
N ALA C 281 10.43 -48.71 -7.55
CA ALA C 281 10.27 -50.09 -7.06
C ALA C 281 8.80 -50.57 -7.07
N VAL C 282 7.84 -49.70 -7.43
CA VAL C 282 6.43 -50.07 -7.46
C VAL C 282 6.09 -50.87 -8.71
N ASN C 283 5.77 -52.15 -8.50
CA ASN C 283 5.35 -53.07 -9.54
C ASN C 283 3.81 -52.96 -9.63
N ARG C 284 3.33 -52.04 -10.47
CA ARG C 284 1.89 -51.81 -10.62
C ARG C 284 1.15 -52.98 -11.26
N PRO C 285 1.68 -53.64 -12.33
CA PRO C 285 0.94 -54.78 -12.93
C PRO C 285 0.62 -55.91 -11.95
N ILE C 286 1.54 -56.22 -10.99
CA ILE C 286 1.28 -57.29 -10.01
C ILE C 286 0.16 -56.86 -9.04
N MET C 287 0.15 -55.57 -8.66
CA MET C 287 -0.88 -55.04 -7.76
C MET C 287 -2.24 -55.08 -8.42
N VAL C 288 -2.30 -54.69 -9.70
CA VAL C 288 -3.56 -54.65 -10.46
C VAL C 288 -4.14 -56.04 -10.67
N GLU C 289 -3.28 -57.02 -10.94
CA GLU C 289 -3.70 -58.40 -11.08
C GLU C 289 -4.12 -58.99 -9.74
N ALA C 290 -3.28 -58.83 -8.71
CA ALA C 290 -3.51 -59.42 -7.38
C ALA C 290 -4.70 -58.90 -6.65
N LEU C 291 -4.91 -57.58 -6.73
CA LEU C 291 -5.94 -56.99 -5.90
C LEU C 291 -7.18 -56.54 -6.58
N TRP C 292 -7.09 -56.25 -7.87
CA TRP C 292 -8.20 -55.65 -8.61
C TRP C 292 -8.75 -56.54 -9.69
N LYS C 293 -8.19 -57.77 -9.82
CA LYS C 293 -8.61 -58.74 -10.83
C LYS C 293 -8.39 -58.17 -12.24
N LYS C 294 -7.28 -57.41 -12.42
CA LYS C 294 -6.92 -56.71 -13.66
C LYS C 294 -7.99 -55.69 -14.10
N GLN C 295 -8.91 -55.26 -13.20
CA GLN C 295 -9.97 -54.29 -13.56
C GLN C 295 -9.60 -52.83 -13.36
N ALA C 296 -8.59 -52.56 -12.51
CA ALA C 296 -8.06 -51.20 -12.34
C ALA C 296 -7.18 -50.91 -13.57
N SER C 297 -6.95 -49.64 -13.88
CA SER C 297 -6.15 -49.27 -15.05
C SER C 297 -4.90 -48.49 -14.65
N ILE C 298 -3.78 -48.83 -15.27
CA ILE C 298 -2.52 -48.15 -14.97
C ILE C 298 -2.35 -47.01 -15.98
N PRO C 299 -2.34 -45.74 -15.56
CA PRO C 299 -2.20 -44.66 -16.56
C PRO C 299 -0.75 -44.47 -16.95
N ALA C 300 -0.53 -43.93 -18.14
CA ALA C 300 0.82 -43.56 -18.58
C ALA C 300 1.04 -42.12 -18.08
N GLY C 301 1.28 -41.99 -16.77
CA GLY C 301 1.52 -40.71 -16.12
C GLY C 301 0.27 -40.04 -15.57
N PHE C 302 0.40 -38.75 -15.18
CA PHE C 302 -0.70 -37.90 -14.67
C PHE C 302 -1.48 -37.47 -15.92
N ASN C 303 -2.18 -38.47 -16.51
CA ASN C 303 -2.71 -38.40 -17.85
C ASN C 303 -3.84 -39.42 -17.98
N PHE C 304 -5.08 -38.93 -18.12
CA PHE C 304 -6.29 -39.76 -18.13
C PHE C 304 -7.19 -39.44 -19.31
N PRO C 305 -7.93 -40.46 -19.85
CA PRO C 305 -8.78 -40.24 -21.03
C PRO C 305 -9.81 -39.10 -20.95
N ASN C 306 -10.33 -38.81 -19.74
CA ASN C 306 -11.30 -37.72 -19.57
C ASN C 306 -10.68 -36.36 -19.84
N TYR C 307 -9.32 -36.26 -19.96
CA TYR C 307 -8.68 -34.97 -20.30
C TYR C 307 -8.99 -34.53 -21.73
N GLY C 308 -9.45 -35.46 -22.56
CA GLY C 308 -9.86 -35.17 -23.94
C GLY C 308 -8.74 -34.67 -24.82
N GLU C 309 -8.76 -33.36 -25.17
CA GLU C 309 -7.70 -32.75 -25.99
C GLU C 309 -6.32 -32.78 -25.31
N THR C 310 -6.30 -32.82 -23.95
CA THR C 310 -5.07 -32.85 -23.17
C THR C 310 -4.72 -34.23 -22.62
N PHE C 311 -5.35 -35.26 -23.17
CA PHE C 311 -4.98 -36.65 -22.87
C PHE C 311 -3.96 -37.03 -23.95
N ASP C 312 -2.86 -37.65 -23.54
CA ASP C 312 -1.86 -38.12 -24.49
C ASP C 312 -1.90 -39.67 -24.50
N PRO C 313 -2.57 -40.30 -25.51
CA PRO C 313 -2.65 -41.77 -25.52
C PRO C 313 -1.34 -42.47 -25.86
N LYS C 314 -0.34 -41.70 -26.36
CA LYS C 314 0.96 -42.21 -26.77
C LYS C 314 2.11 -42.09 -25.75
N ARG C 315 1.83 -41.52 -24.56
CA ARG C 315 2.83 -41.34 -23.50
C ARG C 315 3.49 -42.64 -23.07
N LYS C 316 4.79 -42.56 -22.75
CA LYS C 316 5.53 -43.73 -22.26
C LYS C 316 5.04 -44.08 -20.87
N ALA C 317 5.08 -45.38 -20.53
CA ALA C 317 4.65 -45.88 -19.23
C ALA C 317 5.54 -45.29 -18.14
N MET C 318 4.99 -45.18 -16.91
CA MET C 318 5.76 -44.73 -15.75
C MET C 318 6.78 -45.83 -15.48
N GLU C 319 8.02 -45.43 -15.22
CA GLU C 319 9.16 -46.33 -15.09
C GLU C 319 9.12 -47.29 -13.91
N TYR C 320 9.52 -48.52 -14.17
CA TYR C 320 9.66 -49.56 -13.15
C TYR C 320 11.10 -50.06 -13.33
N ASN C 321 11.94 -49.79 -12.33
CA ASN C 321 13.38 -50.11 -12.43
C ASN C 321 13.91 -50.39 -11.06
N VAL C 322 13.90 -51.65 -10.67
CA VAL C 322 14.37 -52.12 -9.37
C VAL C 322 15.87 -51.85 -9.18
N GLU C 323 16.68 -52.05 -10.24
CA GLU C 323 18.13 -51.85 -10.16
C GLU C 323 18.50 -50.41 -9.86
N GLU C 324 17.84 -49.45 -10.56
CA GLU C 324 18.10 -48.01 -10.33
C GLU C 324 17.60 -47.65 -8.94
N ALA C 325 16.42 -48.21 -8.51
CA ALA C 325 15.85 -47.95 -7.18
C ALA C 325 16.89 -48.32 -6.09
N LYS C 326 17.51 -49.52 -6.20
CA LYS C 326 18.53 -49.98 -5.25
C LYS C 326 19.73 -49.04 -5.18
N ARG C 327 20.16 -48.50 -6.36
CA ARG C 327 21.28 -47.57 -6.44
CA ARG C 327 21.27 -47.56 -6.47
C ARG C 327 20.92 -46.26 -5.73
N LEU C 328 19.71 -45.72 -5.98
CA LEU C 328 19.24 -44.49 -5.34
C LEU C 328 19.14 -44.65 -3.83
N VAL C 329 18.70 -45.83 -3.28
CA VAL C 329 18.66 -45.88 -1.82
C VAL C 329 20.04 -45.77 -1.22
N LYS C 330 20.99 -46.48 -1.83
CA LYS C 330 22.39 -46.46 -1.42
C LYS C 330 22.97 -45.03 -1.52
N GLU C 331 22.68 -44.33 -2.63
CA GLU C 331 23.14 -42.95 -2.86
C GLU C 331 22.50 -41.91 -1.93
N SER C 332 21.27 -42.17 -1.47
CA SER C 332 20.56 -41.26 -0.56
C SER C 332 21.17 -41.37 0.85
N GLY C 333 20.75 -40.52 1.78
CA GLY C 333 21.29 -40.63 3.13
C GLY C 333 20.72 -41.78 3.96
N TYR C 334 19.64 -42.44 3.45
CA TYR C 334 18.90 -43.52 4.12
C TYR C 334 19.70 -44.54 4.94
N ASP C 335 19.47 -44.53 6.27
CA ASP C 335 20.18 -45.39 7.24
C ASP C 335 19.50 -46.71 7.65
N GLY C 336 18.33 -46.99 7.09
CA GLY C 336 17.60 -48.21 7.43
C GLY C 336 16.53 -48.04 8.49
N THR C 337 16.39 -46.82 9.05
CA THR C 337 15.38 -46.54 10.06
C THR C 337 13.97 -46.72 9.46
N PRO C 338 13.02 -47.37 10.17
CA PRO C 338 11.67 -47.56 9.60
C PRO C 338 10.97 -46.25 9.24
N ILE C 339 10.32 -46.21 8.08
CA ILE C 339 9.56 -45.05 7.60
C ILE C 339 8.07 -45.42 7.69
N THR C 340 7.27 -44.57 8.36
CA THR C 340 5.84 -44.86 8.49
C THR C 340 5.06 -44.51 7.22
N TYR C 341 3.95 -45.22 7.00
CA TYR C 341 3.01 -44.98 5.90
C TYR C 341 1.63 -45.03 6.56
N HIS C 342 0.97 -43.86 6.64
CA HIS C 342 -0.34 -43.70 7.28
C HIS C 342 -1.46 -44.01 6.33
N THR C 343 -2.43 -44.82 6.81
CA THR C 343 -3.64 -45.18 6.06
C THR C 343 -4.85 -45.20 6.98
N MET C 344 -5.99 -44.69 6.52
CA MET C 344 -7.23 -44.74 7.30
C MET C 344 -7.91 -46.07 6.95
N GLY C 345 -7.29 -47.17 7.38
CA GLY C 345 -7.70 -48.52 7.04
C GLY C 345 -7.86 -48.67 5.53
N ASN C 346 -9.02 -49.19 5.09
CA ASN C 346 -9.32 -49.34 3.66
C ASN C 346 -10.27 -48.29 3.11
N TYR C 347 -10.11 -47.02 3.56
CA TYR C 347 -10.89 -45.87 3.04
C TYR C 347 -10.74 -45.86 1.53
N TYR C 348 -9.48 -46.08 1.04
CA TYR C 348 -9.20 -46.28 -0.37
C TYR C 348 -9.29 -47.77 -0.54
N ALA C 349 -10.09 -48.24 -1.51
CA ALA C 349 -10.25 -49.67 -1.74
C ALA C 349 -8.90 -50.34 -1.92
N ASN C 350 -8.67 -51.47 -1.19
CA ASN C 350 -7.46 -52.30 -1.24
C ASN C 350 -6.20 -51.58 -0.72
N ALA C 351 -6.35 -50.48 0.03
CA ALA C 351 -5.22 -49.70 0.56
C ALA C 351 -4.26 -50.53 1.41
N MET C 352 -4.79 -51.32 2.35
CA MET C 352 -3.94 -52.15 3.22
C MET C 352 -3.26 -53.30 2.48
N PRO C 353 -3.96 -54.13 1.65
CA PRO C 353 -3.23 -55.15 0.89
C PRO C 353 -2.23 -54.52 -0.11
N ALA C 354 -2.57 -53.36 -0.72
CA ALA C 354 -1.67 -52.67 -1.65
C ALA C 354 -0.39 -52.30 -0.89
N LEU C 355 -0.54 -51.73 0.31
CA LEU C 355 0.59 -51.36 1.15
C LEU C 355 1.42 -52.59 1.54
N MET C 356 0.76 -53.72 1.94
CA MET C 356 1.47 -54.96 2.27
C MET C 356 2.40 -55.35 1.10
N MET C 357 1.86 -55.33 -0.15
CA MET C 357 2.63 -55.69 -1.35
C MET C 357 3.80 -54.71 -1.56
N MET C 358 3.56 -53.40 -1.43
CA MET C 358 4.62 -52.40 -1.59
C MET C 358 5.68 -52.48 -0.52
N ILE C 359 5.29 -52.78 0.74
CA ILE C 359 6.26 -52.95 1.84
C ILE C 359 7.30 -54.02 1.44
N GLU C 360 6.86 -55.11 0.77
CA GLU C 360 7.80 -56.16 0.33
C GLU C 360 8.68 -55.67 -0.84
N MET C 361 8.08 -54.94 -1.81
CA MET C 361 8.85 -54.39 -2.94
C MET C 361 9.94 -53.46 -2.39
N TRP C 362 9.60 -52.68 -1.35
CA TRP C 362 10.54 -51.72 -0.74
C TRP C 362 11.58 -52.40 0.11
N LYS C 363 11.20 -53.49 0.80
CA LYS C 363 12.16 -54.29 1.58
C LYS C 363 13.28 -54.77 0.64
N GLN C 364 12.90 -55.23 -0.58
CA GLN C 364 13.82 -55.75 -1.58
C GLN C 364 14.85 -54.72 -2.10
N ILE C 365 14.55 -53.41 -2.00
CA ILE C 365 15.49 -52.37 -2.41
C ILE C 365 16.26 -51.79 -1.20
N GLY C 366 15.97 -52.28 -0.02
CA GLY C 366 16.62 -51.86 1.23
C GLY C 366 15.94 -50.77 2.03
N VAL C 367 14.60 -50.54 1.82
CA VAL C 367 13.87 -49.54 2.60
C VAL C 367 12.85 -50.24 3.50
N ASN C 368 12.86 -49.89 4.80
CA ASN C 368 11.91 -50.47 5.77
C ASN C 368 10.74 -49.57 5.97
N VAL C 369 9.57 -49.97 5.44
CA VAL C 369 8.32 -49.19 5.51
C VAL C 369 7.36 -49.93 6.44
N VAL C 370 6.72 -49.19 7.34
CA VAL C 370 5.80 -49.75 8.35
C VAL C 370 4.44 -49.08 8.27
N MET C 371 3.39 -49.90 8.32
CA MET C 371 2.03 -49.38 8.29
C MET C 371 1.65 -48.76 9.62
N LYS C 372 0.92 -47.64 9.56
CA LYS C 372 0.38 -46.92 10.69
C LYS C 372 -1.10 -46.64 10.33
N THR C 373 -2.04 -47.31 11.01
CA THR C 373 -3.48 -47.13 10.77
C THR C 373 -4.06 -46.10 11.74
N TYR C 374 -4.95 -45.22 11.25
CA TYR C 374 -5.66 -44.21 12.04
C TYR C 374 -7.16 -44.28 11.75
N ALA C 375 -7.96 -43.87 12.75
CA ALA C 375 -9.42 -43.88 12.67
C ALA C 375 -9.94 -42.63 11.96
N PRO C 376 -11.16 -42.66 11.35
CA PRO C 376 -11.69 -41.43 10.73
C PRO C 376 -11.73 -40.28 11.74
N GLY C 377 -11.37 -39.08 11.27
CA GLY C 377 -11.33 -37.87 12.08
C GLY C 377 -10.12 -37.81 13.00
N SER C 378 -9.22 -38.80 12.91
CA SER C 378 -8.01 -38.88 13.74
C SER C 378 -6.70 -38.86 12.95
N PHE C 379 -6.66 -38.14 11.80
CA PHE C 379 -5.40 -37.98 11.05
C PHE C 379 -4.45 -37.28 12.03
N PRO C 380 -3.25 -37.84 12.33
CA PRO C 380 -2.37 -37.17 13.30
C PRO C 380 -1.82 -35.85 12.78
N PRO C 381 -1.18 -35.00 13.65
CA PRO C 381 -0.54 -33.76 13.14
C PRO C 381 0.44 -34.10 12.01
N ASP C 382 0.52 -33.23 11.00
CA ASP C 382 1.34 -33.41 9.82
C ASP C 382 2.77 -33.90 10.11
N ASN C 383 3.44 -33.29 11.11
CA ASN C 383 4.82 -33.64 11.50
C ASN C 383 5.01 -35.04 12.09
N GLN C 384 3.91 -35.77 12.31
CA GLN C 384 3.93 -37.16 12.80
C GLN C 384 3.78 -38.13 11.61
N THR C 385 3.68 -37.59 10.38
CA THR C 385 3.49 -38.39 9.16
C THR C 385 4.67 -38.27 8.21
N TRP C 386 5.00 -39.37 7.53
CA TRP C 386 6.07 -39.45 6.54
C TRP C 386 5.41 -39.79 5.21
N MET C 387 5.15 -41.08 4.98
CA MET C 387 4.39 -41.49 3.77
C MET C 387 2.92 -41.58 4.12
N ARG C 388 2.05 -41.39 3.13
CA ARG C 388 0.61 -41.54 3.31
C ARG C 388 -0.04 -41.81 1.98
N ASN C 389 -1.19 -42.46 1.99
CA ASN C 389 -1.89 -42.69 0.73
C ASN C 389 -2.87 -41.54 0.52
N TRP C 390 -3.35 -41.39 -0.72
CA TRP C 390 -4.24 -40.32 -1.11
C TRP C 390 -4.90 -40.70 -2.44
N SER C 391 -5.84 -39.87 -2.89
CA SER C 391 -6.46 -40.06 -4.18
C SER C 391 -6.88 -38.69 -4.67
N ASN C 392 -7.06 -38.53 -5.97
CA ASN C 392 -7.57 -37.26 -6.53
C ASN C 392 -8.61 -37.59 -7.57
N GLY C 393 -9.79 -37.01 -7.43
CA GLY C 393 -10.85 -37.12 -8.43
C GLY C 393 -10.49 -36.17 -9.57
N GLN C 394 -10.46 -36.68 -10.81
CA GLN C 394 -10.07 -35.89 -11.98
C GLN C 394 -11.37 -35.25 -12.49
N TRP C 395 -11.69 -34.10 -11.88
CA TRP C 395 -12.96 -33.42 -12.03
C TRP C 395 -13.27 -32.54 -13.23
N MET C 396 -12.31 -32.33 -14.14
CA MET C 396 -12.54 -31.56 -15.35
CA MET C 396 -12.53 -31.55 -15.35
C MET C 396 -12.37 -32.45 -16.56
N THR C 397 -13.03 -32.12 -17.69
CA THR C 397 -12.82 -32.87 -18.95
C THR C 397 -11.64 -32.14 -19.64
N ASP C 398 -10.54 -31.96 -18.88
CA ASP C 398 -9.33 -31.24 -19.27
C ASP C 398 -8.24 -31.56 -18.27
N ALA C 399 -6.95 -31.51 -18.69
CA ALA C 399 -5.83 -31.83 -17.79
C ALA C 399 -5.55 -30.81 -16.67
N TYR C 400 -6.21 -29.65 -16.67
CA TYR C 400 -6.00 -28.63 -15.63
C TYR C 400 -6.15 -29.24 -14.22
N ALA C 401 -7.22 -30.04 -14.01
CA ALA C 401 -7.45 -30.72 -12.73
C ALA C 401 -6.92 -32.16 -12.83
N THR C 402 -6.21 -32.68 -11.79
CA THR C 402 -5.92 -31.99 -10.54
C THR C 402 -4.47 -31.51 -10.45
N ILE C 403 -3.67 -31.70 -11.51
CA ILE C 403 -2.25 -31.30 -11.45
C ILE C 403 -2.05 -29.83 -11.04
N VAL C 404 -2.83 -28.90 -11.60
CA VAL C 404 -2.61 -27.50 -11.25
C VAL C 404 -3.17 -27.18 -9.83
N PRO C 405 -4.47 -27.37 -9.52
CA PRO C 405 -4.94 -27.00 -8.17
C PRO C 405 -4.30 -27.76 -7.00
N GLU C 406 -3.92 -29.05 -7.16
CA GLU C 406 -3.31 -29.81 -6.07
C GLU C 406 -1.80 -29.74 -6.04
N PHE C 407 -1.15 -29.87 -7.21
CA PHE C 407 0.31 -29.95 -7.28
C PHE C 407 0.99 -28.65 -7.73
N GLY C 408 0.18 -27.65 -8.11
CA GLY C 408 0.69 -26.37 -8.57
C GLY C 408 1.16 -25.46 -7.45
N PRO C 409 1.63 -24.25 -7.83
CA PRO C 409 2.21 -23.32 -6.81
C PRO C 409 1.26 -22.87 -5.71
N ASN C 410 -0.06 -22.88 -5.98
CA ASN C 410 -1.08 -22.48 -5.01
C ASN C 410 -1.64 -23.65 -4.20
N GLY C 411 -1.20 -24.88 -4.53
CA GLY C 411 -1.72 -26.09 -3.92
C GLY C 411 -1.10 -26.54 -2.61
N GLN C 412 -1.77 -27.52 -1.96
CA GLN C 412 -1.33 -28.05 -0.66
C GLN C 412 -0.03 -28.88 -0.71
N VAL C 413 0.24 -29.57 -1.83
CA VAL C 413 1.44 -30.42 -1.94
C VAL C 413 2.70 -29.54 -1.78
N GLN C 414 2.68 -28.32 -2.36
CA GLN C 414 3.81 -27.41 -2.22
C GLN C 414 3.72 -26.58 -0.92
N LYS C 415 2.53 -26.00 -0.62
CA LYS C 415 2.32 -25.11 0.52
C LYS C 415 2.20 -25.74 1.89
N ARG C 416 1.57 -26.90 1.99
CA ARG C 416 1.40 -27.59 3.29
C ARG C 416 2.40 -28.73 3.43
N TRP C 417 2.60 -29.49 2.35
CA TRP C 417 3.43 -30.68 2.35
C TRP C 417 4.90 -30.52 1.98
N GLY C 418 5.32 -29.28 1.72
CA GLY C 418 6.71 -28.92 1.50
C GLY C 418 7.40 -29.29 0.19
N TRP C 419 6.63 -29.61 -0.87
CA TRP C 419 7.29 -29.91 -2.16
C TRP C 419 7.89 -28.63 -2.73
N LYS C 420 9.21 -28.64 -2.89
CA LYS C 420 9.94 -27.51 -3.47
C LYS C 420 10.04 -27.78 -4.97
N ALA C 421 8.95 -27.53 -5.68
CA ALA C 421 8.83 -27.79 -7.11
C ALA C 421 9.83 -26.96 -7.94
N PRO C 422 10.41 -27.53 -9.02
CA PRO C 422 11.31 -26.74 -9.88
C PRO C 422 10.52 -25.54 -10.43
N ALA C 423 11.19 -24.38 -10.54
CA ALA C 423 10.53 -23.16 -11.05
C ALA C 423 9.83 -23.40 -12.39
N GLU C 424 10.46 -24.22 -13.28
CA GLU C 424 9.89 -24.55 -14.59
C GLU C 424 8.50 -25.18 -14.44
N PHE C 425 8.31 -26.07 -13.44
CA PHE C 425 7.00 -26.71 -13.22
C PHE C 425 5.92 -25.65 -12.91
N ASN C 426 6.21 -24.71 -12.01
CA ASN C 426 5.27 -23.64 -11.66
C ASN C 426 4.99 -22.66 -12.80
N GLU C 427 6.01 -22.40 -13.64
CA GLU C 427 5.87 -21.55 -14.82
C GLU C 427 4.91 -22.24 -15.82
N LEU C 428 5.03 -23.58 -15.99
CA LEU C 428 4.13 -24.32 -16.90
C LEU C 428 2.71 -24.40 -16.36
N CYS C 429 2.52 -24.46 -15.03
CA CYS C 429 1.19 -24.43 -14.41
C CYS C 429 0.51 -23.12 -14.80
N GLN C 430 1.25 -22.01 -14.77
CA GLN C 430 0.69 -20.71 -15.16
C GLN C 430 0.27 -20.73 -16.64
N LYS C 431 1.17 -21.22 -17.52
CA LYS C 431 0.92 -21.32 -18.97
C LYS C 431 -0.31 -22.13 -19.31
N VAL C 432 -0.41 -23.36 -18.78
CA VAL C 432 -1.59 -24.19 -19.08
C VAL C 432 -2.91 -23.60 -18.58
N THR C 433 -2.83 -22.78 -17.52
CA THR C 433 -4.00 -22.12 -16.96
C THR C 433 -4.63 -21.13 -17.99
N VAL C 434 -3.76 -20.38 -18.69
CA VAL C 434 -4.14 -19.28 -19.60
C VAL C 434 -4.18 -19.56 -21.11
N LEU C 435 -3.50 -20.60 -21.56
CA LEU C 435 -3.43 -20.90 -22.99
C LEU C 435 -4.66 -21.61 -23.51
N PRO C 436 -4.99 -21.39 -24.81
CA PRO C 436 -6.05 -22.20 -25.44
C PRO C 436 -5.45 -23.56 -25.77
N ASN C 437 -6.28 -24.55 -26.14
CA ASN C 437 -5.77 -25.83 -26.56
C ASN C 437 -5.00 -25.67 -27.87
N GLY C 438 -3.93 -26.45 -27.99
CA GLY C 438 -3.03 -26.41 -29.13
C GLY C 438 -1.71 -27.02 -28.76
N LYS C 439 -0.74 -26.95 -29.69
CA LYS C 439 0.57 -27.59 -29.49
C LYS C 439 1.30 -27.15 -28.23
N GLU C 440 1.32 -25.84 -27.93
CA GLU C 440 2.01 -25.30 -26.77
C GLU C 440 1.45 -25.83 -25.45
N ARG C 441 0.13 -25.78 -25.28
CA ARG C 441 -0.56 -26.28 -24.08
C ARG C 441 -0.39 -27.79 -23.93
N PHE C 442 -0.54 -28.54 -25.06
CA PHE C 442 -0.39 -30.00 -25.06
C PHE C 442 1.02 -30.41 -24.62
N ASP C 443 2.04 -29.74 -25.18
CA ASP C 443 3.43 -30.01 -24.83
C ASP C 443 3.78 -29.63 -23.39
N ALA C 444 3.15 -28.54 -22.88
CA ALA C 444 3.38 -28.06 -21.51
C ALA C 444 2.90 -29.08 -20.50
N TYR C 445 1.70 -29.67 -20.73
CA TYR C 445 1.25 -30.74 -19.83
C TYR C 445 2.23 -31.93 -19.84
N ASN C 446 2.73 -32.31 -21.03
CA ASN C 446 3.67 -33.45 -21.11
C ASN C 446 4.99 -33.15 -20.39
N ARG C 447 5.47 -31.89 -20.42
CA ARG C 447 6.69 -31.50 -19.69
C ARG C 447 6.41 -31.48 -18.17
N MET C 448 5.20 -31.01 -17.75
CA MET C 448 4.80 -31.06 -16.33
C MET C 448 4.73 -32.53 -15.83
N ARG C 449 4.17 -33.43 -16.69
CA ARG C 449 4.06 -34.86 -16.34
C ARG C 449 5.46 -35.46 -16.19
N ASP C 450 6.39 -35.07 -17.07
CA ASP C 450 7.77 -35.56 -16.99
C ASP C 450 8.43 -35.10 -15.67
N ILE C 451 8.27 -33.82 -15.32
CA ILE C 451 8.83 -33.26 -14.08
C ILE C 451 8.22 -33.96 -12.87
N PHE C 452 6.88 -34.16 -12.89
CA PHE C 452 6.17 -34.87 -11.83
C PHE C 452 6.83 -36.24 -11.59
N GLU C 453 7.13 -36.99 -12.67
CA GLU C 453 7.77 -38.31 -12.54
C GLU C 453 9.22 -38.23 -12.07
N GLU C 454 9.95 -37.20 -12.52
CA GLU C 454 11.34 -36.98 -12.12
C GLU C 454 11.45 -36.61 -10.64
N GLU C 455 10.50 -35.83 -10.14
CA GLU C 455 10.51 -35.31 -8.76
C GLU C 455 9.81 -36.20 -7.76
N ALA C 456 8.84 -37.01 -8.22
CA ALA C 456 8.04 -37.91 -7.39
C ALA C 456 7.49 -37.23 -6.09
N PRO C 457 6.77 -36.06 -6.19
CA PRO C 457 6.12 -35.52 -4.98
C PRO C 457 4.99 -36.46 -4.52
N ALA C 458 4.48 -37.27 -5.47
CA ALA C 458 3.52 -38.35 -5.25
C ALA C 458 3.81 -39.43 -6.29
N VAL C 459 3.29 -40.62 -6.07
CA VAL C 459 3.47 -41.75 -6.98
C VAL C 459 2.10 -42.26 -7.33
N ILE C 460 1.74 -42.21 -8.61
CA ILE C 460 0.43 -42.68 -9.09
C ILE C 460 0.44 -44.20 -9.10
N LEU C 461 -0.61 -44.82 -8.56
CA LEU C 461 -0.69 -46.28 -8.54
C LEU C 461 -1.53 -46.72 -9.72
N TYR C 462 -2.82 -46.29 -9.74
CA TYR C 462 -3.75 -46.70 -10.77
C TYR C 462 -5.06 -45.96 -10.67
N GLN C 463 -5.87 -46.12 -11.69
CA GLN C 463 -7.24 -45.63 -11.77
C GLN C 463 -8.10 -46.78 -11.18
N PRO C 464 -8.82 -46.59 -10.05
CA PRO C 464 -9.57 -47.73 -9.46
C PRO C 464 -10.81 -48.09 -10.26
N TYR C 465 -11.29 -49.30 -10.02
CA TYR C 465 -12.49 -49.81 -10.64
C TYR C 465 -13.57 -49.83 -9.55
N ASP C 466 -14.55 -48.90 -9.65
CA ASP C 466 -15.63 -48.80 -8.68
C ASP C 466 -16.65 -49.90 -8.95
N VAL C 467 -17.20 -50.46 -7.88
CA VAL C 467 -18.19 -51.54 -8.00
C VAL C 467 -19.42 -51.20 -7.18
N TYR C 468 -20.59 -51.23 -7.83
CA TYR C 468 -21.91 -51.08 -7.21
C TYR C 468 -22.58 -52.47 -7.30
N ALA C 469 -23.65 -52.68 -6.54
CA ALA C 469 -24.46 -53.88 -6.68
C ALA C 469 -25.91 -53.47 -6.62
N ALA C 470 -26.77 -54.14 -7.37
CA ALA C 470 -28.18 -53.77 -7.43
C ALA C 470 -29.05 -54.95 -7.74
N ARG C 471 -30.36 -54.74 -7.55
CA ARG C 471 -31.38 -55.70 -7.95
C ARG C 471 -31.44 -55.58 -9.48
N LYS C 472 -31.50 -56.72 -10.17
CA LYS C 472 -31.47 -56.74 -11.62
C LYS C 472 -32.59 -55.95 -12.28
N ASP C 473 -33.75 -55.86 -11.61
CA ASP C 473 -34.88 -55.10 -12.17
C ASP C 473 -34.85 -53.62 -11.82
N VAL C 474 -33.77 -53.15 -11.15
CA VAL C 474 -33.63 -51.73 -10.86
C VAL C 474 -32.61 -51.31 -11.93
N HIS C 475 -33.09 -50.69 -13.01
CA HIS C 475 -32.26 -50.32 -14.16
C HIS C 475 -31.57 -49.01 -13.96
N TRP C 476 -30.22 -49.04 -13.89
CA TRP C 476 -29.40 -47.88 -13.62
C TRP C 476 -27.96 -48.21 -14.03
N LYS C 477 -27.36 -47.34 -14.86
CA LYS C 477 -25.99 -47.55 -15.28
C LYS C 477 -25.00 -46.65 -14.57
N PRO C 478 -23.87 -47.20 -14.07
CA PRO C 478 -22.83 -46.33 -13.48
C PRO C 478 -22.21 -45.41 -14.56
N VAL C 479 -21.67 -44.29 -14.13
CA VAL C 479 -20.91 -43.36 -14.98
C VAL C 479 -19.45 -43.43 -14.49
N SER C 480 -18.48 -43.03 -15.32
CA SER C 480 -17.05 -43.09 -14.94
C SER C 480 -16.61 -41.95 -13.98
N PHE C 481 -17.40 -41.68 -12.96
CA PHE C 481 -17.07 -40.63 -11.98
C PHE C 481 -17.68 -40.99 -10.64
N GLU C 482 -17.17 -40.37 -9.57
CA GLU C 482 -17.64 -40.56 -8.18
C GLU C 482 -18.96 -39.85 -7.90
N MET C 483 -20.00 -40.27 -8.64
CA MET C 483 -21.37 -39.78 -8.48
C MET C 483 -22.33 -40.75 -9.12
N MET C 484 -23.65 -40.52 -8.94
CA MET C 484 -24.68 -41.40 -9.54
C MET C 484 -25.57 -40.51 -10.34
N GLU C 485 -25.83 -40.90 -11.60
CA GLU C 485 -26.69 -40.13 -12.49
C GLU C 485 -28.02 -40.91 -12.64
N PHE C 486 -29.18 -40.23 -12.44
CA PHE C 486 -30.48 -40.89 -12.60
C PHE C 486 -31.29 -40.30 -13.78
N ARG C 487 -30.83 -39.15 -14.37
CA ARG C 487 -31.54 -38.52 -15.51
C ARG C 487 -31.50 -39.48 -16.71
N ASN C 488 -32.68 -39.94 -17.19
CA ASN C 488 -32.85 -40.93 -18.28
C ASN C 488 -32.06 -42.16 -17.94
N ASN C 489 -31.92 -42.42 -16.65
CA ASN C 489 -31.04 -43.52 -16.22
C ASN C 489 -31.52 -44.21 -14.95
N LEU C 490 -32.84 -44.35 -14.82
CA LEU C 490 -33.43 -45.06 -13.67
C LEU C 490 -34.84 -45.47 -13.99
N SER C 491 -35.10 -46.76 -13.87
CA SER C 491 -36.43 -47.32 -14.03
C SER C 491 -36.54 -48.60 -13.21
N PHE C 492 -37.80 -49.03 -12.95
CA PHE C 492 -38.06 -50.18 -12.10
C PHE C 492 -38.89 -51.21 -12.82
N GLY C 493 -38.34 -52.42 -12.91
CA GLY C 493 -39.03 -53.55 -13.55
C GLY C 493 -40.25 -54.03 -12.80
N GLU D 3 11.40 47.57 4.41
CA GLU D 3 11.44 48.06 5.79
C GLU D 3 10.73 47.07 6.72
N ARG D 4 9.41 46.82 6.50
CA ARG D 4 8.67 45.85 7.30
C ARG D 4 9.05 44.45 6.86
N ARG D 5 9.10 43.52 7.82
CA ARG D 5 9.37 42.12 7.57
C ARG D 5 8.22 41.52 6.72
N ALA D 6 8.54 40.56 5.85
CA ALA D 6 7.53 39.85 5.07
C ALA D 6 7.15 38.63 5.90
N LEU D 7 5.86 38.37 6.05
CA LEU D 7 5.38 37.24 6.82
C LEU D 7 5.31 35.99 5.94
N ARG D 8 5.92 34.91 6.41
CA ARG D 8 5.95 33.64 5.69
C ARG D 8 5.12 32.61 6.46
N LEU D 9 4.00 32.19 5.88
CA LEU D 9 3.15 31.22 6.55
C LEU D 9 3.23 29.85 5.85
N GLY D 10 3.43 28.80 6.65
CA GLY D 10 3.46 27.42 6.16
C GLY D 10 2.09 26.86 6.49
N VAL D 11 1.25 26.68 5.46
CA VAL D 11 -0.13 26.25 5.62
C VAL D 11 -0.44 24.82 5.15
N ASN D 12 -1.58 24.28 5.62
CA ASN D 12 -2.06 22.94 5.25
C ASN D 12 -2.64 22.90 3.83
N GLY D 13 -3.17 24.03 3.34
CA GLY D 13 -3.81 24.07 2.03
C GLY D 13 -4.31 25.46 1.68
N LEU D 14 -4.96 25.58 0.50
CA LEU D 14 -5.50 26.85 0.00
C LEU D 14 -6.91 26.66 -0.54
N PRO D 15 -7.74 27.72 -0.51
CA PRO D 15 -9.09 27.60 -1.11
C PRO D 15 -8.98 27.55 -2.63
N ASN D 16 -10.03 27.11 -3.32
CA ASN D 16 -10.02 27.10 -4.79
C ASN D 16 -10.31 28.49 -5.34
N SER D 17 -10.81 29.40 -4.51
CA SER D 17 -11.18 30.75 -4.91
C SER D 17 -10.98 31.75 -3.78
N LEU D 18 -10.68 33.03 -4.12
CA LEU D 18 -10.55 34.11 -3.13
C LEU D 18 -11.82 34.98 -3.09
N GLU D 19 -12.87 34.56 -3.83
CA GLU D 19 -14.19 35.19 -3.76
C GLU D 19 -14.57 34.86 -2.29
N PRO D 20 -14.92 35.86 -1.44
CA PRO D 20 -15.01 35.58 0.00
C PRO D 20 -15.98 34.53 0.49
N VAL D 21 -17.12 34.37 -0.17
CA VAL D 21 -18.08 33.34 0.21
C VAL D 21 -17.57 31.99 -0.31
N ASN D 22 -17.08 31.93 -1.57
CA ASN D 22 -16.55 30.68 -2.13
C ASN D 22 -15.29 30.17 -1.42
N ALA D 23 -14.59 31.08 -0.71
CA ALA D 23 -13.39 30.76 0.08
C ALA D 23 -13.71 30.10 1.43
N ILE D 24 -14.98 30.12 1.86
CA ILE D 24 -15.40 29.55 3.15
C ILE D 24 -14.97 28.07 3.23
N SER D 25 -14.15 27.77 4.23
CA SER D 25 -13.48 26.49 4.45
C SER D 25 -12.54 26.66 5.62
N ASN D 26 -11.74 25.63 5.89
CA ASN D 26 -10.74 25.71 6.95
C ASN D 26 -9.51 26.58 6.49
N VAL D 27 -9.30 26.64 5.17
CA VAL D 27 -8.10 27.26 4.56
C VAL D 27 -8.30 28.69 3.97
N GLY D 28 -9.53 29.05 3.60
CA GLY D 28 -9.82 30.35 2.99
C GLY D 28 -9.89 31.57 3.90
N PRO D 29 -10.63 31.49 5.03
CA PRO D 29 -10.78 32.68 5.89
C PRO D 29 -9.49 33.35 6.36
N ARG D 30 -8.41 32.57 6.64
CA ARG D 30 -7.13 33.16 7.03
C ARG D 30 -6.54 34.11 5.95
N ILE D 31 -6.99 33.93 4.69
CA ILE D 31 -6.59 34.77 3.56
C ILE D 31 -7.62 35.88 3.34
N VAL D 32 -8.90 35.51 3.13
CA VAL D 32 -9.93 36.53 2.84
C VAL D 32 -10.20 37.55 3.95
N ASN D 33 -9.88 37.18 5.20
CA ASN D 33 -9.99 38.09 6.35
C ASN D 33 -9.00 39.28 6.17
N GLN D 34 -7.93 39.08 5.40
CA GLN D 34 -6.94 40.13 5.12
C GLN D 34 -7.34 41.03 3.97
N ILE D 35 -7.95 40.46 2.93
CA ILE D 35 -8.32 41.20 1.73
C ILE D 35 -9.53 42.08 1.91
N PHE D 36 -10.50 41.65 2.76
CA PHE D 36 -11.78 42.31 2.88
C PHE D 36 -12.07 42.75 4.31
N ASP D 37 -13.14 43.52 4.43
CA ASP D 37 -13.70 43.96 5.71
C ASP D 37 -15.17 43.62 5.71
N THR D 38 -15.81 43.72 6.90
CA THR D 38 -17.26 43.53 7.07
C THR D 38 -17.83 44.86 7.60
N LEU D 39 -19.15 44.99 7.64
CA LEU D 39 -19.83 46.18 8.17
C LEU D 39 -19.58 46.29 9.68
N ILE D 40 -19.69 45.15 10.35
CA ILE D 40 -19.48 45.00 11.79
C ILE D 40 -18.38 43.96 11.96
N ALA D 41 -17.45 44.20 12.89
CA ALA D 41 -16.37 43.25 13.12
C ALA D 41 -16.47 42.62 14.50
N ARG D 42 -16.08 41.35 14.60
CA ARG D 42 -16.04 40.69 15.89
C ARG D 42 -14.69 41.00 16.52
N ASP D 43 -14.70 41.55 17.76
CA ASP D 43 -13.43 41.81 18.45
C ASP D 43 -13.15 40.66 19.40
N PHE D 44 -12.41 39.67 18.92
CA PHE D 44 -12.09 38.48 19.70
C PHE D 44 -11.30 38.74 20.99
N PHE D 45 -10.59 39.88 21.08
CA PHE D 45 -9.75 40.22 22.24
C PHE D 45 -10.37 41.26 23.17
N ALA D 46 -11.68 41.56 22.99
CA ALA D 46 -12.38 42.55 23.81
C ALA D 46 -12.30 42.21 25.29
N LYS D 47 -12.08 43.23 26.13
CA LYS D 47 -12.03 43.14 27.60
C LYS D 47 -11.08 42.05 28.13
N GLY D 48 -9.92 41.93 27.49
CA GLY D 48 -8.89 40.96 27.87
C GLY D 48 -9.23 39.50 27.63
N ALA D 49 -10.19 39.22 26.74
CA ALA D 49 -10.58 37.84 26.43
C ALA D 49 -9.43 37.12 25.73
N PRO D 50 -9.25 35.80 25.96
CA PRO D 50 -8.16 35.07 25.29
C PRO D 50 -8.49 34.69 23.84
N GLY D 51 -8.87 35.67 23.03
CA GLY D 51 -9.18 35.47 21.63
C GLY D 51 -10.50 34.80 21.33
N ASN D 52 -11.44 34.77 22.31
CA ASN D 52 -12.76 34.14 22.11
C ASN D 52 -13.95 35.07 22.40
N ALA D 53 -13.72 36.39 22.54
CA ALA D 53 -14.85 37.29 22.81
C ALA D 53 -15.83 37.33 21.64
N ILE D 54 -17.11 37.57 21.93
CA ILE D 54 -18.14 37.65 20.91
C ILE D 54 -18.61 39.10 20.67
N ASP D 55 -17.92 40.08 21.31
CA ASP D 55 -18.24 41.49 21.21
C ASP D 55 -18.15 41.95 19.76
N LEU D 56 -19.17 42.68 19.31
CA LEU D 56 -19.25 43.20 17.96
C LEU D 56 -19.01 44.69 17.97
N VAL D 57 -18.15 45.16 17.08
CA VAL D 57 -17.79 46.59 17.03
C VAL D 57 -17.97 47.18 15.63
N PRO D 58 -18.07 48.52 15.49
CA PRO D 58 -18.12 49.09 14.14
C PRO D 58 -16.89 48.76 13.30
N ALA D 59 -17.10 48.56 12.01
CA ALA D 59 -16.00 48.32 11.06
C ALA D 59 -16.31 49.19 9.82
N LEU D 60 -16.76 48.63 8.66
CA LEU D 60 -17.13 49.49 7.52
C LEU D 60 -18.37 50.34 7.79
N ALA D 61 -19.23 49.90 8.74
CA ALA D 61 -20.38 50.67 9.19
C ALA D 61 -19.94 51.37 10.44
N GLU D 62 -19.98 52.71 10.45
CA GLU D 62 -19.61 53.48 11.62
C GLU D 62 -20.68 53.34 12.70
N SER D 63 -21.95 53.18 12.26
CA SER D 63 -23.10 53.03 13.13
C SER D 63 -24.21 52.30 12.38
N TRP D 64 -25.18 51.83 13.13
CA TRP D 64 -26.35 51.15 12.57
C TRP D 64 -27.51 51.26 13.51
N GLU D 65 -28.73 51.17 12.95
CA GLU D 65 -29.94 51.30 13.74
C GLU D 65 -30.96 50.30 13.18
N ARG D 66 -31.46 49.39 14.05
CA ARG D 66 -32.53 48.45 13.66
C ARG D 66 -33.80 49.28 13.49
N ILE D 67 -34.46 49.16 12.34
CA ILE D 67 -35.66 49.93 12.04
C ILE D 67 -36.90 49.20 12.58
N ASP D 68 -36.96 47.88 12.37
CA ASP D 68 -38.08 47.04 12.78
C ASP D 68 -37.66 45.58 12.87
N GLU D 69 -38.62 44.66 12.83
CA GLU D 69 -38.31 43.22 12.93
C GLU D 69 -37.56 42.63 11.72
N LYS D 70 -37.44 43.40 10.62
CA LYS D 70 -36.80 42.88 9.41
C LYS D 70 -35.83 43.83 8.70
N SER D 71 -35.35 44.88 9.36
CA SER D 71 -34.41 45.75 8.65
C SER D 71 -33.51 46.47 9.59
N VAL D 72 -32.30 46.74 9.09
CA VAL D 72 -31.29 47.52 9.81
C VAL D 72 -30.66 48.52 8.84
N ARG D 73 -30.60 49.79 9.26
CA ARG D 73 -30.05 50.88 8.47
C ARG D 73 -28.61 51.07 8.89
N PHE D 74 -27.66 51.01 7.93
CA PHE D 74 -26.22 51.16 8.20
C PHE D 74 -25.71 52.49 7.66
N LYS D 75 -24.90 53.17 8.47
CA LYS D 75 -24.24 54.42 8.10
C LYS D 75 -22.77 54.06 7.91
N LEU D 76 -22.28 54.18 6.68
CA LEU D 76 -20.94 53.77 6.31
C LEU D 76 -19.84 54.75 6.62
N ARG D 77 -18.65 54.18 6.89
CA ARG D 77 -17.43 54.95 7.07
C ARG D 77 -17.15 55.62 5.71
N GLN D 78 -16.73 56.89 5.74
CA GLN D 78 -16.50 57.64 4.51
C GLN D 78 -15.04 57.62 4.09
N LYS D 79 -14.79 57.75 2.76
CA LYS D 79 -13.45 57.81 2.13
C LYS D 79 -12.65 56.51 2.25
N VAL D 80 -13.36 55.39 2.41
CA VAL D 80 -12.73 54.07 2.49
C VAL D 80 -12.40 53.69 1.06
N MET D 81 -11.19 53.20 0.84
CA MET D 81 -10.77 52.87 -0.50
C MET D 81 -10.68 51.36 -0.76
N PHE D 82 -11.24 50.93 -1.90
CA PHE D 82 -10.98 49.57 -2.37
C PHE D 82 -9.52 49.63 -2.89
N HIS D 83 -8.85 48.48 -3.00
CA HIS D 83 -7.44 48.41 -3.41
C HIS D 83 -7.11 49.06 -4.75
N ASP D 84 -8.11 49.14 -5.64
CA ASP D 84 -7.96 49.72 -6.97
C ASP D 84 -8.30 51.22 -7.04
N GLY D 85 -8.44 51.87 -5.90
CA GLY D 85 -8.68 53.30 -5.83
C GLY D 85 -10.09 53.74 -6.14
N VAL D 86 -11.07 52.86 -5.85
CA VAL D 86 -12.52 53.12 -5.99
C VAL D 86 -13.04 53.30 -4.56
N GLU D 87 -13.71 54.42 -4.26
CA GLU D 87 -14.24 54.67 -2.92
C GLU D 87 -15.43 53.76 -2.63
N LEU D 88 -15.47 53.23 -1.40
CA LEU D 88 -16.56 52.37 -0.95
C LEU D 88 -17.83 53.22 -0.77
N THR D 89 -18.95 52.77 -1.33
CA THR D 89 -20.23 53.46 -1.16
C THR D 89 -21.34 52.45 -0.86
N ALA D 90 -22.56 52.96 -0.57
CA ALA D 90 -23.73 52.13 -0.32
C ALA D 90 -24.02 51.13 -1.46
N ASP D 91 -23.70 51.50 -2.73
CA ASP D 91 -23.92 50.60 -3.88
C ASP D 91 -23.11 49.31 -3.80
N ASP D 92 -21.88 49.37 -3.24
CA ASP D 92 -21.05 48.17 -3.07
C ASP D 92 -21.67 47.25 -2.01
N VAL D 93 -22.16 47.86 -0.89
CA VAL D 93 -22.77 47.08 0.21
C VAL D 93 -24.09 46.47 -0.31
N ALA D 94 -24.89 47.26 -1.06
CA ALA D 94 -26.15 46.75 -1.64
C ALA D 94 -25.85 45.56 -2.56
N TYR D 95 -24.83 45.71 -3.44
CA TYR D 95 -24.45 44.63 -4.37
C TYR D 95 -24.01 43.38 -3.60
N THR D 96 -23.21 43.53 -2.53
CA THR D 96 -22.74 42.41 -1.71
C THR D 96 -23.91 41.55 -1.21
N PHE D 97 -25.01 42.19 -0.77
CA PHE D 97 -26.17 41.46 -0.24
C PHE D 97 -27.35 41.37 -1.18
N SER D 98 -27.08 41.46 -2.49
CA SER D 98 -28.12 41.47 -3.52
C SER D 98 -28.56 40.07 -3.96
N SER D 99 -29.75 40.00 -4.59
CA SER D 99 -30.27 38.77 -5.15
C SER D 99 -29.33 38.35 -6.30
N GLU D 100 -28.87 39.32 -7.13
CA GLU D 100 -28.00 39.09 -8.28
C GLU D 100 -26.67 38.42 -7.92
N ARG D 101 -26.02 38.89 -6.85
CA ARG D 101 -24.72 38.39 -6.48
C ARG D 101 -24.74 37.24 -5.48
N LEU D 102 -25.61 37.32 -4.46
CA LEU D 102 -25.54 36.39 -3.34
C LEU D 102 -26.59 35.28 -3.21
N TRP D 103 -27.86 35.68 -2.98
CA TRP D 103 -28.92 34.76 -2.61
C TRP D 103 -29.97 34.40 -3.67
N GLY D 104 -29.94 35.07 -4.82
CA GLY D 104 -30.93 34.83 -5.86
C GLY D 104 -30.72 33.54 -6.63
N PRO D 105 -31.70 33.15 -7.46
CA PRO D 105 -31.58 31.89 -8.21
C PRO D 105 -30.41 31.82 -9.19
N GLU D 106 -30.01 32.94 -9.79
CA GLU D 106 -28.85 32.98 -10.72
C GLU D 106 -27.53 32.99 -9.98
N ALA D 107 -27.46 33.74 -8.88
CA ALA D 107 -26.27 33.88 -8.03
C ALA D 107 -25.77 32.51 -7.56
N ILE D 108 -26.71 31.59 -7.35
CA ILE D 108 -26.50 30.24 -6.85
C ILE D 108 -25.57 29.32 -7.63
N LYS D 109 -25.50 29.50 -8.96
CA LYS D 109 -24.64 28.68 -9.80
C LYS D 109 -23.19 29.12 -9.66
N LYS D 110 -22.94 30.41 -9.35
CA LYS D 110 -21.59 30.95 -9.19
C LYS D 110 -21.12 30.85 -7.75
N ILE D 111 -22.08 31.03 -6.79
CA ILE D 111 -21.86 30.97 -5.33
C ILE D 111 -22.77 29.87 -4.73
N PRO D 112 -22.35 28.58 -4.74
CA PRO D 112 -23.26 27.51 -4.31
C PRO D 112 -23.88 27.58 -2.92
N LEU D 113 -23.24 28.22 -1.96
CA LEU D 113 -23.79 28.33 -0.62
C LEU D 113 -24.39 29.72 -0.32
N GLY D 114 -24.56 30.53 -1.37
CA GLY D 114 -25.06 31.89 -1.24
C GLY D 114 -26.44 31.98 -0.62
N LYS D 115 -27.36 31.12 -1.08
CA LYS D 115 -28.72 31.12 -0.55
C LYS D 115 -28.77 30.29 0.75
N SER D 116 -28.16 29.10 0.74
CA SER D 116 -28.11 28.16 1.86
C SER D 116 -27.58 28.79 3.17
N TYR D 117 -26.49 29.57 3.09
CA TYR D 117 -25.92 30.16 4.31
C TYR D 117 -26.39 31.60 4.54
N SER D 118 -27.30 32.12 3.72
CA SER D 118 -27.75 33.50 3.94
C SER D 118 -29.04 33.52 4.71
N LEU D 119 -29.38 34.69 5.25
CA LEU D 119 -30.69 34.92 5.88
C LEU D 119 -31.73 34.99 4.75
N ASP D 120 -33.02 35.06 5.09
CA ASP D 120 -34.10 35.21 4.10
C ASP D 120 -34.11 36.68 3.59
N PHE D 121 -33.03 37.09 2.92
CA PHE D 121 -32.89 38.47 2.48
C PHE D 121 -33.91 38.93 1.47
N ASP D 122 -34.19 40.24 1.54
CA ASP D 122 -34.91 40.99 0.55
C ASP D 122 -33.82 41.89 -0.05
N GLU D 123 -34.12 42.54 -1.16
CA GLU D 123 -33.13 43.39 -1.81
C GLU D 123 -32.75 44.56 -0.91
N PRO D 124 -31.43 44.85 -0.73
CA PRO D 124 -31.04 46.02 0.07
C PRO D 124 -31.59 47.32 -0.51
N VAL D 125 -31.70 48.37 0.33
CA VAL D 125 -32.18 49.69 -0.10
C VAL D 125 -31.06 50.71 0.08
N VAL D 126 -30.66 51.37 -1.00
CA VAL D 126 -29.62 52.43 -0.94
C VAL D 126 -30.36 53.75 -0.61
N GLU D 127 -30.09 54.35 0.57
CA GLU D 127 -30.71 55.63 0.96
C GLU D 127 -29.97 56.82 0.34
N ASP D 128 -28.63 56.82 0.44
CA ASP D 128 -27.73 57.82 -0.12
C ASP D 128 -26.33 57.18 -0.26
N LYS D 129 -25.31 57.98 -0.68
CA LYS D 129 -23.94 57.51 -0.88
C LYS D 129 -23.38 56.68 0.27
N TYR D 130 -23.68 57.05 1.53
CA TYR D 130 -23.11 56.33 2.68
C TYR D 130 -24.16 55.69 3.61
N THR D 131 -25.38 55.45 3.10
CA THR D 131 -26.47 54.89 3.90
C THR D 131 -27.16 53.77 3.14
N VAL D 132 -27.23 52.59 3.76
CA VAL D 132 -27.83 51.41 3.14
C VAL D 132 -28.63 50.61 4.18
N THR D 133 -29.83 50.15 3.79
CA THR D 133 -30.66 49.34 4.66
C THR D 133 -30.66 47.89 4.18
N LEU D 134 -30.30 46.95 5.08
CA LEU D 134 -30.38 45.52 4.77
C LEU D 134 -31.68 45.03 5.34
N ARG D 135 -32.36 44.16 4.58
CA ARG D 135 -33.71 43.70 4.93
C ARG D 135 -33.87 42.20 4.70
N THR D 136 -34.84 41.62 5.42
CA THR D 136 -35.25 40.23 5.25
C THR D 136 -36.74 40.22 4.87
N LYS D 137 -37.17 39.21 4.10
CA LYS D 137 -38.55 39.07 3.60
C LYS D 137 -39.51 38.67 4.73
N THR D 138 -38.98 37.94 5.71
CA THR D 138 -39.68 37.49 6.92
C THR D 138 -38.91 38.08 8.10
N PRO D 139 -39.45 38.13 9.35
CA PRO D 139 -38.68 38.73 10.44
C PRO D 139 -37.32 38.06 10.68
N SER D 140 -36.32 38.86 11.00
CA SER D 140 -35.00 38.34 11.37
C SER D 140 -34.35 39.26 12.34
N TYR D 141 -34.02 38.74 13.52
CA TYR D 141 -33.28 39.50 14.53
C TYR D 141 -31.79 39.15 14.45
N LEU D 142 -31.38 38.54 13.32
CA LEU D 142 -30.00 38.09 13.11
C LEU D 142 -29.20 38.91 12.10
N ILE D 143 -29.76 40.00 11.58
CA ILE D 143 -29.07 40.81 10.57
C ILE D 143 -27.70 41.32 11.06
N GLU D 144 -27.69 41.92 12.26
CA GLU D 144 -26.47 42.49 12.86
C GLU D 144 -25.40 41.37 13.06
N THR D 145 -25.83 40.23 13.62
CA THR D 145 -24.95 39.07 13.86
C THR D 145 -24.35 38.57 12.52
N PHE D 146 -25.18 38.47 11.49
CA PHE D 146 -24.80 37.96 10.17
C PHE D 146 -23.78 38.88 9.47
N VAL D 147 -23.93 40.21 9.62
CA VAL D 147 -23.00 41.13 8.94
C VAL D 147 -21.62 41.19 9.62
N ALA D 148 -21.45 40.44 10.72
CA ALA D 148 -20.15 40.30 11.40
C ALA D 148 -19.53 38.93 11.07
N SER D 149 -20.20 38.15 10.17
CA SER D 149 -19.79 36.78 9.85
C SER D 149 -19.01 36.65 8.54
N TRP D 150 -18.47 35.44 8.28
CA TRP D 150 -17.70 35.13 7.08
C TRP D 150 -18.51 35.16 5.79
N MET D 151 -19.85 35.28 5.88
CA MET D 151 -20.70 35.38 4.69
C MET D 151 -20.75 36.84 4.22
N SER D 152 -20.29 37.77 5.06
CA SER D 152 -20.56 39.20 4.86
C SER D 152 -19.44 40.16 4.46
N ARG D 153 -18.33 39.62 3.94
CA ARG D 153 -17.21 40.47 3.48
C ARG D 153 -17.69 41.30 2.26
N ILE D 154 -17.37 42.60 2.29
CA ILE D 154 -17.85 43.54 1.28
C ILE D 154 -17.03 43.50 -0.01
N VAL D 155 -17.73 43.24 -1.15
CA VAL D 155 -17.10 43.21 -2.47
C VAL D 155 -17.42 44.52 -3.26
N PRO D 156 -16.53 44.96 -4.19
CA PRO D 156 -16.81 46.17 -4.98
C PRO D 156 -17.75 45.88 -6.15
N LYS D 157 -18.85 46.63 -6.27
CA LYS D 157 -19.86 46.39 -7.29
C LYS D 157 -19.33 46.36 -8.73
N GLU D 158 -18.74 47.46 -9.18
CA GLU D 158 -18.34 47.58 -10.58
C GLU D 158 -17.29 46.56 -11.01
N TYR D 159 -16.22 46.43 -10.22
CA TYR D 159 -15.15 45.48 -10.49
C TYR D 159 -15.64 44.02 -10.47
N TYR D 160 -16.41 43.65 -9.45
CA TYR D 160 -16.94 42.28 -9.34
C TYR D 160 -17.86 41.97 -10.55
N LYS D 161 -18.74 42.92 -10.93
CA LYS D 161 -19.63 42.73 -12.08
C LYS D 161 -18.85 42.55 -13.38
N LYS D 162 -17.78 43.35 -13.58
CA LYS D 162 -16.93 43.35 -14.77
C LYS D 162 -16.23 41.99 -14.94
N LEU D 163 -15.67 41.45 -13.86
CA LEU D 163 -14.95 40.18 -13.88
C LEU D 163 -15.85 38.96 -13.79
N GLY D 164 -16.90 39.04 -12.97
CA GLY D 164 -17.75 37.91 -12.65
C GLY D 164 -17.14 37.17 -11.47
N ALA D 165 -17.94 36.35 -10.77
CA ALA D 165 -17.51 35.62 -9.57
C ALA D 165 -16.22 34.79 -9.74
N VAL D 166 -16.09 34.05 -10.84
CA VAL D 166 -14.93 33.18 -11.11
C VAL D 166 -13.64 34.00 -11.25
N ASP D 167 -13.59 34.93 -12.22
CA ASP D 167 -12.41 35.77 -12.42
C ASP D 167 -12.11 36.65 -11.20
N PHE D 168 -13.15 37.15 -10.50
CA PHE D 168 -12.96 37.94 -9.27
C PHE D 168 -12.24 37.08 -8.22
N GLY D 169 -12.61 35.79 -8.13
CA GLY D 169 -11.98 34.85 -7.22
C GLY D 169 -10.49 34.65 -7.45
N ASN D 170 -10.02 34.93 -8.69
CA ASN D 170 -8.61 34.82 -9.06
C ASN D 170 -7.84 36.16 -8.99
N LYS D 171 -8.55 37.29 -8.89
CA LYS D 171 -7.93 38.63 -8.82
C LYS D 171 -8.83 39.48 -7.91
N PRO D 172 -8.96 39.11 -6.61
CA PRO D 172 -9.89 39.85 -5.74
C PRO D 172 -9.43 41.26 -5.38
N VAL D 173 -10.41 42.13 -5.15
CA VAL D 173 -10.19 43.50 -4.71
C VAL D 173 -11.15 43.71 -3.53
N GLY D 174 -10.61 44.19 -2.44
CA GLY D 174 -11.36 44.51 -1.24
C GLY D 174 -10.90 45.80 -0.59
N THR D 175 -11.30 46.03 0.67
CA THR D 175 -10.91 47.24 1.42
C THR D 175 -9.95 46.89 2.54
N GLY D 176 -9.63 45.59 2.68
CA GLY D 176 -8.81 45.07 3.77
C GLY D 176 -7.37 45.53 3.92
N PRO D 177 -6.75 45.19 5.09
CA PRO D 177 -5.34 45.61 5.35
C PRO D 177 -4.28 45.06 4.41
N TYR D 178 -4.59 43.98 3.69
CA TYR D 178 -3.67 43.37 2.74
C TYR D 178 -4.33 43.19 1.39
N LYS D 179 -3.58 43.42 0.32
CA LYS D 179 -4.15 43.33 -1.03
C LYS D 179 -3.49 42.25 -1.86
N PHE D 180 -4.19 41.83 -2.91
CA PHE D 180 -3.80 40.73 -3.78
C PHE D 180 -2.55 40.94 -4.59
N VAL D 181 -1.64 39.92 -4.58
CA VAL D 181 -0.47 39.95 -5.45
C VAL D 181 -0.54 38.77 -6.43
N GLU D 182 -0.60 37.54 -5.91
CA GLU D 182 -0.52 36.34 -6.75
C GLU D 182 -1.27 35.16 -6.14
N PHE D 183 -1.80 34.29 -7.01
CA PHE D 183 -2.47 33.06 -6.60
C PHE D 183 -2.00 31.96 -7.54
N VAL D 184 -1.15 31.06 -7.02
CA VAL D 184 -0.72 29.89 -7.78
C VAL D 184 -1.55 28.74 -7.22
N ALA D 185 -2.59 28.31 -7.97
CA ALA D 185 -3.52 27.25 -7.57
C ALA D 185 -2.78 26.01 -6.99
N GLY D 186 -3.22 25.57 -5.82
CA GLY D 186 -2.63 24.44 -5.11
C GLY D 186 -1.18 24.62 -4.70
N ASP D 187 -0.69 25.87 -4.61
CA ASP D 187 0.70 26.16 -4.23
C ASP D 187 0.85 27.31 -3.21
N ARG D 188 0.62 28.55 -3.65
CA ARG D 188 0.77 29.71 -2.78
C ARG D 188 -0.17 30.86 -3.12
N VAL D 189 -0.44 31.69 -2.11
CA VAL D 189 -1.12 32.96 -2.25
C VAL D 189 -0.16 34.00 -1.68
N VAL D 190 0.04 35.11 -2.41
CA VAL D 190 0.86 36.23 -1.96
C VAL D 190 0.02 37.47 -1.87
N LEU D 191 0.06 38.13 -0.70
CA LEU D 191 -0.61 39.44 -0.48
C LEU D 191 0.48 40.48 -0.13
N GLU D 192 0.13 41.77 -0.24
CA GLU D 192 1.03 42.87 0.15
C GLU D 192 0.30 43.91 1.00
N ALA D 193 1.03 44.67 1.83
CA ALA D 193 0.37 45.69 2.66
C ALA D 193 -0.49 46.66 1.84
N ASN D 194 -1.73 46.92 2.32
CA ASN D 194 -2.55 47.98 1.77
C ASN D 194 -2.29 49.19 2.69
N ASP D 195 -1.41 50.10 2.27
CA ASP D 195 -1.05 51.26 3.09
C ASP D 195 -2.09 52.39 3.08
N ALA D 196 -3.16 52.23 2.30
CA ALA D 196 -4.31 53.15 2.28
C ALA D 196 -5.38 52.62 3.27
N TYR D 197 -5.07 51.58 4.08
CA TYR D 197 -6.05 50.99 5.01
C TYR D 197 -6.63 52.02 5.99
N TRP D 198 -7.98 51.99 6.17
CA TRP D 198 -8.72 52.92 7.05
C TRP D 198 -8.51 52.60 8.52
N GLY D 199 -8.20 51.32 8.85
CA GLY D 199 -8.03 50.90 10.24
C GLY D 199 -6.56 50.82 10.63
N PRO D 200 -6.20 49.98 11.64
CA PRO D 200 -4.78 49.90 12.04
C PRO D 200 -3.89 49.50 10.87
N LYS D 201 -2.79 50.23 10.68
CA LYS D 201 -1.86 50.04 9.58
C LYS D 201 -1.27 48.64 9.53
N PRO D 202 -1.19 48.03 8.33
CA PRO D 202 -0.55 46.70 8.25
C PRO D 202 0.92 46.76 8.68
N THR D 203 1.36 45.74 9.44
CA THR D 203 2.72 45.68 9.98
C THR D 203 3.66 44.80 9.15
N ALA D 204 3.12 44.04 8.21
CA ALA D 204 3.98 43.21 7.37
C ALA D 204 4.03 43.84 5.97
N SER D 205 5.18 43.77 5.27
CA SER D 205 5.27 44.30 3.91
C SER D 205 4.48 43.39 2.93
N LYS D 206 4.49 42.08 3.20
CA LYS D 206 3.88 41.03 2.39
C LYS D 206 3.51 39.82 3.27
N ILE D 207 2.51 39.06 2.83
CA ILE D 207 2.12 37.79 3.46
C ILE D 207 2.11 36.73 2.36
N THR D 208 2.84 35.61 2.57
CA THR D 208 2.84 34.45 1.68
C THR D 208 2.23 33.29 2.42
N TYR D 209 1.20 32.68 1.82
CA TYR D 209 0.54 31.48 2.32
C TYR D 209 1.10 30.37 1.44
N GLN D 210 2.08 29.62 1.95
CA GLN D 210 2.69 28.52 1.20
C GLN D 210 2.18 27.17 1.67
N ILE D 211 1.63 26.35 0.75
CA ILE D 211 1.18 25.02 1.11
C ILE D 211 2.38 24.14 1.40
N VAL D 212 2.36 23.47 2.55
CA VAL D 212 3.34 22.45 2.97
C VAL D 212 2.42 21.35 3.50
N ALA D 213 2.07 20.38 2.65
CA ALA D 213 1.04 19.39 2.94
C ALA D 213 1.17 18.54 4.18
N GLU D 214 2.38 18.04 4.45
CA GLU D 214 2.60 17.17 5.60
C GLU D 214 3.02 17.91 6.86
N PRO D 215 2.36 17.65 8.03
CA PRO D 215 2.74 18.38 9.26
C PRO D 215 4.20 18.28 9.68
N ALA D 216 4.85 17.12 9.47
CA ALA D 216 6.26 16.96 9.82
C ALA D 216 7.16 17.86 8.95
N THR D 217 6.77 18.07 7.68
CA THR D 217 7.52 18.93 6.74
C THR D 217 7.30 20.41 7.10
N ARG D 218 6.10 20.73 7.57
CA ARG D 218 5.68 22.09 7.99
C ARG D 218 6.54 22.46 9.23
N VAL D 219 6.61 21.51 10.20
CA VAL D 219 7.41 21.65 11.44
C VAL D 219 8.90 21.85 11.12
N ALA D 220 9.44 21.05 10.17
CA ALA D 220 10.84 21.15 9.74
C ALA D 220 11.13 22.52 9.12
N GLY D 221 10.15 23.09 8.39
CA GLY D 221 10.26 24.41 7.77
C GLY D 221 10.38 25.53 8.79
N LEU D 222 9.63 25.44 9.89
CA LEU D 222 9.72 26.42 10.98
C LEU D 222 11.14 26.36 11.63
N ILE D 223 11.62 25.14 11.90
CA ILE D 223 12.95 24.88 12.50
C ILE D 223 14.06 25.40 11.57
N SER D 224 13.92 25.13 10.25
CA SER D 224 14.89 25.56 9.22
C SER D 224 14.92 27.09 9.00
N GLY D 225 13.94 27.80 9.56
CA GLY D 225 13.82 29.24 9.39
C GLY D 225 13.14 29.63 8.10
N GLU D 226 12.42 28.69 7.45
CA GLU D 226 11.72 28.96 6.20
C GLU D 226 10.37 29.69 6.43
N TYR D 227 9.73 29.50 7.61
CA TYR D 227 8.43 30.10 7.95
C TYR D 227 8.50 30.86 9.27
N ASP D 228 7.58 31.84 9.43
CA ASP D 228 7.41 32.61 10.68
C ASP D 228 6.34 31.95 11.53
N ILE D 229 5.26 31.47 10.89
CA ILE D 229 4.13 30.78 11.55
C ILE D 229 3.70 29.62 10.69
N ILE D 230 3.37 28.49 11.34
CA ILE D 230 2.86 27.32 10.67
C ILE D 230 1.52 26.96 11.28
N THR D 231 0.60 26.43 10.46
CA THR D 231 -0.75 26.11 10.89
C THR D 231 -0.96 24.58 10.95
N THR D 232 -2.14 24.19 11.43
CA THR D 232 -2.65 22.83 11.37
C THR D 232 -1.77 21.77 12.04
N LEU D 233 -1.40 22.04 13.29
CA LEU D 233 -0.66 21.09 14.12
C LEU D 233 -1.67 20.53 15.12
N THR D 234 -1.26 19.54 15.89
CA THR D 234 -2.06 18.86 16.90
C THR D 234 -1.36 18.94 18.26
N PRO D 235 -2.08 18.72 19.39
CA PRO D 235 -1.41 18.76 20.69
C PRO D 235 -0.22 17.83 20.82
N ASP D 236 -0.15 16.75 20.00
CA ASP D 236 1.02 15.83 20.08
C ASP D 236 2.32 16.47 19.57
N ASP D 237 2.20 17.60 18.85
CA ASP D 237 3.35 18.34 18.31
C ASP D 237 4.01 19.29 19.31
N ILE D 238 3.30 19.62 20.39
CA ILE D 238 3.71 20.63 21.39
C ILE D 238 5.08 20.41 21.99
N GLN D 239 5.35 19.21 22.50
CA GLN D 239 6.61 18.86 23.14
C GLN D 239 7.82 19.10 22.23
N LEU D 240 7.77 18.64 20.97
CA LEU D 240 8.85 18.83 20.01
C LEU D 240 9.09 20.35 19.73
N ILE D 241 8.04 21.11 19.39
CA ILE D 241 8.20 22.55 19.09
C ILE D 241 8.78 23.34 20.26
N ASN D 242 8.19 23.18 21.45
CA ASN D 242 8.59 23.91 22.64
C ASN D 242 9.99 23.59 23.17
N SER D 243 10.66 22.56 22.57
CA SER D 243 12.02 22.19 22.94
CA SER D 243 12.03 22.18 22.92
C SER D 243 13.02 23.18 22.32
N TYR D 244 12.60 23.90 21.25
CA TYR D 244 13.41 24.91 20.56
C TYR D 244 13.35 26.24 21.29
N PRO D 245 14.50 26.80 21.70
CA PRO D 245 14.48 28.07 22.45
C PRO D 245 13.79 29.24 21.75
N ASP D 246 13.85 29.28 20.41
CA ASP D 246 13.31 30.39 19.62
C ASP D 246 11.92 30.17 19.03
N LEU D 247 11.31 28.99 19.32
CA LEU D 247 9.98 28.66 18.77
C LEU D 247 9.01 28.32 19.88
N GLU D 248 7.71 28.41 19.59
CA GLU D 248 6.70 28.01 20.57
C GLU D 248 5.39 27.68 19.86
N THR D 249 4.52 26.92 20.54
CA THR D 249 3.19 26.65 20.01
C THR D 249 2.27 27.69 20.60
N ARG D 250 1.17 27.95 19.88
CA ARG D 250 0.11 28.84 20.29
C ARG D 250 -1.17 28.13 19.89
N GLY D 251 -1.96 27.74 20.88
CA GLY D 251 -3.18 26.99 20.62
C GLY D 251 -4.45 27.61 21.15
N THR D 252 -5.59 27.07 20.71
CA THR D 252 -6.89 27.52 21.16
C THR D 252 -7.96 26.55 20.74
N LEU D 253 -9.02 26.49 21.53
CA LEU D 253 -10.21 25.78 21.09
C LEU D 253 -10.77 26.64 19.95
N ILE D 254 -11.35 26.00 18.92
CA ILE D 254 -11.98 26.73 17.81
C ILE D 254 -13.49 26.47 17.77
N GLU D 255 -14.25 27.43 17.22
CA GLU D 255 -15.69 27.35 17.09
C GLU D 255 -16.04 26.46 15.93
N ASN D 256 -15.94 25.16 16.21
CA ASN D 256 -16.16 24.11 15.22
C ASN D 256 -16.37 22.83 16.00
N PHE D 257 -17.02 21.86 15.40
CA PHE D 257 -17.06 20.55 16.05
C PHE D 257 -16.80 19.44 15.03
N HIS D 258 -16.07 18.41 15.45
CA HIS D 258 -15.88 17.23 14.64
C HIS D 258 -17.05 16.30 14.97
N MET D 259 -17.50 15.55 13.97
CA MET D 259 -18.60 14.61 14.14
C MET D 259 -18.48 13.43 13.17
N PHE D 260 -19.38 12.48 13.32
CA PHE D 260 -19.63 11.46 12.33
C PHE D 260 -21.12 11.51 12.03
N THR D 261 -21.49 11.08 10.83
CA THR D 261 -22.87 11.15 10.38
C THR D 261 -23.18 9.94 9.51
N PHE D 262 -24.42 9.91 8.99
CA PHE D 262 -24.93 8.73 8.31
C PHE D 262 -25.62 9.05 7.00
N ASN D 263 -25.60 8.08 6.09
CA ASN D 263 -26.41 8.17 4.88
C ASN D 263 -27.72 7.48 5.29
N MET D 264 -28.71 8.29 5.66
CA MET D 264 -30.01 7.82 6.12
C MET D 264 -30.94 7.33 5.00
N ASN D 265 -30.43 7.36 3.73
CA ASN D 265 -31.13 6.74 2.59
C ASN D 265 -30.85 5.23 2.61
N GLN D 266 -29.80 4.78 3.32
CA GLN D 266 -29.45 3.37 3.45
C GLN D 266 -30.41 2.69 4.43
N GLU D 267 -30.88 1.47 4.10
CA GLU D 267 -31.82 0.70 4.91
C GLU D 267 -31.49 0.66 6.42
N VAL D 268 -30.24 0.32 6.76
CA VAL D 268 -29.73 0.18 8.13
C VAL D 268 -29.80 1.49 8.96
N PHE D 269 -29.77 2.67 8.28
CA PHE D 269 -29.82 3.95 8.95
C PHE D 269 -31.11 4.76 8.78
N LYS D 270 -32.16 4.18 8.17
CA LYS D 270 -33.43 4.89 8.00
C LYS D 270 -34.08 5.23 9.34
N ASP D 271 -34.05 4.26 10.26
CA ASP D 271 -34.57 4.40 11.61
C ASP D 271 -33.45 4.84 12.57
N LYS D 272 -33.81 5.43 13.70
CA LYS D 272 -32.84 5.96 14.64
C LYS D 272 -32.11 4.92 15.52
N LYS D 273 -32.65 3.69 15.63
CA LYS D 273 -32.11 2.69 16.54
C LYS D 273 -30.62 2.44 16.48
N LEU D 274 -30.08 2.06 15.30
CA LEU D 274 -28.63 1.83 15.17
C LEU D 274 -27.82 3.10 15.26
N ARG D 275 -28.37 4.23 14.77
CA ARG D 275 -27.66 5.51 14.86
C ARG D 275 -27.42 5.82 16.33
N ARG D 276 -28.48 5.63 17.16
CA ARG D 276 -28.43 5.88 18.61
C ARG D 276 -27.48 4.92 19.31
N ALA D 277 -27.52 3.61 18.93
CA ALA D 277 -26.65 2.56 19.47
C ALA D 277 -25.21 2.96 19.30
N LEU D 278 -24.82 3.39 18.07
CA LEU D 278 -23.47 3.83 17.74
C LEU D 278 -23.08 5.10 18.53
N ALA D 279 -24.00 6.07 18.65
CA ALA D 279 -23.80 7.32 19.41
C ALA D 279 -23.55 7.04 20.89
N LEU D 280 -24.37 6.13 21.50
CA LEU D 280 -24.29 5.81 22.92
C LEU D 280 -23.02 5.05 23.34
N ALA D 281 -22.31 4.44 22.38
CA ALA D 281 -21.08 3.70 22.62
C ALA D 281 -19.79 4.55 22.46
N VAL D 282 -19.94 5.82 22.08
CA VAL D 282 -18.78 6.69 21.90
C VAL D 282 -18.29 7.22 23.23
N ASN D 283 -17.09 6.75 23.63
CA ASN D 283 -16.40 7.17 24.84
C ASN D 283 -15.55 8.38 24.45
N ARG D 284 -16.14 9.57 24.56
CA ARG D 284 -15.45 10.81 24.20
C ARG D 284 -14.29 11.15 25.13
N PRO D 285 -14.41 11.01 26.49
CA PRO D 285 -13.26 11.35 27.35
C PRO D 285 -11.97 10.58 27.03
N ILE D 286 -12.07 9.29 26.64
CA ILE D 286 -10.86 8.52 26.29
C ILE D 286 -10.22 9.04 24.98
N MET D 287 -11.07 9.45 24.01
CA MET D 287 -10.59 9.97 22.74
C MET D 287 -9.91 11.33 22.95
N VAL D 288 -10.49 12.17 23.81
CA VAL D 288 -9.96 13.51 24.12
C VAL D 288 -8.60 13.38 24.85
N GLU D 289 -8.47 12.42 25.78
CA GLU D 289 -7.18 12.18 26.44
C GLU D 289 -6.16 11.60 25.44
N ALA D 290 -6.55 10.55 24.70
CA ALA D 290 -5.65 9.83 23.79
C ALA D 290 -5.13 10.61 22.63
N LEU D 291 -5.99 11.42 22.00
CA LEU D 291 -5.61 12.13 20.77
C LEU D 291 -5.44 13.63 20.87
N TRP D 292 -5.89 14.23 21.95
CA TRP D 292 -5.89 15.69 22.05
C TRP D 292 -5.23 16.18 23.33
N LYS D 293 -4.55 15.28 24.08
CA LYS D 293 -3.89 15.64 25.33
C LYS D 293 -4.86 16.35 26.31
N LYS D 294 -6.15 15.93 26.29
CA LYS D 294 -7.23 16.52 27.10
C LYS D 294 -7.47 18.00 26.77
N GLN D 295 -6.97 18.48 25.62
CA GLN D 295 -7.12 19.88 25.21
C GLN D 295 -8.38 20.20 24.39
N ALA D 296 -8.97 19.19 23.73
CA ALA D 296 -10.24 19.34 23.01
C ALA D 296 -11.35 19.43 24.06
N SER D 297 -12.50 19.97 23.68
CA SER D 297 -13.61 20.13 24.62
C SER D 297 -14.84 19.33 24.18
N ILE D 298 -15.51 18.66 25.13
CA ILE D 298 -16.72 17.90 24.84
C ILE D 298 -17.91 18.81 25.13
N PRO D 299 -18.69 19.23 24.12
CA PRO D 299 -19.81 20.15 24.42
C PRO D 299 -20.99 19.40 24.99
N ALA D 300 -21.84 20.11 25.74
CA ALA D 300 -23.09 19.54 26.25
C ALA D 300 -24.12 19.75 25.13
N GLY D 301 -24.03 18.93 24.08
CA GLY D 301 -24.92 18.97 22.93
C GLY D 301 -24.49 19.91 21.82
N PHE D 302 -25.40 20.19 20.88
CA PHE D 302 -25.17 21.11 19.74
C PHE D 302 -25.32 22.52 20.32
N ASN D 303 -24.35 22.90 21.16
CA ASN D 303 -24.41 24.02 22.06
C ASN D 303 -22.99 24.48 22.42
N PHE D 304 -22.62 25.67 21.96
CA PHE D 304 -21.26 26.21 22.10
C PHE D 304 -21.24 27.63 22.66
N PRO D 305 -20.19 27.97 23.44
CA PRO D 305 -20.13 29.32 24.05
C PRO D 305 -20.28 30.52 23.13
N ASN D 306 -19.84 30.42 21.87
CA ASN D 306 -19.95 31.52 20.90
C ASN D 306 -21.41 31.83 20.56
N TYR D 307 -22.37 30.95 20.95
CA TYR D 307 -23.79 31.22 20.69
C TYR D 307 -24.31 32.41 21.54
N GLY D 308 -23.57 32.78 22.58
CA GLY D 308 -23.90 33.90 23.46
C GLY D 308 -25.21 33.73 24.20
N GLU D 309 -26.24 34.51 23.82
CA GLU D 309 -27.59 34.44 24.40
C GLU D 309 -28.25 33.09 24.19
N THR D 310 -27.84 32.35 23.12
CA THR D 310 -28.41 31.03 22.82
C THR D 310 -27.50 29.85 23.20
N PHE D 311 -26.48 30.14 24.03
CA PHE D 311 -25.63 29.11 24.61
C PHE D 311 -26.30 28.75 25.95
N ASP D 312 -26.45 27.46 26.22
CA ASP D 312 -27.01 27.03 27.50
C ASP D 312 -25.87 26.39 28.33
N PRO D 313 -25.29 27.13 29.30
CA PRO D 313 -24.18 26.55 30.10
C PRO D 313 -24.62 25.46 31.09
N LYS D 314 -25.94 25.29 31.30
CA LYS D 314 -26.49 24.33 32.24
C LYS D 314 -26.98 23.02 31.63
N ARG D 315 -26.86 22.84 30.29
CA ARG D 315 -27.30 21.62 29.59
C ARG D 315 -26.61 20.36 30.10
N LYS D 316 -27.33 19.24 30.14
CA LYS D 316 -26.81 17.94 30.57
C LYS D 316 -25.86 17.41 29.50
N ALA D 317 -24.83 16.65 29.92
CA ALA D 317 -23.86 16.06 29.01
C ALA D 317 -24.54 15.08 28.07
N MET D 318 -23.98 14.90 26.86
CA MET D 318 -24.46 13.93 25.88
C MET D 318 -24.19 12.55 26.50
N GLU D 319 -25.19 11.68 26.41
CA GLU D 319 -25.19 10.35 27.02
C GLU D 319 -24.16 9.36 26.52
N TYR D 320 -23.57 8.62 27.45
CA TYR D 320 -22.65 7.53 27.19
C TYR D 320 -23.21 6.35 27.96
N ASN D 321 -23.70 5.33 27.23
CA ASN D 321 -24.36 4.19 27.87
C ASN D 321 -24.17 2.93 27.02
N VAL D 322 -23.10 2.16 27.34
CA VAL D 322 -22.73 0.94 26.65
C VAL D 322 -23.86 -0.12 26.74
N GLU D 323 -24.48 -0.28 27.91
CA GLU D 323 -25.55 -1.27 28.11
C GLU D 323 -26.78 -0.98 27.24
N GLU D 324 -27.18 0.30 27.16
CA GLU D 324 -28.31 0.71 26.31
C GLU D 324 -27.94 0.53 24.84
N ALA D 325 -26.66 0.84 24.48
CA ALA D 325 -26.16 0.70 23.11
C ALA D 325 -26.29 -0.75 22.66
N LYS D 326 -25.87 -1.72 23.50
CA LYS D 326 -25.96 -3.15 23.22
C LYS D 326 -27.41 -3.58 22.96
N ARG D 327 -28.35 -3.05 23.77
CA ARG D 327 -29.78 -3.32 23.64
C ARG D 327 -30.29 -2.80 22.31
N LEU D 328 -29.91 -1.57 21.94
CA LEU D 328 -30.36 -0.92 20.70
C LEU D 328 -29.87 -1.65 19.43
N VAL D 329 -28.63 -2.20 19.43
CA VAL D 329 -28.16 -2.96 18.25
C VAL D 329 -29.00 -4.24 18.08
N LYS D 330 -29.37 -4.88 19.21
CA LYS D 330 -30.23 -6.07 19.20
C LYS D 330 -31.66 -5.72 18.73
N GLU D 331 -32.21 -4.59 19.22
CA GLU D 331 -33.55 -4.09 18.86
C GLU D 331 -33.61 -3.62 17.40
N SER D 332 -32.47 -3.20 16.82
CA SER D 332 -32.44 -2.77 15.42
C SER D 332 -32.44 -4.01 14.52
N GLY D 333 -32.57 -3.81 13.22
CA GLY D 333 -32.52 -4.91 12.28
C GLY D 333 -31.12 -5.50 12.07
N TYR D 334 -30.06 -4.86 12.64
CA TYR D 334 -28.66 -5.23 12.47
C TYR D 334 -28.28 -6.70 12.47
N ASP D 335 -27.80 -7.20 11.30
CA ASP D 335 -27.44 -8.61 11.10
C ASP D 335 -25.94 -8.99 11.27
N GLY D 336 -25.09 -8.02 11.57
CA GLY D 336 -23.66 -8.26 11.75
C GLY D 336 -22.81 -7.96 10.52
N THR D 337 -23.46 -7.59 9.41
CA THR D 337 -22.75 -7.26 8.16
C THR D 337 -21.88 -6.02 8.40
N PRO D 338 -20.63 -5.98 7.87
CA PRO D 338 -19.78 -4.80 8.08
C PRO D 338 -20.39 -3.50 7.52
N ILE D 339 -20.27 -2.42 8.30
CA ILE D 339 -20.75 -1.08 7.92
C ILE D 339 -19.52 -0.24 7.64
N THR D 340 -19.47 0.38 6.45
CA THR D 340 -18.31 1.22 6.11
C THR D 340 -18.39 2.61 6.76
N TYR D 341 -17.21 3.22 7.03
CA TYR D 341 -17.08 4.57 7.55
C TYR D 341 -16.01 5.21 6.68
N HIS D 342 -16.42 6.17 5.84
CA HIS D 342 -15.55 6.87 4.90
C HIS D 342 -14.85 8.05 5.52
N THR D 343 -13.53 8.15 5.29
CA THR D 343 -12.71 9.26 5.76
C THR D 343 -11.70 9.66 4.69
N MET D 344 -11.50 10.96 4.49
CA MET D 344 -10.49 11.47 3.55
C MET D 344 -9.19 11.58 4.35
N GLY D 345 -8.66 10.41 4.73
CA GLY D 345 -7.47 10.30 5.56
C GLY D 345 -7.65 11.12 6.82
N ASN D 346 -6.65 11.95 7.13
CA ASN D 346 -6.69 12.82 8.30
C ASN D 346 -6.97 14.28 7.96
N TYR D 347 -7.89 14.51 7.00
CA TYR D 347 -8.35 15.85 6.64
C TYR D 347 -8.83 16.55 7.93
N TYR D 348 -9.57 15.79 8.78
CA TYR D 348 -9.96 16.23 10.13
C TYR D 348 -8.85 15.67 11.01
N ALA D 349 -8.19 16.54 11.83
CA ALA D 349 -7.09 16.10 12.67
C ALA D 349 -7.50 14.90 13.51
N ASN D 350 -6.61 13.87 13.57
CA ASN D 350 -6.81 12.63 14.33
C ASN D 350 -8.02 11.78 13.87
N ALA D 351 -8.55 11.99 12.62
CA ALA D 351 -9.72 11.24 12.09
C ALA D 351 -9.51 9.72 12.05
N MET D 352 -8.36 9.28 11.54
CA MET D 352 -8.09 7.85 11.46
C MET D 352 -7.87 7.19 12.83
N PRO D 353 -6.99 7.73 13.73
CA PRO D 353 -6.88 7.12 15.07
C PRO D 353 -8.21 7.21 15.83
N ALA D 354 -9.02 8.31 15.65
CA ALA D 354 -10.33 8.44 16.30
C ALA D 354 -11.23 7.29 15.86
N LEU D 355 -11.24 7.02 14.55
CA LEU D 355 -12.04 5.92 13.99
C LEU D 355 -11.55 4.56 14.49
N MET D 356 -10.21 4.33 14.57
CA MET D 356 -9.66 3.08 15.10
C MET D 356 -10.22 2.83 16.50
N MET D 357 -10.21 3.88 17.36
CA MET D 357 -10.74 3.79 18.73
C MET D 357 -12.23 3.47 18.74
N MET D 358 -13.02 4.17 17.92
CA MET D 358 -14.46 3.94 17.84
C MET D 358 -14.81 2.56 17.28
N ILE D 359 -14.07 2.08 16.26
CA ILE D 359 -14.26 0.71 15.73
C ILE D 359 -14.22 -0.31 16.88
N GLU D 360 -13.28 -0.14 17.85
CA GLU D 360 -13.20 -1.06 18.98
C GLU D 360 -14.40 -0.90 19.93
N MET D 361 -14.82 0.34 20.19
CA MET D 361 -15.98 0.62 21.04
C MET D 361 -17.23 -0.02 20.43
N TRP D 362 -17.35 0.06 19.08
CA TRP D 362 -18.48 -0.52 18.34
C TRP D 362 -18.41 -2.04 18.27
N LYS D 363 -17.19 -2.59 18.15
CA LYS D 363 -17.02 -4.05 18.17
C LYS D 363 -17.61 -4.61 19.48
N GLN D 364 -17.33 -3.93 20.61
CA GLN D 364 -17.79 -4.31 21.96
C GLN D 364 -19.30 -4.30 22.14
N ILE D 365 -20.05 -3.57 21.30
CA ILE D 365 -21.52 -3.54 21.37
C ILE D 365 -22.15 -4.44 20.30
N GLY D 366 -21.30 -5.09 19.50
CA GLY D 366 -21.73 -6.01 18.45
C GLY D 366 -21.92 -5.44 17.05
N VAL D 367 -21.28 -4.30 16.74
CA VAL D 367 -21.36 -3.68 15.41
C VAL D 367 -19.99 -3.73 14.74
N ASN D 368 -19.95 -4.28 13.51
CA ASN D 368 -18.70 -4.37 12.75
C ASN D 368 -18.58 -3.18 11.82
N VAL D 369 -17.69 -2.23 12.16
CA VAL D 369 -17.44 -1.01 11.38
C VAL D 369 -16.06 -1.13 10.77
N VAL D 370 -15.96 -0.80 9.48
CA VAL D 370 -14.75 -0.90 8.70
C VAL D 370 -14.37 0.44 8.06
N MET D 371 -13.09 0.82 8.18
CA MET D 371 -12.61 2.06 7.61
C MET D 371 -12.48 1.93 6.10
N LYS D 372 -12.85 3.00 5.41
CA LYS D 372 -12.75 3.14 3.97
C LYS D 372 -12.14 4.52 3.74
N THR D 373 -10.88 4.55 3.30
CA THR D 373 -10.17 5.80 3.03
C THR D 373 -10.25 6.16 1.57
N TYR D 374 -10.42 7.45 1.29
CA TYR D 374 -10.47 7.98 -0.06
C TYR D 374 -9.57 9.21 -0.20
N ALA D 375 -9.02 9.42 -1.38
CA ALA D 375 -8.15 10.56 -1.70
C ALA D 375 -9.00 11.79 -2.00
N PRO D 376 -8.49 13.05 -1.89
CA PRO D 376 -9.32 14.21 -2.28
C PRO D 376 -9.89 14.05 -3.71
N GLY D 377 -11.17 14.36 -3.87
CA GLY D 377 -11.89 14.19 -5.13
C GLY D 377 -12.33 12.77 -5.43
N SER D 378 -12.10 11.80 -4.51
CA SER D 378 -12.53 10.42 -4.77
C SER D 378 -13.64 9.87 -3.86
N PHE D 379 -14.45 10.77 -3.27
CA PHE D 379 -15.59 10.39 -2.42
C PHE D 379 -16.56 9.57 -3.29
N PRO D 380 -16.99 8.38 -2.84
CA PRO D 380 -17.83 7.54 -3.70
C PRO D 380 -19.21 8.13 -3.98
N PRO D 381 -19.96 7.61 -4.99
CA PRO D 381 -21.38 8.03 -5.12
C PRO D 381 -22.07 7.83 -3.75
N ASP D 382 -22.98 8.74 -3.36
CA ASP D 382 -23.71 8.72 -2.07
C ASP D 382 -24.22 7.34 -1.65
N ASN D 383 -24.80 6.59 -2.59
CA ASN D 383 -25.35 5.25 -2.33
C ASN D 383 -24.31 4.16 -2.02
N GLN D 384 -23.01 4.49 -2.12
CA GLN D 384 -21.90 3.58 -1.80
C GLN D 384 -21.31 3.95 -0.43
N THR D 385 -21.95 4.94 0.26
CA THR D 385 -21.54 5.41 1.59
C THR D 385 -22.58 5.12 2.67
N TRP D 386 -22.11 4.76 3.87
CA TRP D 386 -22.96 4.48 5.03
C TRP D 386 -22.58 5.50 6.10
N MET D 387 -21.52 5.24 6.88
CA MET D 387 -21.06 6.23 7.87
C MET D 387 -19.97 7.08 7.24
N ARG D 388 -19.79 8.33 7.71
CA ARG D 388 -18.71 9.21 7.26
C ARG D 388 -18.42 10.23 8.34
N ASN D 389 -17.24 10.82 8.32
CA ASN D 389 -16.96 11.88 9.28
C ASN D 389 -17.24 13.24 8.64
N TRP D 390 -17.33 14.28 9.47
CA TRP D 390 -17.63 15.63 8.99
C TRP D 390 -17.27 16.62 10.11
N SER D 391 -17.37 17.91 9.82
CA SER D 391 -17.17 18.93 10.83
C SER D 391 -18.04 20.12 10.41
N ASN D 392 -18.36 20.98 11.36
CA ASN D 392 -19.10 22.21 11.04
C ASN D 392 -18.47 23.36 11.79
N GLY D 393 -18.11 24.41 11.08
CA GLY D 393 -17.62 25.65 11.67
C GLY D 393 -18.83 26.41 12.20
N GLN D 394 -18.81 26.80 13.49
CA GLN D 394 -19.95 27.49 14.12
C GLN D 394 -19.73 28.98 13.88
N TRP D 395 -20.20 29.42 12.71
CA TRP D 395 -19.90 30.74 12.14
C TRP D 395 -20.67 31.97 12.56
N MET D 396 -21.68 31.83 13.43
CA MET D 396 -22.41 32.99 13.95
C MET D 396 -22.23 33.06 15.43
N THR D 397 -22.32 34.26 15.99
CA THR D 397 -22.32 34.43 17.44
C THR D 397 -23.79 34.28 17.90
N ASP D 398 -24.41 33.16 17.49
CA ASP D 398 -25.81 32.83 17.73
C ASP D 398 -25.99 31.35 17.39
N ALA D 399 -26.96 30.64 18.01
CA ALA D 399 -27.19 29.21 17.74
C ALA D 399 -27.79 28.89 16.38
N TYR D 400 -28.23 29.92 15.59
CA TYR D 400 -28.80 29.65 14.27
C TYR D 400 -27.88 28.76 13.42
N ALA D 401 -26.55 29.05 13.41
CA ALA D 401 -25.56 28.28 12.67
C ALA D 401 -24.88 27.30 13.65
N THR D 402 -24.65 26.04 13.25
CA THR D 402 -25.02 25.47 11.95
C THR D 402 -26.27 24.57 12.01
N ILE D 403 -26.92 24.45 13.17
CA ILE D 403 -28.10 23.57 13.29
C ILE D 403 -29.19 23.87 12.23
N VAL D 404 -29.51 25.14 11.98
CA VAL D 404 -30.55 25.43 11.02
C VAL D 404 -30.07 25.24 9.57
N PRO D 405 -29.01 25.93 9.08
CA PRO D 405 -28.63 25.75 7.67
C PRO D 405 -28.21 24.33 7.28
N GLU D 406 -27.53 23.57 8.18
CA GLU D 406 -27.09 22.21 7.87
C GLU D 406 -28.10 21.13 8.20
N PHE D 407 -28.72 21.21 9.39
CA PHE D 407 -29.63 20.16 9.85
C PHE D 407 -31.13 20.48 9.71
N GLY D 408 -31.42 21.71 9.30
CA GLY D 408 -32.79 22.17 9.11
C GLY D 408 -33.48 21.66 7.85
N PRO D 409 -34.76 22.05 7.65
CA PRO D 409 -35.52 21.53 6.48
C PRO D 409 -34.95 21.86 5.10
N ASN D 410 -34.16 22.94 5.00
CA ASN D 410 -33.54 23.35 3.73
C ASN D 410 -32.12 22.80 3.56
N GLY D 411 -31.62 22.09 4.56
CA GLY D 411 -30.25 21.59 4.60
C GLY D 411 -29.97 20.24 3.93
N GLN D 412 -28.70 19.93 3.75
CA GLN D 412 -28.27 18.71 3.06
C GLN D 412 -28.53 17.42 3.86
N VAL D 413 -28.47 17.49 5.21
CA VAL D 413 -28.66 16.31 6.06
C VAL D 413 -30.06 15.71 5.80
N GLN D 414 -31.07 16.59 5.63
CA GLN D 414 -32.42 16.12 5.34
C GLN D 414 -32.64 15.88 3.84
N LYS D 415 -32.22 16.85 2.99
CA LYS D 415 -32.46 16.83 1.54
C LYS D 415 -31.59 15.91 0.71
N ARG D 416 -30.33 15.75 1.07
CA ARG D 416 -29.43 14.88 0.33
C ARG D 416 -29.23 13.56 1.07
N TRP D 417 -29.04 13.64 2.39
CA TRP D 417 -28.69 12.49 3.23
C TRP D 417 -29.86 11.71 3.85
N GLY D 418 -31.09 12.10 3.51
CA GLY D 418 -32.31 11.40 3.87
C GLY D 418 -32.77 11.43 5.31
N TRP D 419 -32.30 12.40 6.14
CA TRP D 419 -32.81 12.45 7.51
C TRP D 419 -34.28 12.88 7.48
N LYS D 420 -35.17 11.99 7.95
CA LYS D 420 -36.60 12.27 8.01
C LYS D 420 -36.85 12.86 9.40
N ALA D 421 -36.51 14.13 9.55
CA ALA D 421 -36.60 14.84 10.82
C ALA D 421 -38.04 14.88 11.31
N PRO D 422 -38.28 14.75 12.64
CA PRO D 422 -39.65 14.91 13.14
C PRO D 422 -40.16 16.31 12.75
N ALA D 423 -41.45 16.40 12.38
CA ALA D 423 -42.05 17.67 11.95
C ALA D 423 -41.79 18.77 12.97
N GLU D 424 -41.83 18.44 14.27
CA GLU D 424 -41.60 19.39 15.37
C GLU D 424 -40.21 20.04 15.21
N PHE D 425 -39.17 19.26 14.85
CA PHE D 425 -37.82 19.81 14.66
C PHE D 425 -37.81 20.91 13.57
N ASN D 426 -38.47 20.66 12.44
CA ASN D 426 -38.55 21.64 11.33
C ASN D 426 -39.38 22.86 11.67
N GLU D 427 -40.49 22.67 12.44
CA GLU D 427 -41.29 23.78 12.92
C GLU D 427 -40.48 24.69 13.85
N LEU D 428 -39.59 24.11 14.71
CA LEU D 428 -38.72 24.89 15.61
C LEU D 428 -37.63 25.62 14.85
N CYS D 429 -37.09 25.01 13.75
CA CYS D 429 -36.09 25.68 12.91
C CYS D 429 -36.69 26.97 12.35
N GLN D 430 -37.97 26.91 11.91
CA GLN D 430 -38.63 28.09 11.38
C GLN D 430 -38.74 29.17 12.46
N LYS D 431 -39.19 28.76 13.68
CA LYS D 431 -39.39 29.66 14.81
C LYS D 431 -38.12 30.38 15.20
N VAL D 432 -37.02 29.64 15.39
CA VAL D 432 -35.75 30.28 15.79
C VAL D 432 -35.19 31.22 14.75
N THR D 433 -35.54 31.01 13.46
CA THR D 433 -35.11 31.89 12.36
C THR D 433 -35.76 33.27 12.46
N VAL D 434 -37.03 33.32 12.87
CA VAL D 434 -37.83 34.55 12.90
C VAL D 434 -37.99 35.26 14.26
N LEU D 435 -37.83 34.51 15.35
CA LEU D 435 -38.01 35.05 16.68
C LEU D 435 -36.84 35.92 17.16
N PRO D 436 -37.15 36.94 18.01
CA PRO D 436 -36.07 37.66 18.70
C PRO D 436 -35.58 36.77 19.85
N ASN D 437 -34.47 37.16 20.50
CA ASN D 437 -34.03 36.40 21.67
C ASN D 437 -35.02 36.55 22.82
N GLY D 438 -35.19 35.50 23.59
CA GLY D 438 -36.15 35.45 24.68
C GLY D 438 -36.41 34.01 25.07
N LYS D 439 -37.31 33.81 26.06
CA LYS D 439 -37.61 32.47 26.55
C LYS D 439 -38.05 31.48 25.45
N GLU D 440 -38.92 31.91 24.52
CA GLU D 440 -39.42 31.03 23.46
C GLU D 440 -38.32 30.52 22.54
N ARG D 441 -37.46 31.42 22.04
CA ARG D 441 -36.34 31.09 21.16
C ARG D 441 -35.30 30.22 21.89
N PHE D 442 -34.97 30.60 23.16
CA PHE D 442 -34.03 29.85 23.97
C PHE D 442 -34.50 28.40 24.21
N ASP D 443 -35.78 28.23 24.55
CA ASP D 443 -36.35 26.92 24.80
C ASP D 443 -36.46 26.10 23.52
N ALA D 444 -36.77 26.77 22.38
CA ALA D 444 -36.85 26.15 21.06
C ALA D 444 -35.50 25.51 20.67
N TYR D 445 -34.37 26.21 20.88
CA TYR D 445 -33.04 25.62 20.62
C TYR D 445 -32.78 24.39 21.49
N ASN D 446 -33.15 24.47 22.79
CA ASN D 446 -32.96 23.33 23.69
C ASN D 446 -33.79 22.12 23.28
N ARG D 447 -35.03 22.34 22.77
CA ARG D 447 -35.87 21.23 22.29
C ARG D 447 -35.29 20.66 20.98
N MET D 448 -34.74 21.51 20.10
CA MET D 448 -34.06 21.06 18.86
C MET D 448 -32.80 20.23 19.22
N ARG D 449 -32.05 20.66 20.24
CA ARG D 449 -30.84 19.94 20.71
C ARG D 449 -31.26 18.56 21.27
N ASP D 450 -32.38 18.53 22.02
CA ASP D 450 -32.88 17.27 22.56
C ASP D 450 -33.27 16.30 21.44
N ILE D 451 -34.00 16.80 20.41
CA ILE D 451 -34.42 16.00 19.26
C ILE D 451 -33.20 15.50 18.51
N PHE D 452 -32.19 16.40 18.29
CA PHE D 452 -30.96 16.04 17.63
C PHE D 452 -30.30 14.83 18.35
N GLU D 453 -30.23 14.84 19.70
CA GLU D 453 -29.64 13.72 20.45
C GLU D 453 -30.50 12.46 20.39
N GLU D 454 -31.83 12.63 20.42
CA GLU D 454 -32.76 11.50 20.37
C GLU D 454 -32.72 10.80 19.01
N GLU D 455 -32.59 11.57 17.93
CA GLU D 455 -32.60 11.09 16.54
C GLU D 455 -31.24 10.69 16.01
N ALA D 456 -30.16 11.27 16.55
CA ALA D 456 -28.78 11.03 16.12
C ALA D 456 -28.60 11.06 14.57
N PRO D 457 -29.03 12.14 13.85
CA PRO D 457 -28.70 12.24 12.41
C PRO D 457 -27.18 12.39 12.22
N ALA D 458 -26.50 12.90 13.26
CA ALA D 458 -25.05 12.99 13.39
C ALA D 458 -24.71 12.83 14.87
N VAL D 459 -23.43 12.59 15.16
CA VAL D 459 -22.96 12.40 16.54
C VAL D 459 -21.79 13.35 16.73
N ILE D 460 -21.93 14.28 17.68
CA ILE D 460 -20.90 15.26 17.97
C ILE D 460 -19.79 14.57 18.75
N LEU D 461 -18.53 14.76 18.33
CA LEU D 461 -17.40 14.15 19.05
C LEU D 461 -16.85 15.17 20.02
N TYR D 462 -16.34 16.29 19.51
CA TYR D 462 -15.70 17.31 20.34
C TYR D 462 -15.43 18.56 19.54
N GLN D 463 -15.12 19.61 20.28
CA GLN D 463 -14.66 20.90 19.78
C GLN D 463 -13.12 20.76 19.72
N PRO D 464 -12.49 20.76 18.51
CA PRO D 464 -11.02 20.58 18.44
C PRO D 464 -10.20 21.72 19.02
N TYR D 465 -8.97 21.39 19.38
CA TYR D 465 -7.98 22.35 19.89
C TYR D 465 -6.98 22.56 18.76
N ASP D 466 -7.04 23.73 18.10
CA ASP D 466 -6.13 24.07 17.02
C ASP D 466 -4.78 24.45 17.59
N VAL D 467 -3.70 24.01 16.92
CA VAL D 467 -2.33 24.31 17.36
C VAL D 467 -1.58 24.93 16.19
N TYR D 468 -0.98 26.09 16.44
CA TYR D 468 -0.10 26.79 15.51
C TYR D 468 1.28 26.75 16.16
N ALA D 469 2.32 27.01 15.39
CA ALA D 469 3.67 27.15 15.93
C ALA D 469 4.28 28.38 15.27
N ALA D 470 5.00 29.15 16.04
CA ALA D 470 5.59 30.39 15.53
C ALA D 470 6.98 30.67 16.14
N ARG D 471 7.71 31.57 15.47
CA ARG D 471 8.97 32.10 15.94
C ARG D 471 8.56 33.02 17.09
N LYS D 472 9.30 32.96 18.20
CA LYS D 472 9.01 33.81 19.36
C LYS D 472 9.11 35.29 19.02
N ASP D 473 9.88 35.64 17.97
CA ASP D 473 10.05 37.04 17.49
C ASP D 473 8.87 37.57 16.62
N VAL D 474 7.84 36.73 16.41
CA VAL D 474 6.66 37.09 15.63
C VAL D 474 5.48 37.06 16.62
N HIS D 475 5.04 38.26 17.07
CA HIS D 475 3.96 38.40 18.04
C HIS D 475 2.62 38.27 17.30
N TRP D 476 1.84 37.25 17.63
CA TRP D 476 0.54 37.00 16.99
C TRP D 476 -0.24 36.02 17.86
N LYS D 477 -1.48 36.38 18.21
CA LYS D 477 -2.32 35.50 19.02
C LYS D 477 -3.40 34.82 18.19
N PRO D 478 -3.59 33.50 18.38
CA PRO D 478 -4.72 32.82 17.70
C PRO D 478 -6.07 33.34 18.24
N VAL D 479 -7.10 33.22 17.41
CA VAL D 479 -8.48 33.52 17.79
C VAL D 479 -9.23 32.17 17.83
N SER D 480 -10.40 32.10 18.50
CA SER D 480 -11.15 30.84 18.60
C SER D 480 -11.97 30.52 17.33
N PHE D 481 -11.37 30.65 16.15
CA PHE D 481 -12.07 30.37 14.89
C PHE D 481 -11.08 29.94 13.85
N GLU D 482 -11.56 29.31 12.79
CA GLU D 482 -10.76 28.85 11.67
C GLU D 482 -10.32 29.99 10.73
N MET D 483 -9.54 30.94 11.30
CA MET D 483 -8.99 32.07 10.55
C MET D 483 -7.84 32.66 11.36
N MET D 484 -7.11 33.63 10.77
CA MET D 484 -6.00 34.29 11.47
C MET D 484 -6.31 35.78 11.39
N GLU D 485 -6.20 36.46 12.54
CA GLU D 485 -6.47 37.89 12.64
C GLU D 485 -5.13 38.59 12.85
N PHE D 486 -4.82 39.61 12.03
CA PHE D 486 -3.58 40.37 12.16
C PHE D 486 -3.82 41.83 12.59
N ARG D 487 -5.08 42.32 12.57
CA ARG D 487 -5.39 43.72 12.98
C ARG D 487 -5.11 43.86 14.48
N ASN D 488 -4.17 44.76 14.85
CA ASN D 488 -3.71 44.95 16.24
C ASN D 488 -3.21 43.64 16.82
N ASN D 489 -2.72 42.73 15.96
CA ASN D 489 -2.30 41.40 16.36
C ASN D 489 -1.21 40.82 15.45
N LEU D 490 -0.19 41.63 15.16
CA LEU D 490 0.96 41.14 14.37
C LEU D 490 2.05 42.16 14.52
N SER D 491 3.15 41.71 15.09
CA SER D 491 4.31 42.57 15.23
C SER D 491 5.57 41.75 15.19
N PHE D 492 6.68 42.37 14.73
CA PHE D 492 7.97 41.67 14.55
C PHE D 492 9.06 42.24 15.40
N GLY D 493 9.78 41.34 16.08
CA GLY D 493 10.91 41.70 16.93
C GLY D 493 12.14 42.07 16.14
S SO4 E . -17.67 -4.06 -15.29
O1 SO4 E . -17.64 -2.66 -15.10
O2 SO4 E . -16.54 -4.49 -16.15
O3 SO4 E . -18.93 -4.51 -15.91
O4 SO4 E . -17.57 -4.67 -13.95
S SO4 F . 28.37 -8.97 -19.67
O1 SO4 F . 29.17 -9.98 -20.34
O2 SO4 F . 29.06 -8.41 -18.52
O3 SO4 F . 28.13 -7.87 -20.61
O4 SO4 F . 27.06 -9.53 -19.30
S SO4 G . 34.11 27.70 -31.20
O1 SO4 G . 35.24 28.12 -32.04
O2 SO4 G . 34.34 28.18 -29.84
O3 SO4 G . 32.88 28.30 -31.72
O4 SO4 G . 34.03 26.23 -31.23
C1 EDO H . 4.77 44.71 -29.90
O1 EDO H . 6.04 44.52 -29.30
C2 EDO H . 5.00 45.01 -31.40
O2 EDO H . 3.85 44.64 -32.13
C1 PEG I . 1.49 6.73 -6.26
O1 PEG I . 0.11 7.11 -6.16
C2 PEG I . 1.71 5.75 -7.38
O2 PEG I . 1.18 6.26 -8.60
C3 PEG I . 2.15 6.82 -9.46
C4 PEG I . 1.62 6.90 -10.86
O4 PEG I . 1.75 5.66 -11.55
C1 GOL J . 11.73 20.70 -35.85
O1 GOL J . 13.03 20.22 -36.16
C2 GOL J . 10.70 20.44 -36.92
O2 GOL J . 10.29 19.07 -36.90
C3 GOL J . 9.52 21.33 -36.62
O3 GOL J . 8.63 21.39 -37.73
C1 EDO K . 6.55 10.95 -17.72
O1 EDO K . 5.97 9.77 -18.27
C2 EDO K . 7.38 11.73 -18.80
O2 EDO K . 8.60 11.09 -19.18
S SO4 L . 44.04 -30.75 26.43
O1 SO4 L . 44.98 -31.54 25.65
O2 SO4 L . 44.71 -29.49 26.82
O3 SO4 L . 43.64 -31.46 27.67
O4 SO4 L . 42.84 -30.54 25.61
C1 EDO M . 26.76 -5.64 19.05
O1 EDO M . 28.06 -5.51 18.50
C2 EDO M . 25.72 -5.10 18.06
O2 EDO M . 24.44 -5.07 18.67
C1 EDO N . 8.49 -21.92 41.72
O1 EDO N . 8.09 -20.92 40.79
C2 EDO N . 7.85 -23.24 41.31
O2 EDO N . 8.53 -23.74 40.17
C1 EDO O . 17.44 -14.57 36.23
O1 EDO O . 17.08 -14.52 37.60
C2 EDO O . 17.25 -15.99 35.70
O2 EDO O . 17.65 -16.08 34.34
S SO4 P . -0.61 -23.38 -30.71
O1 SO4 P . -0.29 -22.31 -31.67
O2 SO4 P . 0.64 -23.86 -30.08
O3 SO4 P . -1.49 -22.79 -29.68
O4 SO4 P . -1.30 -24.48 -31.40
C1 EDO Q . -18.75 -33.88 -13.02
O1 EDO Q . -19.68 -33.31 -12.11
C2 EDO Q . -17.32 -33.83 -12.44
O2 EDO Q . -16.77 -32.52 -12.27
C1 EDO R . -33.88 -46.02 -18.03
O1 EDO R . -35.15 -46.60 -17.91
C2 EDO R . -32.93 -47.19 -18.21
O2 EDO R . -32.54 -47.28 -19.56
S SO4 S . -38.42 48.39 -2.52
O1 SO4 S . -37.34 49.39 -2.38
O2 SO4 S . -37.83 47.09 -2.87
O3 SO4 S . -39.33 48.82 -3.59
O4 SO4 S . -39.15 48.31 -1.26
C1 GOL T . -11.95 44.51 16.22
O1 GOL T . -11.60 45.73 16.86
C2 GOL T . -11.23 44.37 14.89
O2 GOL T . -9.83 44.27 15.09
C3 GOL T . -11.73 43.17 14.12
O3 GOL T . -11.44 43.34 12.75
C1 EDO U . -4.59 45.67 -6.03
O1 EDO U . -4.56 44.31 -5.63
C2 EDO U . -5.79 45.93 -6.97
O2 EDO U . -5.71 47.24 -7.53
#